data_6M5J
# 
_entry.id   6M5J 
# 
_audit_conform.dict_name       mmcif_pdbx.dic 
_audit_conform.dict_version    5.380 
_audit_conform.dict_location   http://mmcif.pdb.org/dictionaries/ascii/mmcif_pdbx.dic 
# 
loop_
_database_2.database_id 
_database_2.database_code 
_database_2.pdbx_database_accession 
_database_2.pdbx_DOI 
PDB   6M5J         pdb_00006m5j 10.2210/pdb6m5j/pdb 
WWPDB D_1300016090 ?            ?                   
# 
_pdbx_database_status.status_code                     REL 
_pdbx_database_status.status_code_sf                  REL 
_pdbx_database_status.status_code_mr                  ? 
_pdbx_database_status.entry_id                        6M5J 
_pdbx_database_status.recvd_initial_deposition_date   2020-03-11 
_pdbx_database_status.SG_entry                        N 
_pdbx_database_status.deposit_site                    PDBJ 
_pdbx_database_status.process_site                    PDBJ 
_pdbx_database_status.status_code_cs                  ? 
_pdbx_database_status.status_code_nmr_data            ? 
_pdbx_database_status.methods_development_category    ? 
_pdbx_database_status.pdb_format_compatible           Y 
# 
loop_
_audit_author.name 
_audit_author.pdbx_ordinal 
_audit_author.identifier_ORCID 
'Hou, M.H.'     1 ? 
'Chien, C.M.'   2 ? 
'Satange, R.B.' 3 ? 
# 
_citation.abstract                  ? 
_citation.abstract_id_CAS           ? 
_citation.book_id_ISBN              ? 
_citation.book_publisher            ? 
_citation.book_publisher_city       ? 
_citation.book_title                ? 
_citation.coordinate_linkage        ? 
_citation.country                   US 
_citation.database_id_Medline       ? 
_citation.details                   ? 
_citation.id                        primary 
_citation.journal_abbrev            J.Am.Chem.Soc. 
_citation.journal_id_ASTM           JACSAT 
_citation.journal_id_CSD            ? 
_citation.journal_id_ISSN           1520-5126 
_citation.journal_full              ? 
_citation.journal_issue             ? 
_citation.journal_volume            142 
_citation.language                  ? 
_citation.page_first                11165 
_citation.page_last                 11172 
_citation.title                     
;Structural Basis for Targeting T:T Mismatch with Triaminotriazine-Acridine Conjugate Induces a U-Shaped Head-to-Head Four-Way Junction in CTG Repeat DNA.
;
_citation.year                      2020 
_citation.database_id_CSD           ? 
_citation.pdbx_database_id_DOI      10.1021/jacs.0c03591 
_citation.pdbx_database_id_PubMed   32478511 
_citation.unpublished_flag          ? 
# 
loop_
_citation_author.citation_id 
_citation_author.name 
_citation_author.ordinal 
_citation_author.identifier_ORCID 
primary 'Chien, C.M.'     1 ?                   
primary 'Wu, P.C.'        2 ?                   
primary 'Satange, R.'     3 ?                   
primary 'Chang, C.C.'     4 0000-0002-0622-019X 
primary 'Lai, Z.L.'       5 ?                   
primary 'Hagler, L.D.'    6 ?                   
primary 'Zimmerman, S.C.' 7 0000-0002-5333-3437 
primary 'Hou, M.H.'       8 ?                   
# 
_cell.angle_alpha                  90.000 
_cell.angle_alpha_esd              ? 
_cell.angle_beta                   121.840 
_cell.angle_beta_esd               ? 
_cell.angle_gamma                  90.000 
_cell.angle_gamma_esd              ? 
_cell.entry_id                     6M5J 
_cell.details                      ? 
_cell.formula_units_Z              ? 
_cell.length_a                     57.630 
_cell.length_a_esd                 ? 
_cell.length_b                     62.086 
_cell.length_b_esd                 ? 
_cell.length_c                     30.747 
_cell.length_c_esd                 ? 
_cell.volume                       ? 
_cell.volume_esd                   ? 
_cell.Z_PDB                        6 
_cell.reciprocal_angle_alpha       ? 
_cell.reciprocal_angle_beta        ? 
_cell.reciprocal_angle_gamma       ? 
_cell.reciprocal_angle_alpha_esd   ? 
_cell.reciprocal_angle_beta_esd    ? 
_cell.reciprocal_angle_gamma_esd   ? 
_cell.reciprocal_length_a          ? 
_cell.reciprocal_length_b          ? 
_cell.reciprocal_length_c          ? 
_cell.reciprocal_length_a_esd      ? 
_cell.reciprocal_length_b_esd      ? 
_cell.reciprocal_length_c_esd      ? 
_cell.pdbx_unique_axis             ? 
# 
_symmetry.entry_id                         6M5J 
_symmetry.cell_setting                     ? 
_symmetry.Int_Tables_number                4 
_symmetry.space_group_name_Hall            ? 
_symmetry.space_group_name_H-M             'P 1 21 1' 
_symmetry.pdbx_full_space_group_name_H-M   ? 
# 
loop_
_entity.id 
_entity.type 
_entity.src_method 
_entity.pdbx_description 
_entity.formula_weight 
_entity.pdbx_number_of_molecules 
_entity.pdbx_ec 
_entity.pdbx_mutation 
_entity.pdbx_fragment 
_entity.details 
1 polymer     syn 
;DNA (5'-D(P*TP*TP*CP*TP*GP*CP*TP*GP*CP*TP*GP*AP*A)-3')
;
3957.583 3   ? ? ? ? 
2 polymer     syn 
;DNA (5'-D(P*TP*TP*CP*TP*GP*CP*AP*GP*CP*TP*GP*AP*A)-3')
;
3966.597 1   ? ? ? ? 
3 non-polymer syn 'COBALT (II) ION'                                                                       58.933   4   ? ? ? ? 
4 non-polymer syn 'N4-[4-[(6-chloranyl-2-methoxy-acridin-9-yl)amino]butyl]-1,3,5-triazine-2,4,6-triamine' 438.913  4   ? ? ? ? 
5 water       nat water                                                                                   18.015   167 ? ? ? ? 
# 
loop_
_entity_poly.entity_id 
_entity_poly.type 
_entity_poly.nstd_linkage 
_entity_poly.nstd_monomer 
_entity_poly.pdbx_seq_one_letter_code 
_entity_poly.pdbx_seq_one_letter_code_can 
_entity_poly.pdbx_strand_id 
_entity_poly.pdbx_target_identifier 
1 polydeoxyribonucleotide no no '(DT)(DT)(DC)(DT)(DG)(DC)(DT)(DG)(DC)(DT)(DG)(DA)(DA)' TTCTGCTGCTGAA A,C,D ? 
2 polydeoxyribonucleotide no no '(DT)(DT)(DC)(DT)(DG)(DC)(DA)(DG)(DC)(DT)(DG)(DA)(DA)' TTCTGCAGCTGAA B     ? 
# 
loop_
_entity_poly_seq.entity_id 
_entity_poly_seq.num 
_entity_poly_seq.mon_id 
_entity_poly_seq.hetero 
1 1  DT n 
1 2  DT n 
1 3  DC n 
1 4  DT n 
1 5  DG n 
1 6  DC n 
1 7  DT n 
1 8  DG n 
1 9  DC n 
1 10 DT n 
1 11 DG n 
1 12 DA n 
1 13 DA n 
2 1  DT n 
2 2  DT n 
2 3  DC n 
2 4  DT n 
2 5  DG n 
2 6  DC n 
2 7  DA n 
2 8  DG n 
2 9  DC n 
2 10 DT n 
2 11 DG n 
2 12 DA n 
2 13 DA n 
# 
loop_
_pdbx_entity_src_syn.entity_id 
_pdbx_entity_src_syn.pdbx_src_id 
_pdbx_entity_src_syn.pdbx_alt_source_flag 
_pdbx_entity_src_syn.pdbx_beg_seq_num 
_pdbx_entity_src_syn.pdbx_end_seq_num 
_pdbx_entity_src_syn.organism_scientific 
_pdbx_entity_src_syn.organism_common_name 
_pdbx_entity_src_syn.ncbi_taxonomy_id 
_pdbx_entity_src_syn.details 
1 1 sample 1 13 'synthetic construct' ? 32630 ? 
2 1 sample 1 13 'synthetic construct' ? 32630 ? 
# 
loop_
_struct_ref.id 
_struct_ref.db_name 
_struct_ref.db_code 
_struct_ref.pdbx_db_accession 
_struct_ref.pdbx_db_isoform 
_struct_ref.entity_id 
_struct_ref.pdbx_seq_one_letter_code 
_struct_ref.pdbx_align_begin 
1 PDB 6M5J 6M5J ? 1 ? 1 
2 PDB 6M5J 6M5J ? 2 ? 1 
# 
loop_
_struct_ref_seq.align_id 
_struct_ref_seq.ref_id 
_struct_ref_seq.pdbx_PDB_id_code 
_struct_ref_seq.pdbx_strand_id 
_struct_ref_seq.seq_align_beg 
_struct_ref_seq.pdbx_seq_align_beg_ins_code 
_struct_ref_seq.seq_align_end 
_struct_ref_seq.pdbx_seq_align_end_ins_code 
_struct_ref_seq.pdbx_db_accession 
_struct_ref_seq.db_align_beg 
_struct_ref_seq.pdbx_db_align_beg_ins_code 
_struct_ref_seq.db_align_end 
_struct_ref_seq.pdbx_db_align_end_ins_code 
_struct_ref_seq.pdbx_auth_seq_align_beg 
_struct_ref_seq.pdbx_auth_seq_align_end 
1 1 6M5J A 1 ? 13 ? 6M5J 1 ? 13 ? 1 13 
2 2 6M5J B 1 ? 13 ? 6M5J 1 ? 13 ? 1 13 
3 1 6M5J C 1 ? 13 ? 6M5J 1 ? 13 ? 1 13 
4 1 6M5J D 1 ? 13 ? 6M5J 1 ? 13 ? 1 13 
# 
loop_
_chem_comp.id 
_chem_comp.type 
_chem_comp.mon_nstd_flag 
_chem_comp.name 
_chem_comp.pdbx_synonyms 
_chem_comp.formula 
_chem_comp.formula_weight 
CO  non-polymer   . 'COBALT (II) ION'                                                                       ? 'Co 2'            
58.933  
DA  'DNA linking' y "2'-DEOXYADENOSINE-5'-MONOPHOSPHATE"                                                    ? 'C10 H14 N5 O6 P' 
331.222 
DC  'DNA linking' y "2'-DEOXYCYTIDINE-5'-MONOPHOSPHATE"                                                     ? 'C9 H14 N3 O7 P'  
307.197 
DG  'DNA linking' y "2'-DEOXYGUANOSINE-5'-MONOPHOSPHATE"                                                    ? 'C10 H14 N5 O7 P' 
347.221 
DT  'DNA linking' y "THYMIDINE-5'-MONOPHOSPHATE"                                                            ? 'C10 H15 N2 O8 P' 
322.208 
F1R non-polymer   . 'N4-[4-[(6-chloranyl-2-methoxy-acridin-9-yl)amino]butyl]-1,3,5-triazine-2,4,6-triamine' ? 'C21 H23 Cl N8 O' 
438.913 
HOH non-polymer   . WATER                                                                                   ? 'H2 O'            
18.015  
# 
_exptl.absorpt_coefficient_mu     ? 
_exptl.absorpt_correction_T_max   ? 
_exptl.absorpt_correction_T_min   ? 
_exptl.absorpt_correction_type    ? 
_exptl.absorpt_process_details    ? 
_exptl.entry_id                   6M5J 
_exptl.crystals_number            1 
_exptl.details                    ? 
_exptl.method                     'X-RAY DIFFRACTION' 
_exptl.method_details             ? 
# 
_exptl_crystal.colour                      ? 
_exptl_crystal.density_diffrn              ? 
_exptl_crystal.density_Matthews            2.95 
_exptl_crystal.density_method              ? 
_exptl_crystal.density_percent_sol         58.31 
_exptl_crystal.description                 ? 
_exptl_crystal.F_000                       ? 
_exptl_crystal.id                          1 
_exptl_crystal.preparation                 ? 
_exptl_crystal.size_max                    ? 
_exptl_crystal.size_mid                    ? 
_exptl_crystal.size_min                    ? 
_exptl_crystal.size_rad                    ? 
_exptl_crystal.colour_lustre               ? 
_exptl_crystal.colour_modifier             ? 
_exptl_crystal.colour_primary              ? 
_exptl_crystal.density_meas                ? 
_exptl_crystal.density_meas_esd            ? 
_exptl_crystal.density_meas_gt             ? 
_exptl_crystal.density_meas_lt             ? 
_exptl_crystal.density_meas_temp           ? 
_exptl_crystal.density_meas_temp_esd       ? 
_exptl_crystal.density_meas_temp_gt        ? 
_exptl_crystal.density_meas_temp_lt        ? 
_exptl_crystal.pdbx_crystal_image_url      ? 
_exptl_crystal.pdbx_crystal_image_format   ? 
_exptl_crystal.pdbx_mosaicity              ? 
_exptl_crystal.pdbx_mosaicity_esd          ? 
# 
_exptl_crystal_grow.apparatus       ? 
_exptl_crystal_grow.atmosphere      ? 
_exptl_crystal_grow.crystal_id      1 
_exptl_crystal_grow.details         ? 
_exptl_crystal_grow.method          'VAPOR DIFFUSION, SITTING DROP' 
_exptl_crystal_grow.method_ref      ? 
_exptl_crystal_grow.pH              ? 
_exptl_crystal_grow.pressure        ? 
_exptl_crystal_grow.pressure_esd    ? 
_exptl_crystal_grow.seeding         ? 
_exptl_crystal_grow.seeding_ref     ? 
_exptl_crystal_grow.temp            298 
_exptl_crystal_grow.temp_details    ? 
_exptl_crystal_grow.temp_esd        ? 
_exptl_crystal_grow.time            ? 
_exptl_crystal_grow.pdbx_details    'MES (pH=6.5) 50 mM, KCl 200 mM, MPD 35%, CoCl2 10 mM' 
_exptl_crystal_grow.pdbx_pH_range   ? 
# 
_diffrn.ambient_environment              ? 
_diffrn.ambient_temp                     100 
_diffrn.ambient_temp_details             ? 
_diffrn.ambient_temp_esd                 ? 
_diffrn.crystal_id                       1 
_diffrn.crystal_support                  ? 
_diffrn.crystal_treatment                ? 
_diffrn.details                          ? 
_diffrn.id                               1 
_diffrn.ambient_pressure                 ? 
_diffrn.ambient_pressure_esd             ? 
_diffrn.ambient_pressure_gt              ? 
_diffrn.ambient_pressure_lt              ? 
_diffrn.ambient_temp_gt                  ? 
_diffrn.ambient_temp_lt                  ? 
_diffrn.pdbx_serial_crystal_experiment   N 
# 
_diffrn_detector.details                      ? 
_diffrn_detector.detector                     CCD 
_diffrn_detector.diffrn_id                    1 
_diffrn_detector.type                         'RAYONIX MX300HE' 
_diffrn_detector.area_resol_mean              ? 
_diffrn_detector.dtime                        ? 
_diffrn_detector.pdbx_frames_total            ? 
_diffrn_detector.pdbx_collection_time_total   ? 
_diffrn_detector.pdbx_collection_date         2018-10-26 
_diffrn_detector.pdbx_frequency               ? 
# 
_diffrn_radiation.collimation                      ? 
_diffrn_radiation.diffrn_id                        1 
_diffrn_radiation.filter_edge                      ? 
_diffrn_radiation.inhomogeneity                    ? 
_diffrn_radiation.monochromator                    ? 
_diffrn_radiation.polarisn_norm                    ? 
_diffrn_radiation.polarisn_ratio                   ? 
_diffrn_radiation.probe                            ? 
_diffrn_radiation.type                             ? 
_diffrn_radiation.xray_symbol                      ? 
_diffrn_radiation.wavelength_id                    1 
_diffrn_radiation.pdbx_monochromatic_or_laue_m_l   M 
_diffrn_radiation.pdbx_wavelength_list             ? 
_diffrn_radiation.pdbx_wavelength                  ? 
_diffrn_radiation.pdbx_diffrn_protocol             'SINGLE WAVELENGTH' 
_diffrn_radiation.pdbx_analyzer                    ? 
_diffrn_radiation.pdbx_scattering_type             x-ray 
# 
_diffrn_radiation_wavelength.id           1 
_diffrn_radiation_wavelength.wavelength   0.99984 
_diffrn_radiation_wavelength.wt           1.0 
# 
_diffrn_source.current                     ? 
_diffrn_source.details                     ? 
_diffrn_source.diffrn_id                   1 
_diffrn_source.power                       ? 
_diffrn_source.size                        ? 
_diffrn_source.source                      SYNCHROTRON 
_diffrn_source.target                      ? 
_diffrn_source.type                        'NSRRC BEAMLINE BL15A1' 
_diffrn_source.voltage                     ? 
_diffrn_source.take-off_angle              ? 
_diffrn_source.pdbx_wavelength_list        0.99984 
_diffrn_source.pdbx_wavelength             ? 
_diffrn_source.pdbx_synchrotron_beamline   BL15A1 
_diffrn_source.pdbx_synchrotron_site       NSRRC 
# 
_reflns.B_iso_Wilson_estimate            ? 
_reflns.entry_id                         6M5J 
_reflns.data_reduction_details           ? 
_reflns.data_reduction_method            ? 
_reflns.d_resolution_high                1.640 
_reflns.d_resolution_low                 30.000 
_reflns.details                          ? 
_reflns.limit_h_max                      ? 
_reflns.limit_h_min                      ? 
_reflns.limit_k_max                      ? 
_reflns.limit_k_min                      ? 
_reflns.limit_l_max                      ? 
_reflns.limit_l_min                      ? 
_reflns.number_all                       ? 
_reflns.number_obs                       11117 
_reflns.observed_criterion               ? 
_reflns.observed_criterion_F_max         ? 
_reflns.observed_criterion_F_min         ? 
_reflns.observed_criterion_I_max         ? 
_reflns.observed_criterion_I_min         ? 
_reflns.observed_criterion_sigma_F       ? 
_reflns.observed_criterion_sigma_I       ? 
_reflns.percent_possible_obs             97.800 
_reflns.R_free_details                   ? 
_reflns.Rmerge_F_all                     ? 
_reflns.Rmerge_F_obs                     ? 
_reflns.Friedel_coverage                 ? 
_reflns.number_gt                        ? 
_reflns.threshold_expression             ? 
_reflns.pdbx_redundancy                  3.400 
_reflns.pdbx_Rmerge_I_obs                0.045 
_reflns.pdbx_Rmerge_I_all                ? 
_reflns.pdbx_Rsym_value                  ? 
_reflns.pdbx_netI_over_av_sigmaI         ? 
_reflns.pdbx_netI_over_sigmaI            21.800 
_reflns.pdbx_res_netI_over_av_sigmaI_2   ? 
_reflns.pdbx_res_netI_over_sigmaI_2      ? 
_reflns.pdbx_chi_squared                 1.027 
_reflns.pdbx_scaling_rejects             ? 
_reflns.pdbx_d_res_high_opt              ? 
_reflns.pdbx_d_res_low_opt               ? 
_reflns.pdbx_d_res_opt_method            ? 
_reflns.phase_calculation_details        ? 
_reflns.pdbx_Rrim_I_all                  0.053 
_reflns.pdbx_Rpim_I_all                  0.028 
_reflns.pdbx_d_opt                       ? 
_reflns.pdbx_number_measured_all         37937 
_reflns.pdbx_diffrn_id                   1 
_reflns.pdbx_ordinal                     1 
_reflns.pdbx_CC_half                     ? 
_reflns.pdbx_CC_star                     ? 
_reflns.pdbx_R_split                     ? 
# 
loop_
_reflns_shell.d_res_high 
_reflns_shell.d_res_low 
_reflns_shell.meanI_over_sigI_all 
_reflns_shell.meanI_over_sigI_obs 
_reflns_shell.number_measured_all 
_reflns_shell.number_measured_obs 
_reflns_shell.number_possible 
_reflns_shell.number_unique_all 
_reflns_shell.number_unique_obs 
_reflns_shell.percent_possible_all 
_reflns_shell.percent_possible_obs 
_reflns_shell.Rmerge_F_all 
_reflns_shell.Rmerge_F_obs 
_reflns_shell.Rmerge_I_all 
_reflns_shell.Rmerge_I_obs 
_reflns_shell.meanI_over_sigI_gt 
_reflns_shell.meanI_over_uI_all 
_reflns_shell.meanI_over_uI_gt 
_reflns_shell.number_measured_gt 
_reflns_shell.number_unique_gt 
_reflns_shell.percent_possible_gt 
_reflns_shell.Rmerge_F_gt 
_reflns_shell.Rmerge_I_gt 
_reflns_shell.pdbx_redundancy 
_reflns_shell.pdbx_Rsym_value 
_reflns_shell.pdbx_chi_squared 
_reflns_shell.pdbx_netI_over_sigmaI_all 
_reflns_shell.pdbx_netI_over_sigmaI_obs 
_reflns_shell.pdbx_Rrim_I_all 
_reflns_shell.pdbx_Rpim_I_all 
_reflns_shell.pdbx_rejects 
_reflns_shell.pdbx_ordinal 
_reflns_shell.pdbx_diffrn_id 
_reflns_shell.pdbx_CC_half 
_reflns_shell.pdbx_CC_star 
_reflns_shell.pdbx_R_split 
1.640 1.700  ? ? ? ? ? ? 1038 91.900  ? ? ? ? 0.230 ? ? ? ? ? ? ? ? 2.800 ? 1.046 ? ? 0.279 0.156 ? 1  1 0.943 ? ? 
1.700 1.770  ? ? ? ? ? ? 1060 94.200  ? ? ? ? 0.208 ? ? ? ? ? ? ? ? 2.900 ? 1.023 ? ? 0.253 0.142 ? 2  1 0.944 ? ? 
1.770 1.850  ? ? ? ? ? ? 1109 98.300  ? ? ? ? 0.167 ? ? ? ? ? ? ? ? 3.100 ? 1.017 ? ? 0.203 0.112 ? 3  1 0.974 ? ? 
1.850 1.940  ? ? ? ? ? ? 1110 99.600  ? ? ? ? 0.165 ? ? ? ? ? ? ? ? 3.400 ? 1.029 ? ? 0.198 0.108 ? 4  1 0.974 ? ? 
1.940 2.070  ? ? ? ? ? ? 1114 100.000 ? ? ? ? 0.130 ? ? ? ? ? ? ? ? 3.600 ? 1.014 ? ? 0.153 0.080 ? 5  1 0.987 ? ? 
2.070 2.230  ? ? ? ? ? ? 1162 100.000 ? ? ? ? 0.103 ? ? ? ? ? ? ? ? 3.700 ? 1.007 ? ? 0.121 0.063 ? 6  1 0.993 ? ? 
2.230 2.450  ? ? ? ? ? ? 1100 99.800  ? ? ? ? 0.078 ? ? ? ? ? ? ? ? 3.700 ? 1.055 ? ? 0.092 0.048 ? 7  1 0.997 ? ? 
2.450 2.800  ? ? ? ? ? ? 1143 99.400  ? ? ? ? 0.051 ? ? ? ? ? ? ? ? 3.700 ? 1.042 ? ? 0.060 0.031 ? 8  1 0.997 ? ? 
2.800 3.530  ? ? ? ? ? ? 1155 99.000  ? ? ? ? 0.031 ? ? ? ? ? ? ? ? 3.600 ? 1.035 ? ? 0.037 0.019 ? 9  1 0.999 ? ? 
3.530 30.000 ? ? ? ? ? ? 1126 95.800  ? ? ? ? 0.029 ? ? ? ? ? ? ? ? 3.500 ? 1.009 ? ? 0.034 0.018 ? 10 1 0.998 ? ? 
# 
_refine.aniso_B[1][1]                            ? 
_refine.aniso_B[1][2]                            ? 
_refine.aniso_B[1][3]                            ? 
_refine.aniso_B[2][2]                            ? 
_refine.aniso_B[2][3]                            ? 
_refine.aniso_B[3][3]                            ? 
_refine.B_iso_max                                56.140 
_refine.B_iso_mean                               29.3128 
_refine.B_iso_min                                17.610 
_refine.correlation_coeff_Fo_to_Fc               ? 
_refine.correlation_coeff_Fo_to_Fc_free          ? 
_refine.details                                  ? 
_refine.diff_density_max                         ? 
_refine.diff_density_max_esd                     ? 
_refine.diff_density_min                         ? 
_refine.diff_density_min_esd                     ? 
_refine.diff_density_rms                         ? 
_refine.diff_density_rms_esd                     ? 
_refine.entry_id                                 6M5J 
_refine.pdbx_refine_id                           'X-RAY DIFFRACTION' 
_refine.ls_abs_structure_details                 ? 
_refine.ls_abs_structure_Flack                   ? 
_refine.ls_abs_structure_Flack_esd               ? 
_refine.ls_abs_structure_Rogers                  ? 
_refine.ls_abs_structure_Rogers_esd              ? 
_refine.ls_d_res_high                            1.6500 
_refine.ls_d_res_low                             19.2210 
_refine.ls_extinction_coef                       ? 
_refine.ls_extinction_coef_esd                   ? 
_refine.ls_extinction_expression                 ? 
_refine.ls_extinction_method                     ? 
_refine.ls_goodness_of_fit_all                   ? 
_refine.ls_goodness_of_fit_all_esd               ? 
_refine.ls_goodness_of_fit_obs                   ? 
_refine.ls_goodness_of_fit_obs_esd               ? 
_refine.ls_hydrogen_treatment                    ? 
_refine.ls_matrix_type                           ? 
_refine.ls_number_constraints                    ? 
_refine.ls_number_parameters                     ? 
_refine.ls_number_reflns_all                     ? 
_refine.ls_number_reflns_obs                     10816 
_refine.ls_number_reflns_R_free                  522 
_refine.ls_number_reflns_R_work                  ? 
_refine.ls_number_restraints                     ? 
_refine.ls_percent_reflns_obs                    50 
_refine.ls_percent_reflns_R_free                 4.8300 
_refine.ls_R_factor_all                          ? 
_refine.ls_R_factor_obs                          0.1876 
_refine.ls_R_factor_R_free                       0.2077 
_refine.ls_R_factor_R_free_error                 ? 
_refine.ls_R_factor_R_free_error_details         ? 
_refine.ls_R_factor_R_work                       0.1867 
_refine.ls_R_Fsqd_factor_obs                     ? 
_refine.ls_R_I_factor_obs                        ? 
_refine.ls_redundancy_reflns_all                 ? 
_refine.ls_redundancy_reflns_obs                 ? 
_refine.ls_restrained_S_all                      ? 
_refine.ls_restrained_S_obs                      ? 
_refine.ls_shift_over_esd_max                    ? 
_refine.ls_shift_over_esd_mean                   ? 
_refine.ls_structure_factor_coef                 ? 
_refine.ls_weighting_details                     ? 
_refine.ls_weighting_scheme                      ? 
_refine.ls_wR_factor_all                         ? 
_refine.ls_wR_factor_obs                         ? 
_refine.ls_wR_factor_R_free                      ? 
_refine.ls_wR_factor_R_work                      ? 
_refine.occupancy_max                            ? 
_refine.occupancy_min                            ? 
_refine.solvent_model_details                    ? 
_refine.solvent_model_param_bsol                 ? 
_refine.solvent_model_param_ksol                 ? 
_refine.pdbx_R_complete                          ? 
_refine.ls_R_factor_gt                           ? 
_refine.ls_goodness_of_fit_gt                    ? 
_refine.ls_goodness_of_fit_ref                   ? 
_refine.ls_shift_over_su_max                     ? 
_refine.ls_shift_over_su_max_lt                  ? 
_refine.ls_shift_over_su_mean                    ? 
_refine.ls_shift_over_su_mean_lt                 ? 
_refine.pdbx_ls_sigma_I                          ? 
_refine.pdbx_ls_sigma_F                          1.340 
_refine.pdbx_ls_sigma_Fsqd                       ? 
_refine.pdbx_data_cutoff_high_absF               ? 
_refine.pdbx_data_cutoff_high_rms_absF           ? 
_refine.pdbx_data_cutoff_low_absF                ? 
_refine.pdbx_isotropic_thermal_model             ? 
_refine.pdbx_ls_cross_valid_method               THROUGHOUT 
_refine.pdbx_method_to_determine_struct          'MOLECULAR REPLACEMENT' 
_refine.pdbx_starting_model                      6M4T 
_refine.pdbx_stereochemistry_target_values       ? 
_refine.pdbx_R_Free_selection_details            ? 
_refine.pdbx_stereochem_target_val_spec_case     ? 
_refine.pdbx_overall_ESU_R                       ? 
_refine.pdbx_overall_ESU_R_Free                  ? 
_refine.pdbx_solvent_vdw_probe_radii             1.1100 
_refine.pdbx_solvent_ion_probe_radii             ? 
_refine.pdbx_solvent_shrinkage_radii             0.9000 
_refine.pdbx_real_space_R                        ? 
_refine.pdbx_density_correlation                 ? 
_refine.pdbx_pd_number_of_powder_patterns        ? 
_refine.pdbx_pd_number_of_points                 ? 
_refine.pdbx_pd_meas_number_of_points            ? 
_refine.pdbx_pd_proc_ls_prof_R_factor            ? 
_refine.pdbx_pd_proc_ls_prof_wR_factor           ? 
_refine.pdbx_pd_Marquardt_correlation_coeff      ? 
_refine.pdbx_pd_Fsqrd_R_factor                   ? 
_refine.pdbx_pd_ls_matrix_band_width             ? 
_refine.pdbx_overall_phase_error                 26.9200 
_refine.pdbx_overall_SU_R_free_Cruickshank_DPI   ? 
_refine.pdbx_overall_SU_R_free_Blow_DPI          ? 
_refine.pdbx_overall_SU_R_Blow_DPI               ? 
_refine.pdbx_TLS_residual_ADP_flag               ? 
_refine.pdbx_diffrn_id                           1 
_refine.overall_SU_B                             ? 
_refine.overall_SU_ML                            0.1200 
_refine.overall_SU_R_Cruickshank_DPI             ? 
_refine.overall_SU_R_free                        ? 
_refine.overall_FOM_free_R_set                   ? 
_refine.overall_FOM_work_R_set                   ? 
_refine.pdbx_average_fsc_overall                 ? 
_refine.pdbx_average_fsc_work                    ? 
_refine.pdbx_average_fsc_free                    ? 
# 
_refine_hist.pdbx_refine_id                   'X-RAY DIFFRACTION' 
_refine_hist.cycle_id                         final 
_refine_hist.details                          ? 
_refine_hist.d_res_high                       1.6500 
_refine_hist.d_res_low                        19.2210 
_refine_hist.number_atoms_solvent             167 
_refine_hist.number_atoms_total               1356 
_refine_hist.number_reflns_all                ? 
_refine_hist.number_reflns_obs                ? 
_refine_hist.number_reflns_R_free             ? 
_refine_hist.number_reflns_R_work             ? 
_refine_hist.R_factor_all                     ? 
_refine_hist.R_factor_obs                     ? 
_refine_hist.R_factor_R_free                  ? 
_refine_hist.R_factor_R_work                  ? 
_refine_hist.pdbx_number_residues_total       51 
_refine_hist.pdbx_B_iso_mean_ligand           26.21 
_refine_hist.pdbx_B_iso_mean_solvent          29.48 
_refine_hist.pdbx_number_atoms_protein        0 
_refine_hist.pdbx_number_atoms_nucleic_acid   1061 
_refine_hist.pdbx_number_atoms_ligand         128 
_refine_hist.pdbx_number_atoms_lipid          ? 
_refine_hist.pdbx_number_atoms_carb           ? 
_refine_hist.pdbx_pseudo_atom_details         ? 
# 
loop_
_refine_ls_shell.pdbx_refine_id 
_refine_ls_shell.d_res_high 
_refine_ls_shell.d_res_low 
_refine_ls_shell.number_reflns_all 
_refine_ls_shell.number_reflns_obs 
_refine_ls_shell.number_reflns_R_free 
_refine_ls_shell.number_reflns_R_work 
_refine_ls_shell.percent_reflns_obs 
_refine_ls_shell.percent_reflns_R_free 
_refine_ls_shell.R_factor_all 
_refine_ls_shell.R_factor_obs 
_refine_ls_shell.R_factor_R_free 
_refine_ls_shell.R_factor_R_free_error 
_refine_ls_shell.R_factor_R_work 
_refine_ls_shell.redundancy_reflns_all 
_refine_ls_shell.redundancy_reflns_obs 
_refine_ls_shell.wR_factor_all 
_refine_ls_shell.wR_factor_obs 
_refine_ls_shell.wR_factor_R_free 
_refine_ls_shell.wR_factor_R_work 
_refine_ls_shell.pdbx_R_complete 
_refine_ls_shell.pdbx_total_number_of_bins_used 
_refine_ls_shell.pdbx_phase_error 
_refine_ls_shell.pdbx_fsc_work 
_refine_ls_shell.pdbx_fsc_free 
'X-RAY DIFFRACTION' 1.6503 1.8163  . . 149 2454 47.0000 . . . 0.2276 0.0000 0.1939 . . . . . . . . . . . 
'X-RAY DIFFRACTION' 1.8163 2.0788  . . 127 2601 50.0000 . . . 0.2083 0.0000 0.1933 . . . . . . . . . . . 
'X-RAY DIFFRACTION' 2.0788 2.6180  . . 119 2648 50.0000 . . . 0.2737 0.0000 0.2210 . . . . . . . . . . . 
'X-RAY DIFFRACTION' 2.6180 19.2210 . . 127 2591 48.0000 . . . 0.1824 0.0000 0.1720 . . . . . . . . . . . 
# 
_struct.entry_id                     6M5J 
_struct.title                        'U shaped head to head four-way junction in d(TTCTGCTGCTGAA/TTCTGCAGCTGAA) sequence' 
_struct.pdbx_model_details           ? 
_struct.pdbx_formula_weight          ? 
_struct.pdbx_formula_weight_method   ? 
_struct.pdbx_model_type_details      ? 
_struct.pdbx_CASP_flag               N 
# 
_struct_keywords.entry_id        6M5J 
_struct_keywords.text            'T:T mismatch, CTG repeat, four-way junction, triaminotriazine-acridine conjugate, DNA' 
_struct_keywords.pdbx_keywords   DNA 
# 
loop_
_struct_asym.id 
_struct_asym.pdbx_blank_PDB_chainid_flag 
_struct_asym.pdbx_modified 
_struct_asym.entity_id 
_struct_asym.details 
A N N 1 ? 
B N N 2 ? 
C N N 1 ? 
D N N 1 ? 
E N N 3 ? 
F N N 3 ? 
G N N 4 ? 
H N N 3 ? 
I N N 3 ? 
J N N 4 ? 
K N N 4 ? 
L N N 4 ? 
M N N 5 ? 
N N N 5 ? 
O N N 5 ? 
P N N 5 ? 
# 
loop_
_struct_conn.id 
_struct_conn.conn_type_id 
_struct_conn.pdbx_leaving_atom_flag 
_struct_conn.pdbx_PDB_id 
_struct_conn.ptnr1_label_asym_id 
_struct_conn.ptnr1_label_comp_id 
_struct_conn.ptnr1_label_seq_id 
_struct_conn.ptnr1_label_atom_id 
_struct_conn.pdbx_ptnr1_label_alt_id 
_struct_conn.pdbx_ptnr1_PDB_ins_code 
_struct_conn.pdbx_ptnr1_standard_comp_id 
_struct_conn.ptnr1_symmetry 
_struct_conn.ptnr2_label_asym_id 
_struct_conn.ptnr2_label_comp_id 
_struct_conn.ptnr2_label_seq_id 
_struct_conn.ptnr2_label_atom_id 
_struct_conn.pdbx_ptnr2_label_alt_id 
_struct_conn.pdbx_ptnr2_PDB_ins_code 
_struct_conn.ptnr1_auth_asym_id 
_struct_conn.ptnr1_auth_comp_id 
_struct_conn.ptnr1_auth_seq_id 
_struct_conn.ptnr2_auth_asym_id 
_struct_conn.ptnr2_auth_comp_id 
_struct_conn.ptnr2_auth_seq_id 
_struct_conn.ptnr2_symmetry 
_struct_conn.pdbx_ptnr3_label_atom_id 
_struct_conn.pdbx_ptnr3_label_seq_id 
_struct_conn.pdbx_ptnr3_label_comp_id 
_struct_conn.pdbx_ptnr3_label_asym_id 
_struct_conn.pdbx_ptnr3_label_alt_id 
_struct_conn.pdbx_ptnr3_PDB_ins_code 
_struct_conn.details 
_struct_conn.pdbx_dist_value 
_struct_conn.pdbx_value_order 
_struct_conn.pdbx_role 
metalc1  metalc ? ? A DG 5  N7 ? ? ? 1_555 E CO .  CO ? ? A DG 5   A CO 101 1_555 ? ? ? ? ? ? ?            2.335 ? ? 
metalc2  metalc ? ? A DG 8  N7 ? ? ? 1_555 F CO .  CO ? ? A DG 8   A CO 102 1_555 ? ? ? ? ? ? ?            2.154 ? ? 
metalc3  metalc ? ? E CO .  CO ? ? ? 1_555 D DG 8  N7 ? ? A CO 101 D DG 8   1_555 ? ? ? ? ? ? ?            2.282 ? ? 
metalc4  metalc ? ? F CO .  CO ? ? ? 1_555 D DG 5  N7 ? ? A CO 102 D DG 5   1_555 ? ? ? ? ? ? ?            2.137 ? ? 
metalc5  metalc ? ? B DG 5  N7 ? ? ? 1_555 H CO .  CO ? ? B DG 5   B CO 101 1_555 ? ? ? ? ? ? ?            2.367 ? ? 
metalc6  metalc ? ? B DG 8  N7 ? ? ? 1_555 I CO .  CO ? ? B DG 8   B CO 102 1_555 ? ? ? ? ? ? ?            2.276 ? ? 
metalc7  metalc ? ? H CO .  CO ? ? ? 1_555 C DG 8  N7 ? ? B CO 101 C DG 8   1_555 ? ? ? ? ? ? ?            2.167 ? ? 
metalc8  metalc ? ? I CO .  CO ? ? ? 1_555 C DG 5  N7 ? ? B CO 102 C DG 5   1_555 ? ? ? ? ? ? ?            2.342 ? ? 
hydrog1  hydrog ? ? A DT 1  N3 ? ? ? 1_555 C DA 13 N1 ? ? A DT 1   C DA 13  1_555 ? ? ? ? ? ? WATSON-CRICK ?     ? ? 
hydrog2  hydrog ? ? A DT 1  O4 ? ? ? 1_555 C DA 13 N6 ? ? A DT 1   C DA 13  1_555 ? ? ? ? ? ? WATSON-CRICK ?     ? ? 
hydrog3  hydrog ? ? A DT 2  N3 ? ? ? 1_555 C DA 12 N1 ? ? A DT 2   C DA 12  1_555 ? ? ? ? ? ? WATSON-CRICK ?     ? ? 
hydrog4  hydrog ? ? A DT 2  O4 ? ? ? 1_555 C DA 12 N6 ? ? A DT 2   C DA 12  1_555 ? ? ? ? ? ? WATSON-CRICK ?     ? ? 
hydrog5  hydrog ? ? A DC 3  N3 ? ? ? 1_555 C DG 11 N1 ? ? A DC 3   C DG 11  1_555 ? ? ? ? ? ? WATSON-CRICK ?     ? ? 
hydrog6  hydrog ? ? A DC 3  N4 ? ? ? 1_555 C DG 11 O6 ? ? A DC 3   C DG 11  1_555 ? ? ? ? ? ? WATSON-CRICK ?     ? ? 
hydrog7  hydrog ? ? A DC 3  O2 ? ? ? 1_555 C DG 11 N2 ? ? A DC 3   C DG 11  1_555 ? ? ? ? ? ? WATSON-CRICK ?     ? ? 
hydrog8  hydrog ? ? A DG 5  N1 ? ? ? 1_555 B DC 6  N3 ? ? A DG 5   B DC 6   1_555 ? ? ? ? ? ? WATSON-CRICK ?     ? ? 
hydrog9  hydrog ? ? A DG 5  N2 ? ? ? 1_555 B DC 6  O2 ? ? A DG 5   B DC 6   1_555 ? ? ? ? ? ? WATSON-CRICK ?     ? ? 
hydrog10 hydrog ? ? A DG 5  O6 ? ? ? 1_555 B DC 6  N4 ? ? A DG 5   B DC 6   1_555 ? ? ? ? ? ? WATSON-CRICK ?     ? ? 
hydrog11 hydrog ? ? A DG 5  N2 ? ? ? 1_555 D DC 6  O2 ? ? A DG 5   D DC 6   1_555 ? ? ? ? ? ? 'DG-DC PAIR' ?     ? ? 
hydrog12 hydrog ? ? A DC 6  N3 ? ? ? 1_555 B DG 5  N1 ? ? A DC 6   B DG 5   1_555 ? ? ? ? ? ? WATSON-CRICK ?     ? ? 
hydrog13 hydrog ? ? A DC 6  N4 ? ? ? 1_555 B DG 5  O6 ? ? A DC 6   B DG 5   1_555 ? ? ? ? ? ? WATSON-CRICK ?     ? ? 
hydrog14 hydrog ? ? A DC 6  O2 ? ? ? 1_555 B DG 5  N2 ? ? A DC 6   B DG 5   1_555 ? ? ? ? ? ? WATSON-CRICK ?     ? ? 
hydrog15 hydrog ? ? A DC 6  O2 ? ? ? 1_555 D DG 5  N2 ? ? A DC 6   D DG 5   1_555 ? ? ? ? ? ? 'DC-DG PAIR' ?     ? ? 
hydrog16 hydrog ? ? A DG 8  N1 ? ? ? 1_555 B DC 9  N3 ? ? A DG 8   B DC 9   1_555 ? ? ? ? ? ? WATSON-CRICK ?     ? ? 
hydrog17 hydrog ? ? A DG 8  N2 ? ? ? 1_555 B DC 9  O2 ? ? A DG 8   B DC 9   1_555 ? ? ? ? ? ? WATSON-CRICK ?     ? ? 
hydrog18 hydrog ? ? A DG 8  O6 ? ? ? 1_555 B DC 9  N4 ? ? A DG 8   B DC 9   1_555 ? ? ? ? ? ? WATSON-CRICK ?     ? ? 
hydrog19 hydrog ? ? A DC 9  N3 ? ? ? 1_555 B DG 8  N1 ? ? A DC 9   B DG 8   1_555 ? ? ? ? ? ? WATSON-CRICK ?     ? ? 
hydrog20 hydrog ? ? A DC 9  N4 ? ? ? 1_555 B DG 8  O6 ? ? A DC 9   B DG 8   1_555 ? ? ? ? ? ? WATSON-CRICK ?     ? ? 
hydrog21 hydrog ? ? A DC 9  O2 ? ? ? 1_555 B DG 8  N2 ? ? A DC 9   B DG 8   1_555 ? ? ? ? ? ? WATSON-CRICK ?     ? ? 
hydrog22 hydrog ? ? A DG 11 N1 ? ? ? 1_555 C DC 3  N3 ? ? A DG 11  C DC 3   1_555 ? ? ? ? ? ? WATSON-CRICK ?     ? ? 
hydrog23 hydrog ? ? A DG 11 N2 ? ? ? 1_555 C DC 3  O2 ? ? A DG 11  C DC 3   1_555 ? ? ? ? ? ? WATSON-CRICK ?     ? ? 
hydrog24 hydrog ? ? A DG 11 O6 ? ? ? 1_555 C DC 3  N4 ? ? A DG 11  C DC 3   1_555 ? ? ? ? ? ? WATSON-CRICK ?     ? ? 
hydrog25 hydrog ? ? A DA 12 N1 ? ? ? 1_555 C DT 2  N3 ? ? A DA 12  C DT 2   1_555 ? ? ? ? ? ? WATSON-CRICK ?     ? ? 
hydrog26 hydrog ? ? A DA 12 N6 ? ? ? 1_555 C DT 2  O4 ? ? A DA 12  C DT 2   1_555 ? ? ? ? ? ? WATSON-CRICK ?     ? ? 
hydrog27 hydrog ? ? A DA 13 N1 ? ? ? 1_555 C DT 1  N3 ? ? A DA 13  C DT 1   1_555 ? ? ? ? ? ? WATSON-CRICK ?     ? ? 
hydrog28 hydrog ? ? A DA 13 N6 ? ? ? 1_555 C DT 1  O4 ? ? A DA 13  C DT 1   1_555 ? ? ? ? ? ? WATSON-CRICK ?     ? ? 
hydrog29 hydrog ? ? B DT 1  N3 ? ? ? 1_555 D DA 13 N1 ? ? B DT 1   D DA 13  1_555 ? ? ? ? ? ? WATSON-CRICK ?     ? ? 
hydrog30 hydrog ? ? B DT 1  O4 ? ? ? 1_555 D DA 13 N6 ? ? B DT 1   D DA 13  1_555 ? ? ? ? ? ? WATSON-CRICK ?     ? ? 
hydrog31 hydrog ? ? B DT 2  N3 ? ? ? 1_555 D DA 12 N1 ? ? B DT 2   D DA 12  1_555 ? ? ? ? ? ? WATSON-CRICK ?     ? ? 
hydrog32 hydrog ? ? B DT 2  O4 ? ? ? 1_555 D DA 12 N6 ? ? B DT 2   D DA 12  1_555 ? ? ? ? ? ? WATSON-CRICK ?     ? ? 
hydrog33 hydrog ? ? B DC 3  N3 ? ? ? 1_555 D DG 11 N1 ? ? B DC 3   D DG 11  1_555 ? ? ? ? ? ? WATSON-CRICK ?     ? ? 
hydrog34 hydrog ? ? B DC 3  N4 ? ? ? 1_555 D DG 11 O6 ? ? B DC 3   D DG 11  1_555 ? ? ? ? ? ? WATSON-CRICK ?     ? ? 
hydrog35 hydrog ? ? B DC 3  O2 ? ? ? 1_555 D DG 11 N2 ? ? B DC 3   D DG 11  1_555 ? ? ? ? ? ? WATSON-CRICK ?     ? ? 
hydrog36 hydrog ? ? B DG 5  N2 ? ? ? 1_555 C DC 6  O2 ? ? B DG 5   C DC 6   1_555 ? ? ? ? ? ? 'DG-DC PAIR' ?     ? ? 
hydrog37 hydrog ? ? B DC 6  O2 ? ? ? 1_555 C DG 5  N2 ? ? B DC 6   C DG 5   1_555 ? ? ? ? ? ? 'DC-DG PAIR' ?     ? ? 
hydrog38 hydrog ? ? B DG 11 N1 ? ? ? 1_555 D DC 3  N3 ? ? B DG 11  D DC 3   1_555 ? ? ? ? ? ? WATSON-CRICK ?     ? ? 
hydrog39 hydrog ? ? B DG 11 N2 ? ? ? 1_555 D DC 3  O2 ? ? B DG 11  D DC 3   1_555 ? ? ? ? ? ? WATSON-CRICK ?     ? ? 
hydrog40 hydrog ? ? B DG 11 O6 ? ? ? 1_555 D DC 3  N4 ? ? B DG 11  D DC 3   1_555 ? ? ? ? ? ? WATSON-CRICK ?     ? ? 
hydrog41 hydrog ? ? B DA 12 N1 ? ? ? 1_555 D DT 2  N3 ? ? B DA 12  D DT 2   1_555 ? ? ? ? ? ? WATSON-CRICK ?     ? ? 
hydrog42 hydrog ? ? B DA 12 N6 ? ? ? 1_555 D DT 2  O4 ? ? B DA 12  D DT 2   1_555 ? ? ? ? ? ? WATSON-CRICK ?     ? ? 
hydrog43 hydrog ? ? B DA 13 N1 ? ? ? 1_555 D DT 1  N3 ? ? B DA 13  D DT 1   1_555 ? ? ? ? ? ? WATSON-CRICK ?     ? ? 
hydrog44 hydrog ? ? B DA 13 N6 ? ? ? 1_555 D DT 1  O4 ? ? B DA 13  D DT 1   1_555 ? ? ? ? ? ? WATSON-CRICK ?     ? ? 
hydrog45 hydrog ? ? C DG 5  N1 ? ? ? 1_555 D DC 6  N3 ? ? C DG 5   D DC 6   1_555 ? ? ? ? ? ? WATSON-CRICK ?     ? ? 
hydrog46 hydrog ? ? C DG 5  N2 ? ? ? 1_555 D DC 6  O2 ? ? C DG 5   D DC 6   1_555 ? ? ? ? ? ? WATSON-CRICK ?     ? ? 
hydrog47 hydrog ? ? C DG 5  O6 ? ? ? 1_555 D DC 6  N4 ? ? C DG 5   D DC 6   1_555 ? ? ? ? ? ? WATSON-CRICK ?     ? ? 
hydrog48 hydrog ? ? C DC 6  N3 ? ? ? 1_555 D DG 5  N1 ? ? C DC 6   D DG 5   1_555 ? ? ? ? ? ? WATSON-CRICK ?     ? ? 
hydrog49 hydrog ? ? C DC 6  N4 ? ? ? 1_555 D DG 5  O6 ? ? C DC 6   D DG 5   1_555 ? ? ? ? ? ? WATSON-CRICK ?     ? ? 
hydrog50 hydrog ? ? C DC 6  O2 ? ? ? 1_555 D DG 5  N2 ? ? C DC 6   D DG 5   1_555 ? ? ? ? ? ? WATSON-CRICK ?     ? ? 
hydrog51 hydrog ? ? C DG 8  N1 ? ? ? 1_555 D DC 9  N3 ? ? C DG 8   D DC 9   1_555 ? ? ? ? ? ? WATSON-CRICK ?     ? ? 
hydrog52 hydrog ? ? C DG 8  N2 ? ? ? 1_555 D DC 9  O2 ? ? C DG 8   D DC 9   1_555 ? ? ? ? ? ? WATSON-CRICK ?     ? ? 
hydrog53 hydrog ? ? C DG 8  O6 ? ? ? 1_555 D DC 9  N4 ? ? C DG 8   D DC 9   1_555 ? ? ? ? ? ? WATSON-CRICK ?     ? ? 
hydrog54 hydrog ? ? C DC 9  N3 ? ? ? 1_555 D DG 8  N1 ? ? C DC 9   D DG 8   1_555 ? ? ? ? ? ? WATSON-CRICK ?     ? ? 
hydrog55 hydrog ? ? C DC 9  N4 ? ? ? 1_555 D DG 8  O6 ? ? C DC 9   D DG 8   1_555 ? ? ? ? ? ? WATSON-CRICK ?     ? ? 
hydrog56 hydrog ? ? C DC 9  O2 ? ? ? 1_555 D DG 8  N2 ? ? C DC 9   D DG 8   1_555 ? ? ? ? ? ? WATSON-CRICK ?     ? ? 
# 
loop_
_struct_conn_type.id 
_struct_conn_type.criteria 
_struct_conn_type.reference 
metalc ? ? 
hydrog ? ? 
# 
loop_
_struct_site.id 
_struct_site.pdbx_evidence_code 
_struct_site.pdbx_auth_asym_id 
_struct_site.pdbx_auth_comp_id 
_struct_site.pdbx_auth_seq_id 
_struct_site.pdbx_auth_ins_code 
_struct_site.pdbx_num_residues 
_struct_site.details 
AC1 Software A CO  101 ? 6  'binding site for residue CO A 101'  
AC2 Software A CO  102 ? 6  'binding site for residue CO A 102'  
AC3 Software A F1R 103 ? 9  'binding site for residue F1R A 103' 
AC4 Software B CO  101 ? 6  'binding site for residue CO B 101'  
AC5 Software B CO  102 ? 6  'binding site for residue CO B 102'  
AC6 Software B F1R 103 ? 10 'binding site for residue F1R B 103' 
AC7 Software C F1R 101 ? 12 'binding site for residue F1R C 101' 
AC8 Software D F1R 101 ? 11 'binding site for residue F1R D 101' 
# 
loop_
_struct_site_gen.id 
_struct_site_gen.site_id 
_struct_site_gen.pdbx_num_res 
_struct_site_gen.label_comp_id 
_struct_site_gen.label_asym_id 
_struct_site_gen.label_seq_id 
_struct_site_gen.pdbx_auth_ins_code 
_struct_site_gen.auth_comp_id 
_struct_site_gen.auth_asym_id 
_struct_site_gen.auth_seq_id 
_struct_site_gen.label_atom_id 
_struct_site_gen.label_alt_id 
_struct_site_gen.symmetry 
_struct_site_gen.details 
1  AC1 6  DG  A 5  ? DG  A 5   . ? 1_555 ? 
2  AC1 6  HOH M .  ? HOH A 205 . ? 1_555 ? 
3  AC1 6  HOH M .  ? HOH A 216 . ? 1_555 ? 
4  AC1 6  HOH O .  ? HOH C 224 . ? 1_555 ? 
5  AC1 6  DG  D 8  ? DG  D 8   . ? 1_555 ? 
6  AC1 6  HOH P .  ? HOH D 224 . ? 1_555 ? 
7  AC2 6  DG  A 8  ? DG  A 8   . ? 1_555 ? 
8  AC2 6  HOH M .  ? HOH A 213 . ? 1_555 ? 
9  AC2 6  DG  D 5  ? DG  D 5   . ? 1_555 ? 
10 AC2 6  HOH P .  ? HOH D 205 . ? 1_555 ? 
11 AC2 6  HOH P .  ? HOH D 207 . ? 1_555 ? 
12 AC2 6  HOH P .  ? HOH D 208 . ? 1_555 ? 
13 AC3 9  DT  A 10 ? DT  A 10  . ? 1_555 ? 
14 AC3 9  DG  A 11 ? DG  A 11  . ? 1_555 ? 
15 AC3 9  HOH M .  ? HOH A 209 . ? 1_555 ? 
16 AC3 9  HOH M .  ? HOH A 218 . ? 1_555 ? 
17 AC3 9  HOH M .  ? HOH A 220 . ? 1_555 ? 
18 AC3 9  DG  B 8  ? DG  B 8   . ? 1_555 ? 
19 AC3 9  DC  C 3  ? DC  C 3   . ? 1_555 ? 
20 AC3 9  DT  C 4  ? DT  C 4   . ? 1_555 ? 
21 AC3 9  DG  C 5  ? DG  C 5   . ? 1_555 ? 
22 AC4 6  DG  B 5  ? DG  B 5   . ? 1_555 ? 
23 AC4 6  HOH N .  ? HOH B 204 . ? 1_555 ? 
24 AC4 6  HOH N .  ? HOH B 216 . ? 1_555 ? 
25 AC4 6  DG  C 8  ? DG  C 8   . ? 1_555 ? 
26 AC4 6  HOH O .  ? HOH C 206 . ? 1_555 ? 
27 AC4 6  HOH O .  ? HOH C 208 . ? 1_555 ? 
28 AC5 6  HOH M .  ? HOH A 220 . ? 1_555 ? 
29 AC5 6  DG  B 8  ? DG  B 8   . ? 1_555 ? 
30 AC5 6  HOH N .  ? HOH B 218 . ? 1_555 ? 
31 AC5 6  DG  C 5  ? DG  C 5   . ? 1_555 ? 
32 AC5 6  HOH O .  ? HOH C 202 . ? 1_555 ? 
33 AC5 6  HOH O .  ? HOH C 214 . ? 1_555 ? 
34 AC6 10 DG  A 8  ? DG  A 8   . ? 1_555 ? 
35 AC6 10 DT  B 10 ? DT  B 10  . ? 1_555 ? 
36 AC6 10 DG  B 11 ? DG  B 11  . ? 1_555 ? 
37 AC6 10 HOH N .  ? HOH B 203 . ? 1_555 ? 
38 AC6 10 HOH N .  ? HOH B 211 . ? 1_555 ? 
39 AC6 10 HOH N .  ? HOH B 221 . ? 1_555 ? 
40 AC6 10 DC  D 3  ? DC  D 3   . ? 1_555 ? 
41 AC6 10 DT  D 4  ? DT  D 4   . ? 1_555 ? 
42 AC6 10 DG  D 5  ? DG  D 5   . ? 1_555 ? 
43 AC6 10 HOH P .  ? HOH D 207 . ? 1_555 ? 
44 AC7 12 DC  A 3  ? DC  A 3   . ? 1_555 ? 
45 AC7 12 DT  A 4  ? DT  A 4   . ? 1_555 ? 
46 AC7 12 DG  A 5  ? DG  A 5   . ? 1_555 ? 
47 AC7 12 HOH M .  ? HOH A 215 . ? 1_555 ? 
48 AC7 12 DT  C 10 ? DT  C 10  . ? 1_555 ? 
49 AC7 12 DG  C 11 ? DG  C 11  . ? 1_555 ? 
50 AC7 12 HOH O .  ? HOH C 218 . ? 1_555 ? 
51 AC7 12 HOH O .  ? HOH C 219 . ? 1_555 ? 
52 AC7 12 HOH O .  ? HOH C 221 . ? 1_555 ? 
53 AC7 12 HOH O .  ? HOH C 224 . ? 1_555 ? 
54 AC7 12 HOH O .  ? HOH C 245 . ? 1_555 ? 
55 AC7 12 DG  D 8  ? DG  D 8   . ? 1_555 ? 
56 AC8 11 DC  B 3  ? DC  B 3   . ? 1_555 ? 
57 AC8 11 DT  B 4  ? DT  B 4   . ? 1_555 ? 
58 AC8 11 DG  B 5  ? DG  B 5   . ? 1_555 ? 
59 AC8 11 HOH N .  ? HOH B 206 . ? 1_555 ? 
60 AC8 11 HOH N .  ? HOH B 216 . ? 1_555 ? 
61 AC8 11 DG  C 8  ? DG  C 8   . ? 1_555 ? 
62 AC8 11 DT  D 10 ? DT  D 10  . ? 1_555 ? 
63 AC8 11 DG  D 11 ? DG  D 11  . ? 1_555 ? 
64 AC8 11 HOH P .  ? HOH D 209 . ? 1_555 ? 
65 AC8 11 HOH P .  ? HOH D 215 . ? 1_555 ? 
66 AC8 11 HOH P .  ? HOH D 222 . ? 1_555 ? 
# 
_atom_sites.entry_id                    6M5J 
_atom_sites.Cartn_transf_matrix[1][1]   ? 
_atom_sites.Cartn_transf_matrix[1][2]   ? 
_atom_sites.Cartn_transf_matrix[1][3]   ? 
_atom_sites.Cartn_transf_matrix[2][1]   ? 
_atom_sites.Cartn_transf_matrix[2][2]   ? 
_atom_sites.Cartn_transf_matrix[2][3]   ? 
_atom_sites.Cartn_transf_matrix[3][1]   ? 
_atom_sites.Cartn_transf_matrix[3][2]   ? 
_atom_sites.Cartn_transf_matrix[3][3]   ? 
_atom_sites.Cartn_transf_vector[1]      ? 
_atom_sites.Cartn_transf_vector[2]      ? 
_atom_sites.Cartn_transf_vector[3]      ? 
_atom_sites.fract_transf_matrix[1][1]   -0.01586457 
_atom_sites.fract_transf_matrix[1][2]   0.01198425 
_atom_sites.fract_transf_matrix[1][3]   -0.00468513 
_atom_sites.fract_transf_matrix[2][1]   -0.01010838 
_atom_sites.fract_transf_matrix[2][2]   -0.01211378 
_atom_sites.fract_transf_matrix[2][3]   0.00324227 
_atom_sites.fract_transf_matrix[3][1]   -0.01745851 
_atom_sites.fract_transf_matrix[3][2]   0.02161771 
_atom_sites.fract_transf_matrix[3][3]   0.02633805 
_atom_sites.fract_transf_vector[1]      0.246087 
_atom_sites.fract_transf_vector[2]      -0.246506 
_atom_sites.fract_transf_vector[3]      0.495217 
_atom_sites.solution_primary            ? 
_atom_sites.solution_secondary          ? 
_atom_sites.solution_hydrogens          ? 
_atom_sites.special_details             ? 
# 
loop_
_atom_type.symbol 
C  
CL 
CO 
N  
O  
P  
# 
loop_
_atom_site.group_PDB 
_atom_site.id 
_atom_site.type_symbol 
_atom_site.label_atom_id 
_atom_site.label_alt_id 
_atom_site.label_comp_id 
_atom_site.label_asym_id 
_atom_site.label_entity_id 
_atom_site.label_seq_id 
_atom_site.pdbx_PDB_ins_code 
_atom_site.Cartn_x 
_atom_site.Cartn_y 
_atom_site.Cartn_z 
_atom_site.occupancy 
_atom_site.B_iso_or_equiv 
_atom_site.pdbx_formal_charge 
_atom_site.auth_seq_id 
_atom_site.auth_comp_id 
_atom_site.auth_asym_id 
_atom_site.auth_atom_id 
_atom_site.pdbx_PDB_model_num 
ATOM   1    P  P     . DT  A 1 1  ? 0.828   7.296   -22.873 0.00 41.18 ? 1   DT  A P     1 
ATOM   2    O  OP1   . DT  A 1 1  ? 2.025   8.011   -23.377 1.00 43.91 ? 1   DT  A OP1   1 
ATOM   3    O  OP2   . DT  A 1 1  ? -0.462  7.421   -23.601 1.00 43.78 ? 1   DT  A OP2   1 
ATOM   4    O  "O5'" . DT  A 1 1  ? 0.609   7.766   -21.366 1.00 47.55 ? 1   DT  A "O5'" 1 
ATOM   5    C  "C5'" . DT  A 1 1  ? 1.102   6.976   -20.265 1.00 43.05 ? 1   DT  A "C5'" 1 
ATOM   6    C  "C4'" . DT  A 1 1  ? 2.139   7.737   -19.472 1.00 42.54 ? 1   DT  A "C4'" 1 
ATOM   7    O  "O4'" . DT  A 1 1  ? 1.846   9.151   -19.507 1.00 43.82 ? 1   DT  A "O4'" 1 
ATOM   8    C  "C3'" . DT  A 1 1  ? 2.188   7.369   -17.992 1.00 44.36 ? 1   DT  A "C3'" 1 
ATOM   9    O  "O3'" . DT  A 1 1  ? 3.499   7.554   -17.450 1.00 45.70 ? 1   DT  A "O3'" 1 
ATOM   10   C  "C2'" . DT  A 1 1  ? 1.196   8.338   -17.379 1.00 43.62 ? 1   DT  A "C2'" 1 
ATOM   11   C  "C1'" . DT  A 1 1  ? 1.330   9.579   -18.255 1.00 41.99 ? 1   DT  A "C1'" 1 
ATOM   12   N  N1    . DT  A 1 1  ? 0.066   10.292  -18.507 1.00 41.91 ? 1   DT  A N1    1 
ATOM   13   C  C2    . DT  A 1 1  ? 0.041   11.648  -18.285 1.00 37.03 ? 1   DT  A C2    1 
ATOM   14   O  O2    . DT  A 1 1  ? 1.010   12.275  -17.897 1.00 39.38 ? 1   DT  A O2    1 
ATOM   15   N  N3    . DT  A 1 1  ? -1.165  12.247  -18.545 1.00 35.99 ? 1   DT  A N3    1 
ATOM   16   C  C4    . DT  A 1 1  ? -2.319  11.640  -19.000 1.00 35.76 ? 1   DT  A C4    1 
ATOM   17   O  O4    . DT  A 1 1  ? -3.329  12.310  -19.189 1.00 32.48 ? 1   DT  A O4    1 
ATOM   18   C  C5    . DT  A 1 1  ? -2.220  10.213  -19.210 1.00 39.62 ? 1   DT  A C5    1 
ATOM   19   C  C7    . DT  A 1 1  ? -3.422  9.466   -19.697 1.00 42.11 ? 1   DT  A C7    1 
ATOM   20   C  C6    . DT  A 1 1  ? -1.048  9.620   -18.959 1.00 40.19 ? 1   DT  A C6    1 
ATOM   21   P  P     . DT  A 1 2  ? 3.802   7.190   -15.926 1.00 46.99 ? 2   DT  A P     1 
ATOM   22   O  OP1   . DT  A 1 2  ? 5.224   6.827   -15.817 1.00 45.75 ? 2   DT  A OP1   1 
ATOM   23   O  OP2   . DT  A 1 2  ? 2.758   6.261   -15.453 1.00 46.50 ? 2   DT  A OP2   1 
ATOM   24   O  "O5'" . DT  A 1 2  ? 3.638   8.589   -15.188 1.00 45.04 ? 2   DT  A "O5'" 1 
ATOM   25   C  "C5'" . DT  A 1 2  ? 4.036   9.791   -15.859 1.00 42.93 ? 2   DT  A "C5'" 1 
ATOM   26   C  "C4'" . DT  A 1 2  ? 4.104   10.964  -14.909 1.00 42.11 ? 2   DT  A "C4'" 1 
ATOM   27   O  "O4'" . DT  A 1 2  ? 2.927   11.785  -15.044 1.00 43.52 ? 2   DT  A "O4'" 1 
ATOM   28   C  "C3'" . DT  A 1 2  ? 4.202   10.641  -13.423 1.00 40.87 ? 2   DT  A "C3'" 1 
ATOM   29   O  "O3'" . DT  A 1 2  ? 4.938   11.731  -12.876 1.00 37.67 ? 2   DT  A "O3'" 1 
ATOM   30   C  "C2'" . DT  A 1 2  ? 2.751   10.666  -12.979 1.00 36.59 ? 2   DT  A "C2'" 1 
ATOM   31   C  "C1'" . DT  A 1 2  ? 2.160   11.764  -13.850 1.00 36.83 ? 2   DT  A "C1'" 1 
ATOM   32   N  N1    . DT  A 1 2  ? 0.753   11.576  -14.238 1.00 36.38 ? 2   DT  A N1    1 
ATOM   33   C  C2    . DT  A 1 2  ? -0.018  12.699  -14.429 1.00 33.20 ? 2   DT  A C2    1 
ATOM   34   O  O2    . DT  A 1 2  ? 0.402   13.830  -14.260 1.00 31.17 ? 2   DT  A O2    1 
ATOM   35   N  N3    . DT  A 1 2  ? -1.309  12.445  -14.817 1.00 30.65 ? 2   DT  A N3    1 
ATOM   36   C  C4    . DT  A 1 2  ? -1.887  11.209  -15.040 1.00 35.52 ? 2   DT  A C4    1 
ATOM   37   O  O4    . DT  A 1 2  ? -3.061  11.137  -15.386 1.00 32.25 ? 2   DT  A O4    1 
ATOM   38   C  C5    . DT  A 1 2  ? -1.017  10.077  -14.831 1.00 35.38 ? 2   DT  A C5    1 
ATOM   39   C  C7    . DT  A 1 2  ? -1.557  8.699   -15.043 1.00 38.95 ? 2   DT  A C7    1 
ATOM   40   C  C6    . DT  A 1 2  ? 0.244   10.314  -14.451 1.00 37.29 ? 2   DT  A C6    1 
ATOM   41   P  P     . DC  A 1 3  ? 5.641   11.617  -11.474 1.00 40.49 ? 3   DC  A P     1 
ATOM   42   O  OP1   . DC  A 1 3  ? 6.928   12.326  -11.563 1.00 41.14 ? 3   DC  A OP1   1 
ATOM   43   O  OP2   . DC  A 1 3  ? 5.610   10.211  -11.050 1.00 42.80 ? 3   DC  A OP2   1 
ATOM   44   O  "O5'" . DC  A 1 3  ? 4.681   12.468  -10.537 1.00 37.33 ? 3   DC  A "O5'" 1 
ATOM   45   C  "C5'" . DC  A 1 3  ? 4.681   13.897  -10.603 1.00 34.01 ? 3   DC  A "C5'" 1 
ATOM   46   C  "C4'" . DC  A 1 3  ? 3.701   14.465  -9.605  1.00 32.36 ? 3   DC  A "C4'" 1 
ATOM   47   O  "O4'" . DC  A 1 3  ? 2.372   14.376  -10.146 1.00 33.92 ? 3   DC  A "O4'" 1 
ATOM   48   C  "C3'" . DC  A 1 3  ? 3.659   13.728  -8.271  1.00 29.49 ? 3   DC  A "C3'" 1 
ATOM   49   O  "O3'" . DC  A 1 3  ? 4.539   14.426  -7.392  1.00 28.89 ? 3   DC  A "O3'" 1 
ATOM   50   C  "C2'" . DC  A 1 3  ? 2.206   13.844  -7.842  1.00 30.11 ? 3   DC  A "C2'" 1 
ATOM   51   C  "C1'" . DC  A 1 3  ? 1.427   14.096  -9.130  1.00 31.28 ? 3   DC  A "C1'" 1 
ATOM   52   N  N1    . DC  A 1 3  ? 0.603   12.978  -9.598  1.00 29.94 ? 3   DC  A N1    1 
ATOM   53   C  C2    . DC  A 1 3  ? -0.467  13.245  -10.452 1.00 27.82 ? 3   DC  A C2    1 
ATOM   54   O  O2    . DC  A 1 3  ? -0.704  14.421  -10.763 1.00 31.06 ? 3   DC  A O2    1 
ATOM   55   N  N3    . DC  A 1 3  ? -1.217  12.222  -10.912 1.00 30.46 ? 3   DC  A N3    1 
ATOM   56   C  C4    . DC  A 1 3  ? -0.928  10.970  -10.554 1.00 30.32 ? 3   DC  A C4    1 
ATOM   57   N  N4    . DC  A 1 3  ? -1.693  9.989   -11.034 1.00 28.37 ? 3   DC  A N4    1 
ATOM   58   C  C5    . DC  A 1 3  ? 0.167   10.667  -9.697  1.00 30.10 ? 3   DC  A C5    1 
ATOM   59   C  C6    . DC  A 1 3  ? 0.902   11.692  -9.250  1.00 29.41 ? 3   DC  A C6    1 
ATOM   60   P  P     . DT  A 1 4  ? 5.142   13.716  -6.116  1.00 34.81 ? 4   DT  A P     1 
ATOM   61   O  OP1   . DT  A 1 4  ? 6.443   14.336  -5.829  1.00 28.44 ? 4   DT  A OP1   1 
ATOM   62   O  OP2   . DT  A 1 4  ? 5.048   12.258  -6.299  1.00 33.38 ? 4   DT  A OP2   1 
ATOM   63   O  "O5'" . DT  A 1 4  ? 4.133   14.158  -4.977  1.00 25.11 ? 4   DT  A "O5'" 1 
ATOM   64   C  "C5'" . DT  A 1 4  ? 4.145   13.567  -3.682  1.00 26.83 ? 4   DT  A "C5'" 1 
ATOM   65   C  "C4'" . DT  A 1 4  ? 2.824   13.848  -3.008  1.00 27.72 ? 4   DT  A "C4'" 1 
ATOM   66   O  "O4'" . DT  A 1 4  ? 2.500   15.248  -3.153  1.00 29.63 ? 4   DT  A "O4'" 1 
ATOM   67   C  "C3'" . DT  A 1 4  ? 1.641   13.072  -3.591  1.00 25.52 ? 4   DT  A "C3'" 1 
ATOM   68   O  "O3'" . DT  A 1 4  ? 0.897   12.479  -2.532  1.00 24.81 ? 4   DT  A "O3'" 1 
ATOM   69   C  "C2'" . DT  A 1 4  ? 0.789   14.136  -4.258  1.00 26.31 ? 4   DT  A "C2'" 1 
ATOM   70   C  "C1'" . DT  A 1 4  ? 1.136   15.383  -3.479  1.00 27.01 ? 4   DT  A "C1'" 1 
ATOM   71   N  N1    . DT  A 1 4  ? 0.983   16.611  -4.272  1.00 28.30 ? 4   DT  A N1    1 
ATOM   72   C  C2    . DT  A 1 4  ? -0.100  17.421  -4.030  1.00 29.11 ? 4   DT  A C2    1 
ATOM   73   O  O2    . DT  A 1 4  ? -0.925  17.188  -3.166  1.00 30.37 ? 4   DT  A O2    1 
ATOM   74   N  N3    . DT  A 1 4  ? -0.175  18.529  -4.835  1.00 32.02 ? 4   DT  A N3    1 
ATOM   75   C  C4    . DT  A 1 4  ? 0.701   18.893  -5.839  1.00 33.42 ? 4   DT  A C4    1 
ATOM   76   O  O4    . DT  A 1 4  ? 0.504   19.921  -6.479  1.00 35.99 ? 4   DT  A O4    1 
ATOM   77   C  C5    . DT  A 1 4  ? 1.808   17.989  -6.046  1.00 29.46 ? 4   DT  A C5    1 
ATOM   78   C  C7    . DT  A 1 4  ? 2.812   18.302  -7.109  1.00 31.00 ? 4   DT  A C7    1 
ATOM   79   C  C6    . DT  A 1 4  ? 1.888   16.905  -5.268  1.00 30.34 ? 4   DT  A C6    1 
ATOM   80   P  P     . DG  A 1 5  ? 0.153   11.089  -2.739  1.00 23.66 ? 5   DG  A P     1 
ATOM   81   O  OP1   . DG  A 1 5  ? -0.592  11.153  -3.996  1.00 25.55 ? 5   DG  A OP1   1 
ATOM   82   O  OP2   . DG  A 1 5  ? -0.548  10.766  -1.491  1.00 24.87 ? 5   DG  A OP2   1 
ATOM   83   O  "O5'" . DG  A 1 5  ? 1.350   10.070  -2.964  1.00 22.46 ? 5   DG  A "O5'" 1 
ATOM   84   C  "C5'" . DG  A 1 5  ? 2.345   9.881   -1.957  1.00 21.92 ? 5   DG  A "C5'" 1 
ATOM   85   C  "C4'" . DG  A 1 5  ? 2.889   8.475   -2.035  1.00 22.19 ? 5   DG  A "C4'" 1 
ATOM   86   O  "O4'" . DG  A 1 5  ? 1.969   7.574   -1.381  1.00 22.51 ? 5   DG  A "O4'" 1 
ATOM   87   C  "C3'" . DG  A 1 5  ? 3.080   7.940   -3.454  1.00 19.49 ? 5   DG  A "C3'" 1 
ATOM   88   O  "O3'" . DG  A 1 5  ? 4.315   7.226   -3.524  1.00 17.88 ? 5   DG  A "O3'" 1 
ATOM   89   C  "C2'" . DG  A 1 5  ? 1.842   7.089   -3.684  1.00 19.64 ? 5   DG  A "C2'" 1 
ATOM   90   C  "C1'" . DG  A 1 5  ? 1.461   6.616   -2.289  1.00 22.70 ? 5   DG  A "C1'" 1 
ATOM   91   N  N9    . DG  A 1 5  ? 0.027   6.503   -2.047  1.00 18.71 ? 5   DG  A N9    1 
ATOM   92   C  C8    . DG  A 1 5  ? -0.956  7.370   -2.457  1.00 18.21 ? 5   DG  A C8    1 
ATOM   93   N  N7    . DG  A 1 5  ? -2.149  7.012   -2.069  1.00 21.90 ? 5   DG  A N7    1 
ATOM   94   C  C5    . DG  A 1 5  ? -1.940  5.844   -1.350  1.00 19.29 ? 5   DG  A C5    1 
ATOM   95   C  C6    . DG  A 1 5  ? -2.867  4.991   -0.688  1.00 22.03 ? 5   DG  A C6    1 
ATOM   96   O  O6    . DG  A 1 5  ? -4.091  5.109   -0.596  1.00 21.18 ? 5   DG  A O6    1 
ATOM   97   N  N1    . DG  A 1 5  ? -2.228  3.911   -0.087  1.00 20.61 ? 5   DG  A N1    1 
ATOM   98   C  C2    . DG  A 1 5  ? -0.875  3.678   -0.121  1.00 20.94 ? 5   DG  A C2    1 
ATOM   99   N  N2    . DG  A 1 5  ? -0.449  2.578   0.512   1.00 20.17 ? 5   DG  A N2    1 
ATOM   100  N  N3    . DG  A 1 5  ? -0.004  4.458   -0.743  1.00 20.06 ? 5   DG  A N3    1 
ATOM   101  C  C4    . DG  A 1 5  ? -0.601  5.516   -1.330  1.00 20.62 ? 5   DG  A C4    1 
ATOM   102  P  P     . DC  A 1 6  ? 4.817   6.637   -4.897  1.00 22.75 ? 6   DC  A P     1 
ATOM   103  O  OP1   . DC  A 1 6  ? 6.265   6.444   -4.802  1.00 22.68 ? 6   DC  A OP1   1 
ATOM   104  O  OP2   . DC  A 1 6  ? 4.265   7.452   -5.979  1.00 23.50 ? 6   DC  A OP2   1 
ATOM   105  O  "O5'" . DC  A 1 6  ? 4.142   5.202   -4.923  1.00 21.54 ? 6   DC  A "O5'" 1 
ATOM   106  C  "C5'" . DC  A 1 6  ? 4.680   4.147   -4.124  1.00 21.56 ? 6   DC  A "C5'" 1 
ATOM   107  C  "C4'" . DC  A 1 6  ? 3.771   2.943   -4.152  1.00 21.79 ? 6   DC  A "C4'" 1 
ATOM   108  O  "O4'" . DC  A 1 6  ? 2.451   3.296   -3.700  1.00 26.86 ? 6   DC  A "O4'" 1 
ATOM   109  C  "C3'" . DC  A 1 6  ? 3.576   2.308   -5.530  1.00 21.82 ? 6   DC  A "C3'" 1 
ATOM   110  O  "O3'" . DC  A 1 6  ? 4.324   1.093   -5.605  1.00 28.14 ? 6   DC  A "O3'" 1 
ATOM   111  C  "C2'" . DC  A 1 6  ? 2.081   2.022   -5.606  1.00 24.92 ? 6   DC  A "C2'" 1 
ATOM   112  C  "C1'" . DC  A 1 6  ? 1.586   2.304   -4.199  1.00 21.94 ? 6   DC  A "C1'" 1 
ATOM   113  N  N1    . DC  A 1 6  ? 0.204   2.800   -4.099  1.00 22.37 ? 6   DC  A N1    1 
ATOM   114  C  C2    . DC  A 1 6  ? -0.741  2.008   -3.446  1.00 23.89 ? 6   DC  A C2    1 
ATOM   115  O  O2    . DC  A 1 6  ? -0.384  0.924   -2.966  1.00 26.63 ? 6   DC  A O2    1 
ATOM   116  N  N3    . DC  A 1 6  ? -2.016  2.446   -3.344  1.00 19.29 ? 6   DC  A N3    1 
ATOM   117  C  C4    . DC  A 1 6  ? -2.362  3.617   -3.880  1.00 22.90 ? 6   DC  A C4    1 
ATOM   118  N  N4    . DC  A 1 6  ? -3.628  4.012   -3.754  1.00 23.22 ? 6   DC  A N4    1 
ATOM   119  C  C5    . DC  A 1 6  ? -1.417  4.446   -4.550  1.00 23.37 ? 6   DC  A C5    1 
ATOM   120  C  C6    . DC  A 1 6  ? -0.158  4.001   -4.640  1.00 23.96 ? 6   DC  A C6    1 
ATOM   121  P  P     . DT  A 1 7  ? 5.434   0.898   -6.721  1.00 26.78 ? 7   DT  A P     1 
ATOM   122  O  OP1   . DT  A 1 7  ? 6.023   2.206   -7.022  1.00 27.18 ? 7   DT  A OP1   1 
ATOM   123  O  OP2   . DT  A 1 7  ? 4.860   0.095   -7.801  1.00 29.16 ? 7   DT  A OP2   1 
ATOM   124  O  "O5'" . DT  A 1 7  ? 6.509   -0.016  -5.990  1.00 27.05 ? 7   DT  A "O5'" 1 
ATOM   125  C  "C5'" . DT  A 1 7  ? 7.176   0.420   -4.801  1.00 27.77 ? 7   DT  A "C5'" 1 
ATOM   126  C  "C4'" . DT  A 1 7  ? 7.735   -0.766  -4.051  1.00 26.58 ? 7   DT  A "C4'" 1 
ATOM   127  O  "O4'" . DT  A 1 7  ? 6.655   -1.496  -3.431  1.00 25.16 ? 7   DT  A "O4'" 1 
ATOM   128  C  "C3'" . DT  A 1 7  ? 8.493   -1.771  -4.917  1.00 28.77 ? 7   DT  A "C3'" 1 
ATOM   129  O  "O3'" . DT  A 1 7  ? 9.716   -2.156  -4.297  1.00 29.19 ? 7   DT  A "O3'" 1 
ATOM   130  C  "C2'" . DT  A 1 7  ? 7.556   -2.961  -5.006  1.00 25.64 ? 7   DT  A "C2'" 1 
ATOM   131  C  "C1'" . DT  A 1 7  ? 6.767   -2.875  -3.717  1.00 26.70 ? 7   DT  A "C1'" 1 
ATOM   132  N  N1    . DT  A 1 7  ? 5.407   -3.419  -3.840  1.00 26.36 ? 7   DT  A N1    1 
ATOM   133  C  C2    . DT  A 1 7  ? 5.184   -4.721  -3.458  1.00 25.74 ? 7   DT  A C2    1 
ATOM   134  O  O2    . DT  A 1 7  ? 6.052   -5.436  -2.996  1.00 27.72 ? 7   DT  A O2    1 
ATOM   135  N  N3    . DT  A 1 7  ? 3.896   -5.156  -3.634  1.00 26.54 ? 7   DT  A N3    1 
ATOM   136  C  C4    . DT  A 1 7  ? 2.836   -4.436  -4.144  1.00 25.86 ? 7   DT  A C4    1 
ATOM   137  O  O4    . DT  A 1 7  ? 1.733   -4.961  -4.242  1.00 26.75 ? 7   DT  A O4    1 
ATOM   138  C  C5    . DT  A 1 7  ? 3.143   -3.078  -4.530  1.00 24.50 ? 7   DT  A C5    1 
ATOM   139  C  C7    . DT  A 1 7  ? 2.055   -2.219  -5.094  1.00 28.55 ? 7   DT  A C7    1 
ATOM   140  C  C6    . DT  A 1 7  ? 4.396   -2.645  -4.360  1.00 27.17 ? 7   DT  A C6    1 
ATOM   141  P  P     . DG  A 1 8  ? 10.786  -2.942  -5.132  1.00 31.63 ? 8   DG  A P     1 
ATOM   142  O  OP1   . DG  A 1 8  ? 10.885  -2.311  -6.453  1.00 37.65 ? 8   DG  A OP1   1 
ATOM   143  O  OP2   . DG  A 1 8  ? 10.475  -4.372  -5.030  1.00 35.12 ? 8   DG  A OP2   1 
ATOM   144  O  "O5'" . DG  A 1 8  ? 12.136  -2.626  -4.369  1.00 34.51 ? 8   DG  A "O5'" 1 
ATOM   145  C  "C5'" . DG  A 1 8  ? 12.282  -2.978  -2.999  1.00 30.45 ? 8   DG  A "C5'" 1 
ATOM   146  C  "C4'" . DG  A 1 8  ? 13.735  -3.260  -2.707  1.00 30.20 ? 8   DG  A "C4'" 1 
ATOM   147  O  "O4'" . DG  A 1 8  ? 14.108  -2.526  -1.525  1.00 27.34 ? 8   DG  A "O4'" 1 
ATOM   148  C  "C3'" . DG  A 1 8  ? 14.031  -4.735  -2.422  1.00 31.19 ? 8   DG  A "C3'" 1 
ATOM   149  O  "O3'" . DG  A 1 8  ? 14.917  -5.272  -3.410  1.00 36.62 ? 8   DG  A "O3'" 1 
ATOM   150  C  "C2'" . DG  A 1 8  ? 14.650  -4.735  -1.034  1.00 29.35 ? 8   DG  A "C2'" 1 
ATOM   151  C  "C1'" . DG  A 1 8  ? 14.192  -3.420  -0.442  1.00 26.82 ? 8   DG  A "C1'" 1 
ATOM   152  N  N9    . DG  A 1 8  ? 12.889  -3.463  0.214   1.00 25.67 ? 8   DG  A N9    1 
ATOM   153  C  C8    . DG  A 1 8  ? 11.790  -2.677  -0.038  1.00 23.10 ? 8   DG  A C8    1 
ATOM   154  N  N7    . DG  A 1 8  ? 10.779  -2.945  0.742   1.00 22.39 ? 8   DG  A N7    1 
ATOM   155  C  C5    . DG  A 1 8  ? 11.240  -3.966  1.563   1.00 23.96 ? 8   DG  A C5    1 
ATOM   156  C  C6    . DG  A 1 8  ? 10.588  -4.668  2.617   1.00 22.46 ? 8   DG  A C6    1 
ATOM   157  O  O6    . DG  A 1 8  ? 9.438   -4.524  3.040   1.00 22.48 ? 8   DG  A O6    1 
ATOM   158  N  N1    . DG  A 1 8  ? 11.425  -5.619  3.191   1.00 22.79 ? 8   DG  A N1    1 
ATOM   159  C  C2    . DG  A 1 8  ? 12.721  -5.864  2.804   1.00 23.26 ? 8   DG  A C2    1 
ATOM   160  N  N2    . DG  A 1 8  ? 13.368  -6.820  3.480   1.00 22.87 ? 8   DG  A N2    1 
ATOM   161  N  N3    . DG  A 1 8  ? 13.337  -5.217  1.827   1.00 23.16 ? 8   DG  A N3    1 
ATOM   162  C  C4    . DG  A 1 8  ? 12.543  -4.291  1.252   1.00 21.53 ? 8   DG  A C4    1 
ATOM   163  P  P     . DC  A 1 9  ? 14.708  -6.754  -3.953  1.00 32.63 ? 9   DC  A P     1 
ATOM   164  O  OP1   . DC  A 1 9  ? 15.859  -7.101  -4.801  1.00 37.60 ? 9   DC  A OP1   1 
ATOM   165  O  OP2   . DC  A 1 9  ? 13.346  -6.858  -4.489  1.00 35.91 ? 9   DC  A OP2   1 
ATOM   166  O  "O5'" . DC  A 1 9  ? 14.771  -7.629  -2.631  1.00 28.25 ? 9   DC  A "O5'" 1 
ATOM   167  C  "C5'" . DC  A 1 9  ? 16.025  -8.056  -2.087  1.00 30.23 ? 9   DC  A "C5'" 1 
ATOM   168  C  "C4'" . DC  A 1 9  ? 15.797  -9.012  -0.940  1.00 27.31 ? 9   DC  A "C4'" 1 
ATOM   169  O  "O4'" . DC  A 1 9  ? 15.086  -8.336  0.118   1.00 27.09 ? 9   DC  A "O4'" 1 
ATOM   170  C  "C3'" . DC  A 1 9  ? 14.935  -10.224 -1.275  1.00 29.01 ? 9   DC  A "C3'" 1 
ATOM   171  O  "O3'" . DC  A 1 9  ? 15.710  -11.285 -1.834  1.00 31.74 ? 9   DC  A "O3'" 1 
ATOM   172  C  "C2'" . DC  A 1 9  ? 14.362  -10.592 0.077   1.00 23.79 ? 9   DC  A "C2'" 1 
ATOM   173  C  "C1'" . DC  A 1 9  ? 14.175  -9.232  0.743   1.00 24.49 ? 9   DC  A "C1'" 1 
ATOM   174  N  N1    . DC  A 1 9  ? 12.823  -8.671  0.606   1.00 24.52 ? 9   DC  A N1    1 
ATOM   175  C  C2    . DC  A 1 9  ? 11.823  -9.111  1.476   1.00 25.99 ? 9   DC  A C2    1 
ATOM   176  O  O2    . DC  A 1 9  ? 12.104  -9.964  2.326   1.00 24.36 ? 9   DC  A O2    1 
ATOM   177  N  N3    . DC  A 1 9  ? 10.577  -8.602  1.363   1.00 24.35 ? 9   DC  A N3    1 
ATOM   178  C  C4    . DC  A 1 9  ? 10.313  -7.688  0.426   1.00 24.17 ? 9   DC  A C4    1 
ATOM   179  N  N4    . DC  A 1 9  ? 9.069   -7.210  0.354   1.00 22.61 ? 9   DC  A N4    1 
ATOM   180  C  C5    . DC  A 1 9  ? 11.314  -7.225  -0.476  1.00 25.10 ? 9   DC  A C5    1 
ATOM   181  C  C6    . DC  A 1 9  ? 12.543  -7.737  -0.351  1.00 26.57 ? 9   DC  A C6    1 
ATOM   182  P  P     . DT  A 1 10 ? 15.004  -12.405 -2.721  1.00 34.09 ? 10  DT  A P     1 
ATOM   183  O  OP1   . DT  A 1 10 ? 16.055  -13.172 -3.408  1.00 35.70 ? 10  DT  A OP1   1 
ATOM   184  O  OP2   . DT  A 1 10 ? 13.944  -11.765 -3.521  1.00 34.68 ? 10  DT  A OP2   1 
ATOM   185  O  "O5'" . DT  A 1 10 ? 14.348  -13.356 -1.629  1.00 31.30 ? 10  DT  A "O5'" 1 
ATOM   186  C  "C5'" . DT  A 1 10 ? 15.162  -14.010 -0.644  1.00 30.32 ? 10  DT  A "C5'" 1 
ATOM   187  C  "C4'" . DT  A 1 10 ? 14.308  -14.697 0.396   1.00 28.38 ? 10  DT  A "C4'" 1 
ATOM   188  O  "O4'" . DT  A 1 10 ? 13.533  -13.720 1.116   1.00 29.46 ? 10  DT  A "O4'" 1 
ATOM   189  C  "C3'" . DT  A 1 10 ? 13.283  -15.688 -0.142  1.00 28.40 ? 10  DT  A "C3'" 1 
ATOM   190  O  "O3'" . DT  A 1 10 ? 13.842  -16.993 -0.290  1.00 29.87 ? 10  DT  A "O3'" 1 
ATOM   191  C  "C2'" . DT  A 1 10 ? 12.233  -15.700 0.953   1.00 25.86 ? 10  DT  A "C2'" 1 
ATOM   192  C  "C1'" . DT  A 1 10 ? 12.295  -14.289 1.526   1.00 28.66 ? 10  DT  A "C1'" 1 
ATOM   193  N  N1    . DT  A 1 10 ? 11.215  -13.404 1.061   1.00 26.46 ? 10  DT  A N1    1 
ATOM   194  C  C2    . DT  A 1 10 ? 10.049  -13.376 1.788   1.00 27.11 ? 10  DT  A C2    1 
ATOM   195  O  O2    . DT  A 1 10 ? 9.873   -14.048 2.788   1.00 25.58 ? 10  DT  A O2    1 
ATOM   196  N  N3    . DT  A 1 10 ? 9.090   -12.525 1.298   1.00 24.59 ? 10  DT  A N3    1 
ATOM   197  C  C4    . DT  A 1 10 ? 9.182   -11.723 0.177   1.00 23.94 ? 10  DT  A C4    1 
ATOM   198  O  O4    . DT  A 1 10 ? 8.239   -11.012 -0.144  1.00 24.34 ? 10  DT  A O4    1 
ATOM   199  C  C5    . DT  A 1 10 ? 10.433  -11.806 -0.539  1.00 25.57 ? 10  DT  A C5    1 
ATOM   200  C  C7    . DT  A 1 10 ? 10.622  -10.975 -1.769  1.00 25.56 ? 10  DT  A C7    1 
ATOM   201  C  C6    . DT  A 1 10 ? 11.373  -12.633 -0.069  1.00 27.40 ? 10  DT  A C6    1 
ATOM   202  P  P     . DG  A 1 11 ? 13.488  -17.881 -1.559  1.00 31.46 ? 11  DG  A P     1 
ATOM   203  O  OP1   . DG  A 1 11 ? 14.141  -19.185 -1.406  1.00 34.71 ? 11  DG  A OP1   1 
ATOM   204  O  OP2   . DG  A 1 11 ? 13.743  -17.077 -2.764  1.00 28.40 ? 11  DG  A OP2   1 
ATOM   205  O  "O5'" . DG  A 1 11 ? 11.917  -18.092 -1.438  1.00 35.39 ? 11  DG  A "O5'" 1 
ATOM   206  C  "C5'" . DG  A 1 11 ? 11.347  -18.935 -0.430  1.00 30.68 ? 11  DG  A "C5'" 1 
ATOM   207  C  "C4'" . DG  A 1 11 ? 10.319  -19.859 -1.044  1.00 32.36 ? 11  DG  A "C4'" 1 
ATOM   208  O  "O4'" . DG  A 1 11 ? 9.148   -19.114 -1.450  1.00 33.68 ? 11  DG  A "O4'" 1 
ATOM   209  C  "C3'" . DG  A 1 11 ? 10.777  -20.617 -2.290  1.00 30.50 ? 11  DG  A "C3'" 1 
ATOM   210  O  "O3'" . DG  A 1 11 ? 10.117  -21.880 -2.294  1.00 34.76 ? 11  DG  A "O3'" 1 
ATOM   211  C  "C2'" . DG  A 1 11 ? 10.146  -19.823 -3.416  1.00 32.22 ? 11  DG  A "C2'" 1 
ATOM   212  C  "C1'" . DG  A 1 11 ? 8.822   -19.482 -2.774  1.00 32.66 ? 11  DG  A "C1'" 1 
ATOM   213  N  N9    . DG  A 1 11 ? 8.080   -18.383 -3.382  1.00 29.09 ? 11  DG  A N9    1 
ATOM   214  C  C8    . DG  A 1 11 ? 8.462   -17.602 -4.444  1.00 30.87 ? 11  DG  A C8    1 
ATOM   215  N  N7    . DG  A 1 11 ? 7.568   -16.710 -4.772  1.00 29.34 ? 11  DG  A N7    1 
ATOM   216  C  C5    . DG  A 1 11 ? 6.534   -16.914 -3.869  1.00 28.39 ? 11  DG  A C5    1 
ATOM   217  C  C6    . DG  A 1 11 ? 5.289   -16.241 -3.728  1.00 29.43 ? 11  DG  A C6    1 
ATOM   218  O  O6    . DG  A 1 11 ? 4.841   -15.300 -4.392  1.00 30.52 ? 11  DG  A O6    1 
ATOM   219  N  N1    . DG  A 1 11 ? 4.534   -16.773 -2.687  1.00 29.02 ? 11  DG  A N1    1 
ATOM   220  C  C2    . DG  A 1 11 ? 4.934   -17.807 -1.874  1.00 28.28 ? 11  DG  A C2    1 
ATOM   221  N  N2    . DG  A 1 11 ? 4.063   -18.188 -0.933  1.00 30.67 ? 11  DG  A N2    1 
ATOM   222  N  N3    . DG  A 1 11 ? 6.087   -18.446 -2.001  1.00 29.81 ? 11  DG  A N3    1 
ATOM   223  C  C4    . DG  A 1 11 ? 6.833   -17.950 -3.010  1.00 30.56 ? 11  DG  A C4    1 
ATOM   224  P  P     . DA  A 1 12 ? 10.901  -23.216 -1.962  1.00 38.56 ? 12  DA  A P     1 
ATOM   225  O  OP1   . DA  A 1 12 ? 11.916  -22.912 -0.941  1.00 33.47 ? 12  DA  A OP1   1 
ATOM   226  O  OP2   . DA  A 1 12 ? 11.303  -23.830 -3.239  1.00 37.19 ? 12  DA  A OP2   1 
ATOM   227  O  "O5'" . DA  A 1 12 ? 9.778   -24.123 -1.296  1.00 29.34 ? 12  DA  A "O5'" 1 
ATOM   228  C  "C5'" . DA  A 1 12 ? 9.346   -23.889 0.054   1.00 31.11 ? 12  DA  A "C5'" 1 
ATOM   229  C  "C4'" . DA  A 1 12 ? 7.865   -24.152 0.214   1.00 31.29 ? 12  DA  A "C4'" 1 
ATOM   230  O  "O4'" . DA  A 1 12 ? 7.096   -23.148 -0.486  1.00 31.42 ? 12  DA  A "O4'" 1 
ATOM   231  C  "C3'" . DA  A 1 12 ? 7.366   -25.499 -0.306  1.00 30.56 ? 12  DA  A "C3'" 1 
ATOM   232  O  "O3'" . DA  A 1 12 ? 6.409   -26.010 0.635   1.00 34.11 ? 12  DA  A "O3'" 1 
ATOM   233  C  "C2'" . DA  A 1 12 ? 6.805   -25.148 -1.673  1.00 31.57 ? 12  DA  A "C2'" 1 
ATOM   234  C  "C1'" . DA  A 1 12 ? 6.270   -23.746 -1.474  1.00 30.17 ? 12  DA  A "C1'" 1 
ATOM   235  N  N9    . DA  A 1 12 ? 6.338   -22.904 -2.663  1.00 30.03 ? 12  DA  A N9    1 
ATOM   236  C  C8    . DA  A 1 12 ? 7.345   -22.848 -3.591  1.00 31.86 ? 12  DA  A C8    1 
ATOM   237  N  N7    . DA  A 1 12 ? 7.153   -21.952 -4.525  1.00 31.44 ? 12  DA  A N7    1 
ATOM   238  C  C5    . DA  A 1 12 ? 5.936   -21.378 -4.191  1.00 30.75 ? 12  DA  A C5    1 
ATOM   239  C  C6    . DA  A 1 12 ? 5.180   -20.355 -4.783  1.00 31.14 ? 12  DA  A C6    1 
ATOM   240  N  N6    . DA  A 1 12 ? 5.539   -19.726 -5.902  1.00 33.81 ? 12  DA  A N6    1 
ATOM   241  N  N1    . DA  A 1 12 ? 4.001   -20.032 -4.209  1.00 30.25 ? 12  DA  A N1    1 
ATOM   242  C  C2    . DA  A 1 12 ? 3.633   -20.682 -3.098  1.00 31.51 ? 12  DA  A C2    1 
ATOM   243  N  N3    . DA  A 1 12 ? 4.270   -21.641 -2.432  1.00 31.65 ? 12  DA  A N3    1 
ATOM   244  C  C4    . DA  A 1 12 ? 5.424   -21.953 -3.044  1.00 29.42 ? 12  DA  A C4    1 
ATOM   245  P  P     . DA  A 1 13 ? 5.583   -27.345 0.334   1.00 34.47 ? 13  DA  A P     1 
ATOM   246  O  OP1   . DA  A 1 13 ? 5.245   -27.985 1.603   1.00 34.94 ? 13  DA  A OP1   1 
ATOM   247  O  OP2   . DA  A 1 13 ? 6.321   -28.142 -0.659  1.00 34.91 ? 13  DA  A OP2   1 
ATOM   248  O  "O5'" . DA  A 1 13 ? 4.259   -26.781 -0.330  1.00 32.34 ? 13  DA  A "O5'" 1 
ATOM   249  C  "C5'" . DA  A 1 13 ? 3.323   -26.018 0.432   1.00 32.21 ? 13  DA  A "C5'" 1 
ATOM   250  C  "C4'" . DA  A 1 13 ? 2.099   -25.765 -0.411  1.00 31.10 ? 13  DA  A "C4'" 1 
ATOM   251  O  "O4'" . DA  A 1 13 ? 2.476   -24.899 -1.505  1.00 30.64 ? 13  DA  A "O4'" 1 
ATOM   252  C  "C3'" . DA  A 1 13 ? 1.528   -27.026 -1.058  1.00 30.19 ? 13  DA  A "C3'" 1 
ATOM   253  O  "O3'" . DA  A 1 13 ? 0.112   -26.926 -1.189  1.00 31.21 ? 13  DA  A "O3'" 1 
ATOM   254  C  "C2'" . DA  A 1 13 ? 2.129   -26.996 -2.446  1.00 29.67 ? 13  DA  A "C2'" 1 
ATOM   255  C  "C1'" . DA  A 1 13 ? 2.109   -25.510 -2.724  1.00 29.98 ? 13  DA  A "C1'" 1 
ATOM   256  N  N9    . DA  A 1 13 ? 3.049   -25.077 -3.752  1.00 28.84 ? 13  DA  A N9    1 
ATOM   257  C  C8    . DA  A 1 13 ? 4.268   -25.624 -4.059  1.00 30.91 ? 13  DA  A C8    1 
ATOM   258  N  N7    . DA  A 1 13 ? 4.876   -25.035 -5.058  1.00 29.10 ? 13  DA  A N7    1 
ATOM   259  C  C5    . DA  A 1 13 ? 3.995   -24.035 -5.438  1.00 29.72 ? 13  DA  A C5    1 
ATOM   260  C  C6    . DA  A 1 13 ? 4.047   -23.067 -6.452  1.00 30.63 ? 13  DA  A C6    1 
ATOM   261  N  N6    . DA  A 1 13 ? 5.083   -22.915 -7.277  1.00 30.01 ? 13  DA  A N6    1 
ATOM   262  N  N1    . DA  A 1 13 ? 3.007   -22.214 -6.558  1.00 30.36 ? 13  DA  A N1    1 
ATOM   263  C  C2    . DA  A 1 13 ? 1.976   -22.355 -5.721  1.00 31.55 ? 13  DA  A C2    1 
ATOM   264  N  N3    . DA  A 1 13 ? 1.806   -23.228 -4.735  1.00 29.19 ? 13  DA  A N3    1 
ATOM   265  C  C4    . DA  A 1 13 ? 2.862   -24.055 -4.649  1.00 28.13 ? 13  DA  A C4    1 
ATOM   266  P  P     . DT  B 2 1  ? -12.452 3.585   15.896  1.00 56.14 ? 1   DT  B P     1 
ATOM   267  O  OP1   . DT  B 2 1  ? -11.888 3.021   14.643  0.00 47.84 ? 1   DT  B OP1   1 
ATOM   268  O  OP2   . DT  B 2 1  ? -13.062 4.936   15.883  1.00 55.08 ? 1   DT  B OP2   1 
ATOM   269  O  "O5'" . DT  B 2 1  ? -13.515 2.554   16.474  1.00 52.19 ? 1   DT  B "O5'" 1 
ATOM   270  C  "C5'" . DT  B 2 1  ? -13.078 1.361   17.141  1.00 46.76 ? 1   DT  B "C5'" 1 
ATOM   271  C  "C4'" . DT  B 2 1  ? -13.398 0.153   16.295  1.00 46.00 ? 1   DT  B "C4'" 1 
ATOM   272  O  "O4'" . DT  B 2 1  ? -14.697 0.330   15.689  1.00 45.90 ? 1   DT  B "O4'" 1 
ATOM   273  C  "C3'" . DT  B 2 1  ? -12.437 -0.104  15.138  1.00 45.94 ? 1   DT  B "C3'" 1 
ATOM   274  O  "O3'" . DT  B 2 1  ? -12.391 -1.522  14.938  1.00 50.14 ? 1   DT  B "O3'" 1 
ATOM   275  C  "C2'" . DT  B 2 1  ? -13.090 0.654   13.994  1.00 44.78 ? 1   DT  B "C2'" 1 
ATOM   276  C  "C1'" . DT  B 2 1  ? -14.575 0.473   14.282  1.00 43.79 ? 1   DT  B "C1'" 1 
ATOM   277  N  N1    . DT  B 2 1  ? -15.463 1.578   13.869  1.00 42.07 ? 1   DT  B N1    1 
ATOM   278  C  C2    . DT  B 2 1  ? -16.661 1.244   13.287  1.00 39.19 ? 1   DT  B C2    1 
ATOM   279  O  O2    . DT  B 2 1  ? -16.998 0.093   13.070  1.00 40.09 ? 1   DT  B O2    1 
ATOM   280  N  N3    . DT  B 2 1  ? -17.454 2.314   12.956  1.00 36.59 ? 1   DT  B N3    1 
ATOM   281  C  C4    . DT  B 2 1  ? -17.182 3.651   13.162  1.00 37.32 ? 1   DT  B C4    1 
ATOM   282  O  O4    . DT  B 2 1  ? -17.994 4.503   12.816  1.00 38.84 ? 1   DT  B O4    1 
ATOM   283  C  C5    . DT  B 2 1  ? -15.913 3.929   13.794  1.00 39.55 ? 1   DT  B C5    1 
ATOM   284  C  C7    . DT  B 2 1  ? -15.530 5.351   14.054  1.00 39.47 ? 1   DT  B C7    1 
ATOM   285  C  C6    . DT  B 2 1  ? -15.131 2.892   14.117  1.00 41.36 ? 1   DT  B C6    1 
ATOM   286  P  P     . DT  B 2 2  ? -11.351 -2.177  13.927  1.00 48.12 ? 2   DT  B P     1 
ATOM   287  O  OP1   . DT  B 2 2  ? -10.786 -3.374  14.569  1.00 46.83 ? 2   DT  B OP1   1 
ATOM   288  O  OP2   . DT  B 2 2  ? -10.453 -1.112  13.448  1.00 49.54 ? 2   DT  B OP2   1 
ATOM   289  O  "O5'" . DT  B 2 2  ? -12.283 -2.669  12.737  1.00 44.38 ? 2   DT  B "O5'" 1 
ATOM   290  C  "C5'" . DT  B 2 2  ? -13.704 -2.475  12.816  1.00 42.96 ? 2   DT  B "C5'" 1 
ATOM   291  C  "C4'" . DT  B 2 2  ? -14.431 -3.292  11.774  1.00 42.27 ? 2   DT  B "C4'" 1 
ATOM   292  O  "O4'" . DT  B 2 2  ? -15.520 -2.520  11.229  1.00 43.97 ? 2   DT  B "O4'" 1 
ATOM   293  C  "C3'" . DT  B 2 2  ? -13.603 -3.703  10.565  1.00 39.47 ? 2   DT  B "C3'" 1 
ATOM   294  O  "O3'" . DT  B 2 2  ? -14.215 -4.877  10.034  1.00 41.24 ? 2   DT  B "O3'" 1 
ATOM   295  C  "C2'" . DT  B 2 2  ? -13.771 -2.516  9.634   1.00 37.34 ? 2   DT  B "C2'" 1 
ATOM   296  C  "C1'" . DT  B 2 2  ? -15.188 -2.039  9.934   1.00 36.80 ? 2   DT  B "C1'" 1 
ATOM   297  N  N1    . DT  B 2 2  ? -15.362 -0.578  9.944   1.00 37.52 ? 2   DT  B N1    1 
ATOM   298  C  C2    . DT  B 2 2  ? -16.600 -0.070  9.631   1.00 34.58 ? 2   DT  B C2    1 
ATOM   299  O  O2    . DT  B 2 2  ? -17.553 -0.770  9.337   1.00 35.30 ? 2   DT  B O2    1 
ATOM   300  N  N3    . DT  B 2 2  ? -16.684 1.298   9.676   1.00 33.62 ? 2   DT  B N3    1 
ATOM   301  C  C4    . DT  B 2 2  ? -15.678 2.186   10.001  1.00 35.33 ? 2   DT  B C4    1 
ATOM   302  O  O4    . DT  B 2 2  ? -15.904 3.391   10.005  1.00 36.16 ? 2   DT  B O4    1 
ATOM   303  C  C5    . DT  B 2 2  ? -14.407 1.584   10.322  1.00 36.65 ? 2   DT  B C5    1 
ATOM   304  C  C7    . DT  B 2 2  ? -13.257 2.468   10.684  1.00 36.82 ? 2   DT  B C7    1 
ATOM   305  C  C6    . DT  B 2 2  ? -14.314 0.250   10.280  1.00 37.26 ? 2   DT  B C6    1 
ATOM   306  P  P     . DC  B 2 3  ? -13.423 -5.919  9.115   1.00 42.38 ? 3   DC  B P     1 
ATOM   307  O  OP1   . DC  B 2 3  ? -13.827 -7.282  9.512   1.00 41.84 ? 3   DC  B OP1   1 
ATOM   308  O  OP2   . DC  B 2 3  ? -12.004 -5.540  9.113   1.00 41.86 ? 3   DC  B OP2   1 
ATOM   309  O  "O5'" . DC  B 2 3  ? -14.009 -5.597  7.673   1.00 38.63 ? 3   DC  B "O5'" 1 
ATOM   310  C  "C5'" . DC  B 2 3  ? -15.402 -5.781  7.386   1.00 35.58 ? 3   DC  B "C5'" 1 
ATOM   311  C  "C4'" . DC  B 2 3  ? -15.732 -5.231  6.020   1.00 32.20 ? 3   DC  B "C4'" 1 
ATOM   312  O  "O4'" . DC  B 2 3  ? -16.078 -3.840  6.143   1.00 32.47 ? 3   DC  B "O4'" 1 
ATOM   313  C  "C3'" . DC  B 2 3  ? -14.584 -5.283  5.019   1.00 30.98 ? 3   DC  B "C3'" 1 
ATOM   314  O  "O3'" . DC  B 2 3  ? -14.672 -6.527  4.310   1.00 28.49 ? 3   DC  B "O3'" 1 
ATOM   315  C  "C2'" . DC  B 2 3  ? -14.835 -4.069  4.136   1.00 29.28 ? 3   DC  B "C2'" 1 
ATOM   316  C  "C1'" . DC  B 2 3  ? -15.689 -3.124  4.985   1.00 30.51 ? 3   DC  B "C1'" 1 
ATOM   317  N  N1    . DC  B 2 3  ? -15.016 -1.898  5.432   1.00 29.00 ? 3   DC  B N1    1 
ATOM   318  C  C2    . DC  B 2 3  ? -15.787 -0.774  5.739   1.00 28.34 ? 3   DC  B C2    1 
ATOM   319  O  O2    . DC  B 2 3  ? -17.015 -0.833  5.597   1.00 28.92 ? 3   DC  B O2    1 
ATOM   320  N  N3    . DC  B 2 3  ? -15.174 0.349   6.177   1.00 30.08 ? 3   DC  B N3    1 
ATOM   321  C  C4    . DC  B 2 3  ? -13.849 0.373   6.316   1.00 32.08 ? 3   DC  B C4    1 
ATOM   322  N  N4    . DC  B 2 3  ? -13.287 1.501   6.748   1.00 30.55 ? 3   DC  B N4    1 
ATOM   323  C  C5    . DC  B 2 3  ? -13.041 -0.763  6.024   1.00 28.78 ? 3   DC  B C5    1 
ATOM   324  C  C6    . DC  B 2 3  ? -13.660 -1.867  5.592   1.00 29.45 ? 3   DC  B C6    1 
ATOM   325  P  P     . DT  B 2 4  ? -13.398 -7.173  3.553   1.00 32.30 ? 4   DT  B P     1 
ATOM   326  O  OP1   . DT  B 2 4  ? -13.669 -8.599  3.336   1.00 31.64 ? 4   DT  B OP1   1 
ATOM   327  O  OP2   . DT  B 2 4  ? -12.182 -6.759  4.267   1.00 29.60 ? 4   DT  B OP2   1 
ATOM   328  O  "O5'" . DT  B 2 4  ? -13.430 -6.419  2.157   1.00 28.71 ? 4   DT  B "O5'" 1 
ATOM   329  C  "C5'" . DT  B 2 4  ? -12.977 -7.012  0.945   1.00 27.68 ? 4   DT  B "C5'" 1 
ATOM   330  C  "C4'" . DT  B 2 4  ? -13.045 -5.970  -0.143  1.00 26.62 ? 4   DT  B "C4'" 1 
ATOM   331  O  "O4'" . DT  B 2 4  ? -14.396 -5.916  -0.655  1.00 28.62 ? 4   DT  B "O4'" 1 
ATOM   332  C  "C3'" . DT  B 2 4  ? -12.727 -4.554  0.339   1.00 25.83 ? 4   DT  B "C3'" 1 
ATOM   333  O  "O3'" . DT  B 2 4  ? -12.141 -3.799  -0.716  1.00 27.86 ? 4   DT  B "O3'" 1 
ATOM   334  C  "C2'" . DT  B 2 4  ? -14.099 -3.975  0.614   1.00 27.16 ? 4   DT  B "C2'" 1 
ATOM   335  C  "C1'" . DT  B 2 4  ? -14.928 -4.616  -0.482  1.00 27.08 ? 4   DT  B "C1'" 1 
ATOM   336  N  N1    . DT  B 2 4  ? -16.356 -4.747  -0.143  1.00 28.31 ? 4   DT  B N1    1 
ATOM   337  C  C2    . DT  B 2 4  ? -17.274 -4.140  -0.964  1.00 29.10 ? 4   DT  B C2    1 
ATOM   338  O  O2    . DT  B 2 4  ? -16.965 -3.526  -1.969  1.00 29.61 ? 4   DT  B O2    1 
ATOM   339  N  N3    . DT  B 2 4  ? -18.580 -4.286  -0.567  1.00 30.02 ? 4   DT  B N3    1 
ATOM   340  C  C4    . DT  B 2 4  ? -19.042 -4.956  0.547   1.00 30.96 ? 4   DT  B C4    1 
ATOM   341  O  O4    . DT  B 2 4  ? -20.245 -5.001  0.778   1.00 35.11 ? 4   DT  B O4    1 
ATOM   342  C  C5    . DT  B 2 4  ? -18.023 -5.560  1.370   1.00 27.72 ? 4   DT  B C5    1 
ATOM   343  C  C7    . DT  B 2 4  ? -18.433 -6.306  2.600   1.00 29.30 ? 4   DT  B C7    1 
ATOM   344  C  C6    . DT  B 2 4  ? -16.747 -5.421  0.992   1.00 28.71 ? 4   DT  B C6    1 
ATOM   345  P  P     . DG  B 2 5  ? -11.059 -2.656  -0.406  1.00 24.11 ? 5   DG  B P     1 
ATOM   346  O  OP1   . DG  B 2 5  ? -11.701 -1.625  0.410   1.00 25.62 ? 5   DG  B OP1   1 
ATOM   347  O  OP2   . DG  B 2 5  ? -10.440 -2.286  -1.681  1.00 28.52 ? 5   DG  B OP2   1 
ATOM   348  O  "O5'" . DG  B 2 5  ? -10.000 -3.395  0.518   1.00 22.17 ? 5   DG  B "O5'" 1 
ATOM   349  C  "C5'" . DG  B 2 5  ? -9.200  -4.461  0.003   1.00 22.64 ? 5   DG  B "C5'" 1 
ATOM   350  C  "C4'" . DG  B 2 5  ? -7.858  -4.510  0.696   1.00 22.83 ? 5   DG  B "C4'" 1 
ATOM   351  O  "O4'" . DG  B 2 5  ? -6.927  -3.612  0.049   1.00 23.36 ? 5   DG  B "O4'" 1 
ATOM   352  C  "C3'" . DG  B 2 5  ? -7.843  -4.139  2.178   1.00 21.55 ? 5   DG  B "C3'" 1 
ATOM   353  O  "O3'" . DG  B 2 5  ? -6.895  -5.008  2.815   1.00 18.17 ? 5   DG  B "O3'" 1 
ATOM   354  C  "C2'" . DG  B 2 5  ? -7.435  -2.674  2.156   1.00 19.07 ? 5   DG  B "C2'" 1 
ATOM   355  C  "C1'" . DG  B 2 5  ? -6.547  -2.558  0.920   1.00 23.52 ? 5   DG  B "C1'" 1 
ATOM   356  N  N9    . DG  B 2 5  ? -6.681  -1.304  0.182   1.00 18.32 ? 5   DG  B N9    1 
ATOM   357  C  C8    . DG  B 2 5  ? -7.829  -0.569  0.008   1.00 17.98 ? 5   DG  B C8    1 
ATOM   358  N  N7    . DG  B 2 5  ? -7.647  0.500   -0.718  1.00 21.47 ? 5   DG  B N7    1 
ATOM   359  C  C5    . DG  B 2 5  ? -6.302  0.463   -1.056  1.00 19.66 ? 5   DG  B C5    1 
ATOM   360  C  C6    . DG  B 2 5  ? -5.519  1.364   -1.835  1.00 22.83 ? 5   DG  B C6    1 
ATOM   361  O  O6    . DG  B 2 5  ? -5.875  2.407   -2.394  1.00 22.29 ? 5   DG  B O6    1 
ATOM   362  N  N1    . DG  B 2 5  ? -4.192  0.953   -1.915  1.00 22.01 ? 5   DG  B N1    1 
ATOM   363  C  C2    . DG  B 2 5  ? -3.681  -0.179  -1.329  1.00 21.94 ? 5   DG  B C2    1 
ATOM   364  N  N2    . DG  B 2 5  ? -2.376  -0.406  -1.527  1.00 22.56 ? 5   DG  B N2    1 
ATOM   365  N  N3    . DG  B 2 5  ? -4.396  -1.022  -0.597  1.00 21.21 ? 5   DG  B N3    1 
ATOM   366  C  C4    . DG  B 2 5  ? -5.690  -0.642  -0.504  1.00 20.84 ? 5   DG  B C4    1 
ATOM   367  P  P     . DC  B 2 6  ? -6.750  -5.087  4.411   1.00 23.29 ? 6   DC  B P     1 
ATOM   368  O  OP1   . DC  B 2 6  ? -6.320  -6.442  4.754   1.00 23.79 ? 6   DC  B OP1   1 
ATOM   369  O  OP2   . DC  B 2 6  ? -7.945  -4.493  5.023   1.00 22.73 ? 6   DC  B OP2   1 
ATOM   370  O  "O5'" . DC  B 2 6  ? -5.534  -4.096  4.679   1.00 22.09 ? 6   DC  B "O5'" 1 
ATOM   371  C  "C5'" . DC  B 2 6  ? -4.261  -4.330  4.062   1.00 19.95 ? 6   DC  B "C5'" 1 
ATOM   372  C  "C4'" . DC  B 2 6  ? -3.318  -3.166  4.262   1.00 20.41 ? 6   DC  B "C4'" 1 
ATOM   373  O  "O4'" . DC  B 2 6  ? -3.538  -2.150  3.265   1.00 27.94 ? 6   DC  B "O4'" 1 
ATOM   374  C  "C3'" . DC  B 2 6  ? -3.410  -2.460  5.616   1.00 19.90 ? 6   DC  B "C3'" 1 
ATOM   375  O  "O3'" . DC  B 2 6  ? -2.179  -2.628  6.310   1.00 27.16 ? 6   DC  B "O3'" 1 
ATOM   376  C  "C2'" . DC  B 2 6  ? -3.600  -0.990  5.273   1.00 24.19 ? 6   DC  B "C2'" 1 
ATOM   377  C  "C1'" . DC  B 2 6  ? -3.177  -0.907  3.821   1.00 19.21 ? 6   DC  B "C1'" 1 
ATOM   378  N  N1    . DC  B 2 6  ? -3.861  0.145   3.060   1.00 20.25 ? 6   DC  B N1    1 
ATOM   379  C  C2    . DC  B 2 6  ? -3.104  0.991   2.248   1.00 22.04 ? 6   DC  B C2    1 
ATOM   380  O  O2    . DC  B 2 6  ? -1.877  0.832   2.199   1.00 22.89 ? 6   DC  B O2    1 
ATOM   381  N  N3    . DC  B 2 6  ? -3.726  1.960   1.542   1.00 18.84 ? 6   DC  B N3    1 
ATOM   382  C  C4    . DC  B 2 6  ? -5.049  2.106   1.631   1.00 21.63 ? 6   DC  B C4    1 
ATOM   383  N  N4    . DC  B 2 6  ? -5.620  3.076   0.917   1.00 20.51 ? 6   DC  B N4    1 
ATOM   384  C  C5    . DC  B 2 6  ? -5.844  1.257   2.452   1.00 21.66 ? 6   DC  B C5    1 
ATOM   385  C  C6    . DC  B 2 6  ? -5.214  0.306   3.150   1.00 21.92 ? 6   DC  B C6    1 
ATOM   386  P  P     . DA  B 2 7  ? -2.160  -3.367  7.698   1.00 25.95 ? 7   DA  B P     1 
ATOM   387  O  OP1   . DA  B 2 7  ? -3.418  -4.105  7.849   1.00 26.24 ? 7   DA  B OP1   1 
ATOM   388  O  OP2   . DA  B 2 7  ? -1.758  -2.394  8.721   1.00 26.55 ? 7   DA  B OP2   1 
ATOM   389  O  "O5'" . DA  B 2 7  ? -0.981  -4.405  7.524   1.00 24.18 ? 7   DA  B "O5'" 1 
ATOM   390  C  "C5'" . DA  B 2 7  ? -1.022  -5.404  6.503   1.00 23.11 ? 7   DA  B "C5'" 1 
ATOM   391  C  "C4'" . DA  B 2 7  ? 0.355   -6.003  6.374   1.00 21.47 ? 7   DA  B "C4'" 1 
ATOM   392  O  "O4'" . DA  B 2 7  ? 1.165   -5.103  5.589   1.00 24.28 ? 7   DA  B "O4'" 1 
ATOM   393  C  "C3'" . DA  B 2 7  ? 1.066   -6.151  7.716   1.00 23.27 ? 7   DA  B "C3'" 1 
ATOM   394  O  "O3'" . DA  B 2 7  ? 1.876   -7.323  7.746   1.00 26.67 ? 7   DA  B "O3'" 1 
ATOM   395  C  "C2'" . DA  B 2 7  ? 1.896   -4.887  7.815   1.00 24.00 ? 7   DA  B "C2'" 1 
ATOM   396  C  "C1'" . DA  B 2 7  ? 2.217   -4.564  6.368   1.00 23.23 ? 7   DA  B "C1'" 1 
ATOM   397  N  N9    . DA  B 2 7  ? 2.273   -3.129  6.115   1.00 23.56 ? 7   DA  B N9    1 
ATOM   398  C  C8    . DA  B 2 7  ? 1.243   -2.286  5.790   1.00 25.67 ? 7   DA  B C8    1 
ATOM   399  N  N7    . DA  B 2 7  ? 1.608   -1.036  5.649   1.00 24.98 ? 7   DA  B N7    1 
ATOM   400  C  C5    . DA  B 2 7  ? 2.971   -1.056  5.905   1.00 25.75 ? 7   DA  B C5    1 
ATOM   401  C  C6    . DA  B 2 7  ? 3.944   -0.044  5.926   1.00 26.56 ? 7   DA  B C6    1 
ATOM   402  N  N6    . DA  B 2 7  ? 3.685   1.238   5.667   1.00 26.61 ? 7   DA  B N6    1 
ATOM   403  N  N1    . DA  B 2 7  ? 5.214   -0.400  6.212   1.00 27.46 ? 7   DA  B N1    1 
ATOM   404  C  C2    . DA  B 2 7  ? 5.473   -1.686  6.474   1.00 28.93 ? 7   DA  B C2    1 
ATOM   405  N  N3    . DA  B 2 7  ? 4.644   -2.726  6.492   1.00 28.21 ? 7   DA  B N3    1 
ATOM   406  C  C4    . DA  B 2 7  ? 3.392   -2.338  6.200   1.00 26.13 ? 7   DA  B C4    1 
ATOM   407  P  P     . DG  B 2 8  ? 2.141   -8.071  9.117   1.00 30.75 ? 8   DG  B P     1 
ATOM   408  O  OP1   . DG  B 2 8  ? 0.855   -8.543  9.643   1.00 28.51 ? 8   DG  B OP1   1 
ATOM   409  O  OP2   . DG  B 2 8  ? 3.007   -7.215  9.949   1.00 23.10 ? 8   DG  B OP2   1 
ATOM   410  O  "O5'" . DG  B 2 8  ? 2.982   -9.333  8.656   1.00 27.69 ? 8   DG  B "O5'" 1 
ATOM   411  C  "C5'" . DG  B 2 8  ? 3.798   -10.029 9.603   1.00 30.26 ? 8   DG  B "C5'" 1 
ATOM   412  C  "C4'" . DG  B 2 8  ? 4.680   -11.065 8.940   1.00 29.57 ? 8   DG  B "C4'" 1 
ATOM   413  O  "O4'" . DG  B 2 8  ? 4.317   -11.303 7.561   1.00 25.03 ? 8   DG  B "O4'" 1 
ATOM   414  C  "C3'" . DG  B 2 8  ? 6.163   -10.728 8.901   1.00 29.54 ? 8   DG  B "C3'" 1 
ATOM   415  O  "O3'" . DG  B 2 8  ? 6.755   -11.078 10.154  1.00 34.14 ? 8   DG  B "O3'" 1 
ATOM   416  C  "C2'" . DG  B 2 8  ? 6.651   -11.626 7.784   1.00 25.89 ? 8   DG  B "C2'" 1 
ATOM   417  C  "C1'" . DG  B 2 8  ? 5.483   -11.613 6.810   1.00 26.96 ? 8   DG  B "C1'" 1 
ATOM   418  N  N9    . DG  B 2 8  ? 5.614   -10.616 5.756   1.00 23.82 ? 8   DG  B N9    1 
ATOM   419  C  C8    . DG  B 2 8  ? 4.661   -9.721  5.338   1.00 20.15 ? 8   DG  B C8    1 
ATOM   420  N  N7    . DG  B 2 8  ? 5.070   -8.955  4.364   1.00 22.92 ? 8   DG  B N7    1 
ATOM   421  C  C5    . DG  B 2 8  ? 6.374   -9.366  4.129   1.00 24.13 ? 8   DG  B C5    1 
ATOM   422  C  C6    . DG  B 2 8  ? 7.329   -8.899  3.185   1.00 24.68 ? 8   DG  B C6    1 
ATOM   423  O  O6    . DG  B 2 8  ? 7.209   -7.998  2.351   1.00 24.75 ? 8   DG  B O6    1 
ATOM   424  N  N1    . DG  B 2 8  ? 8.525   -9.602  3.277   1.00 24.86 ? 8   DG  B N1    1 
ATOM   425  C  C2    . DG  B 2 8  ? 8.773   -10.622 4.164   1.00 25.10 ? 8   DG  B C2    1 
ATOM   426  N  N2    . DG  B 2 8  ? 9.993   -11.173 4.100   1.00 24.55 ? 8   DG  B N2    1 
ATOM   427  N  N3    . DG  B 2 8  ? 7.893   -11.063 5.050   1.00 25.73 ? 8   DG  B N3    1 
ATOM   428  C  C4    . DG  B 2 8  ? 6.722   -10.394 4.977   1.00 23.60 ? 8   DG  B C4    1 
ATOM   429  P  P     . DC  B 2 9  ? 8.066   -10.344 10.680  1.00 34.69 ? 9   DC  B P     1 
ATOM   430  O  OP1   . DC  B 2 9  ? 8.493   -11.024 11.913  1.00 32.19 ? 9   DC  B OP1   1 
ATOM   431  O  OP2   . DC  B 2 9  ? 7.816   -8.898  10.705  1.00 35.41 ? 9   DC  B OP2   1 
ATOM   432  O  "O5'" . DC  B 2 9  ? 9.137   -10.611 9.539   1.00 31.03 ? 9   DC  B "O5'" 1 
ATOM   433  C  "C5'" . DC  B 2 9  ? 10.085  -11.676 9.644   1.00 30.35 ? 9   DC  B "C5'" 1 
ATOM   434  C  "C4'" . DC  B 2 9  ? 11.278  -11.394 8.760   1.00 26.64 ? 9   DC  B "C4'" 1 
ATOM   435  O  "O4'" . DC  B 2 9  ? 10.846  -11.178 7.401   1.00 26.39 ? 9   DC  B "O4'" 1 
ATOM   436  C  "C3'" . DC  B 2 9  ? 12.055  -10.133 9.117   1.00 27.43 ? 9   DC  B "C3'" 1 
ATOM   437  O  "O3'" . DC  B 2 9  ? 13.007  -10.363 10.154  1.00 29.77 ? 9   DC  B "O3'" 1 
ATOM   438  C  "C2'" . DC  B 2 9  ? 12.735  -9.802  7.805   1.00 23.60 ? 9   DC  B "C2'" 1 
ATOM   439  C  "C1'" . DC  B 2 9  ? 11.694  -10.222 6.773   1.00 24.55 ? 9   DC  B "C1'" 1 
ATOM   440  N  N1    . DC  B 2 9  ? 10.853  -9.119  6.287   1.00 24.62 ? 9   DC  B N1    1 
ATOM   441  C  C2    . DC  B 2 9  ? 11.282  -8.389  5.178   1.00 26.71 ? 9   DC  B C2    1 
ATOM   442  O  O2    . DC  B 2 9  ? 12.354  -8.692  4.644   1.00 27.15 ? 9   DC  B O2    1 
ATOM   443  N  N3    . DC  B 2 9  ? 10.523  -7.367  4.725   1.00 24.62 ? 9   DC  B N3    1 
ATOM   444  C  C4    . DC  B 2 9  ? 9.375   -7.069  5.334   1.00 23.37 ? 9   DC  B C4    1 
ATOM   445  N  N4    . DC  B 2 9  ? 8.655   -6.058  4.849   1.00 23.89 ? 9   DC  B N4    1 
ATOM   446  C  C5    . DC  B 2 9  ? 8.914   -7.797  6.468   1.00 27.17 ? 9   DC  B C5    1 
ATOM   447  C  C6    . DC  B 2 9  ? 9.679   -8.803  6.909   1.00 25.20 ? 9   DC  B C6    1 
ATOM   448  P  P     . DT  B 2 10 ? 13.581  -9.150  11.067  1.00 35.52 ? 10  DT  B P     1 
ATOM   449  O  OP1   . DT  B 2 10 ? 14.253  -9.739  12.234  1.00 34.55 ? 10  DT  B OP1   1 
ATOM   450  O  OP2   . DT  B 2 10 ? 12.499  -8.166  11.264  1.00 35.27 ? 10  DT  B OP2   1 
ATOM   451  O  "O5'" . DT  B 2 10 ? 14.677  -8.504  10.107  1.00 30.70 ? 10  DT  B "O5'" 1 
ATOM   452  C  "C5'" . DT  B 2 10 ? 15.780  -9.283  9.609   1.00 28.90 ? 10  DT  B "C5'" 1 
ATOM   453  C  "C4'" . DT  B 2 10 ? 16.566  -8.536  8.552   1.00 27.43 ? 10  DT  B "C4'" 1 
ATOM   454  O  "O4'" . DT  B 2 10 ? 15.761  -8.341  7.373   1.00 25.22 ? 10  DT  B "O4'" 1 
ATOM   455  C  "C3'" . DT  B 2 10 ? 17.058  -7.140  8.923   1.00 26.82 ? 10  DT  B "C3'" 1 
ATOM   456  O  "O3'" . DT  B 2 10 ? 18.346  -7.182  9.533   1.00 27.48 ? 10  DT  B "O3'" 1 
ATOM   457  C  "C2'" . DT  B 2 10 ? 17.217  -6.479  7.570   1.00 26.23 ? 10  DT  B "C2'" 1 
ATOM   458  C  "C1'" . DT  B 2 10 ? 16.158  -7.150  6.706   1.00 26.59 ? 10  DT  B "C1'" 1 
ATOM   459  N  N1    . DT  B 2 10 ? 14.957  -6.325  6.497   1.00 26.62 ? 10  DT  B N1    1 
ATOM   460  C  C2    . DT  B 2 10 ? 14.967  -5.443  5.445   1.00 26.21 ? 10  DT  B C2    1 
ATOM   461  O  O2    . DT  B 2 10 ? 15.912  -5.324  4.687   1.00 26.22 ? 10  DT  B O2    1 
ATOM   462  N  N3    . DT  B 2 10 ? 13.817  -4.708  5.305   1.00 25.31 ? 10  DT  B N3    1 
ATOM   463  C  C4    . DT  B 2 10 ? 12.694  -4.755  6.106   1.00 24.11 ? 10  DT  B C4    1 
ATOM   464  O  O4    . DT  B 2 10 ? 11.738  -4.032  5.860   1.00 24.49 ? 10  DT  B O4    1 
ATOM   465  C  C5    . DT  B 2 10 ? 12.757  -5.698  7.199   1.00 25.75 ? 10  DT  B C5    1 
ATOM   466  C  C7    . DT  B 2 10 ? 11.585  -5.821  8.120   1.00 24.87 ? 10  DT  B C7    1 
ATOM   467  C  C6    . DT  B 2 10 ? 13.872  -6.426  7.337   1.00 26.40 ? 10  DT  B C6    1 
ATOM   468  P  P     . DG  B 2 11 ? 18.661  -6.263  10.783  1.00 32.49 ? 11  DG  B P     1 
ATOM   469  O  OP1   . DG  B 2 11 ? 20.059  -6.491  11.173  1.00 36.74 ? 11  DG  B OP1   1 
ATOM   470  O  OP2   . DG  B 2 11 ? 17.587  -6.460  11.774  1.00 32.46 ? 11  DG  B OP2   1 
ATOM   471  O  "O5'" . DG  B 2 11 ? 18.549  -4.789  10.196  1.00 34.51 ? 11  DG  B "O5'" 1 
ATOM   472  C  "C5'" . DG  B 2 11 ? 19.511  -4.293  9.256   1.00 27.73 ? 11  DG  B "C5'" 1 
ATOM   473  C  "C4'" . DG  B 2 11 ? 20.032  -2.949  9.706   1.00 31.87 ? 11  DG  B "C4'" 1 
ATOM   474  O  "O4'" . DG  B 2 11 ? 19.024  -1.936  9.480   1.00 33.54 ? 11  DG  B "O4'" 1 
ATOM   475  C  "C3'" . DG  B 2 11 ? 20.375  -2.855  11.192  1.00 30.48 ? 11  DG  B "C3'" 1 
ATOM   476  O  "O3'" . DG  B 2 11 ? 21.373  -1.848  11.347  1.00 33.57 ? 11  DG  B "O3'" 1 
ATOM   477  C  "C2'" . DG  B 2 11 ? 19.108  -2.272  11.782  1.00 31.23 ? 11  DG  B "C2'" 1 
ATOM   478  C  "C1'" . DG  B 2 11 ? 18.766  -1.269  10.700  1.00 33.02 ? 11  DG  B "C1'" 1 
ATOM   479  N  N9    . DG  B 2 11 ? 17.391  -0.786  10.670  1.00 30.38 ? 11  DG  B N9    1 
ATOM   480  C  C8    . DG  B 2 11 ? 16.371  -1.103  11.533  1.00 32.78 ? 11  DG  B C8    1 
ATOM   481  N  N7    . DG  B 2 11 ? 15.255  -0.485  11.257  1.00 32.13 ? 11  DG  B N7    1 
ATOM   482  C  C5    . DG  B 2 11 ? 15.558  0.288   10.145  1.00 30.62 ? 11  DG  B C5    1 
ATOM   483  C  C6    . DG  B 2 11 ? 14.742  1.176   9.389   1.00 32.91 ? 11  DG  B C6    1 
ATOM   484  O  O6    . DG  B 2 11 ? 13.553  1.459   9.557   1.00 35.09 ? 11  DG  B O6    1 
ATOM   485  N  N1    . DG  B 2 11 ? 15.451  1.761   8.345   1.00 31.95 ? 11  DG  B N1    1 
ATOM   486  C  C2    . DG  B 2 11 ? 16.768  1.508   8.051   1.00 29.00 ? 11  DG  B C2    1 
ATOM   487  N  N2    . DG  B 2 11 ? 17.280  2.177   7.008   1.00 31.15 ? 11  DG  B N2    1 
ATOM   488  N  N3    . DG  B 2 11 ? 17.542  0.694   8.754   1.00 31.60 ? 11  DG  B N3    1 
ATOM   489  C  C4    . DG  B 2 11 ? 16.874  0.118   9.776   1.00 31.38 ? 11  DG  B C4    1 
ATOM   490  P  P     . DA  B 2 12 ? 22.891  -2.215  11.641  1.00 38.23 ? 12  DA  B P     1 
ATOM   491  O  OP1   . DA  B 2 12 ? 23.179  -3.508  11.007  1.00 31.30 ? 12  DA  B OP1   1 
ATOM   492  O  OP2   . DA  B 2 12 ? 23.130  -2.033  13.081  1.00 38.67 ? 12  DA  B OP2   1 
ATOM   493  O  "O5'" . DA  B 2 12 ? 23.685  -1.072  10.865  1.00 29.62 ? 12  DA  B "O5'" 1 
ATOM   494  C  "C5'" . DA  B 2 12 ? 23.838  -1.114  9.436   1.00 31.17 ? 12  DA  B "C5'" 1 
ATOM   495  C  "C4'" . DA  B 2 12 ? 23.838  0.276   8.839   1.00 30.99 ? 12  DA  B "C4'" 1 
ATOM   496  O  "O4'" . DA  B 2 12 ? 22.533  0.881   8.969   1.00 30.34 ? 12  DA  B "O4'" 1 
ATOM   497  C  "C3'" . DA  B 2 12 ? 24.810  1.270   9.470   1.00 29.14 ? 12  DA  B "C3'" 1 
ATOM   498  O  "O3'" . DA  B 2 12 ? 25.293  2.129   8.429   1.00 32.11 ? 12  DA  B "O3'" 1 
ATOM   499  C  "C2'" . DA  B 2 12 ? 23.941  1.971   10.498  1.00 28.05 ? 12  DA  B "C2'" 1 
ATOM   500  C  "C1'" . DA  B 2 12 ? 22.600  2.032   9.800   1.00 31.46 ? 12  DA  B "C1'" 1 
ATOM   501  N  N9    . DA  B 2 12 ? 21.452  1.988   10.697  1.00 29.72 ? 12  DA  B N9    1 
ATOM   502  C  C8    . DA  B 2 12 ? 21.313  1.306   11.878  1.00 32.35 ? 12  DA  B C8    1 
ATOM   503  N  N7    . DA  B 2 12 ? 20.128  1.424   12.420  1.00 30.84 ? 12  DA  B N7    1 
ATOM   504  C  C5    . DA  B 2 12 ? 19.446  2.260   11.549  1.00 29.92 ? 12  DA  B C5    1 
ATOM   505  C  C6    . DA  B 2 12 ? 18.138  2.763   11.554  1.00 33.17 ? 12  DA  B C6    1 
ATOM   506  N  N6    . DA  B 2 12 ? 17.259  2.528   12.529  1.00 33.73 ? 12  DA  B N6    1 
ATOM   507  N  N1    . DA  B 2 12 ? 17.779  3.582   10.541  1.00 32.34 ? 12  DA  B N1    1 
ATOM   508  C  C2    . DA  B 2 12 ? 18.674  3.846   9.581   1.00 31.29 ? 12  DA  B C2    1 
ATOM   509  N  N3    . DA  B 2 12 ? 19.916  3.400   9.446   1.00 28.71 ? 12  DA  B N3    1 
ATOM   510  C  C4    . DA  B 2 12 ? 20.249  2.610   10.480  1.00 28.95 ? 12  DA  B C4    1 
ATOM   511  P  P     . DA  B 2 13 ? 26.213  3.396   8.749   1.00 32.83 ? 13  DA  B P     1 
ATOM   512  O  OP1   . DA  B 2 13 ? 27.077  3.634   7.592   1.00 37.51 ? 13  DA  B OP1   1 
ATOM   513  O  OP2   . DA  B 2 13 ? 26.855  3.211   10.058  1.00 33.36 ? 13  DA  B OP2   1 
ATOM   514  O  "O5'" . DA  B 2 13 ? 25.161  4.582   8.826   1.00 31.28 ? 13  DA  B "O5'" 1 
ATOM   515  C  "C5'" . DA  B 2 13 ? 24.607  5.135   7.630   1.00 29.58 ? 13  DA  B "C5'" 1 
ATOM   516  C  "C4'" . DA  B 2 13 ? 23.730  6.315   7.969   1.00 31.01 ? 13  DA  B "C4'" 1 
ATOM   517  O  "O4'" . DA  B 2 13 ? 22.667  5.885   8.849   1.00 29.78 ? 13  DA  B "O4'" 1 
ATOM   518  C  "C3'" . DA  B 2 13 ? 24.453  7.446   8.703   1.00 29.84 ? 13  DA  B "C3'" 1 
ATOM   519  O  "O3'" . DA  B 2 13 ? 23.979  8.708   8.241   1.00 29.87 ? 13  DA  B "O3'" 1 
ATOM   520  C  "C2'" . DA  B 2 13 ? 23.998  7.275   10.137  1.00 29.08 ? 13  DA  B "C2'" 1 
ATOM   521  C  "C1'" . DA  B 2 13 ? 22.585  6.791   9.925   1.00 29.66 ? 13  DA  B "C1'" 1 
ATOM   522  N  N9    . DA  B 2 13 ? 22.004  6.097   11.067  1.00 28.35 ? 13  DA  B N9    1 
ATOM   523  C  C8    . DA  B 2 13 ? 22.612  5.234   11.942  1.00 29.94 ? 13  DA  B C8    1 
ATOM   524  N  N7    . DA  B 2 13 ? 21.820  4.800   12.892  1.00 29.55 ? 13  DA  B N7    1 
ATOM   525  C  C5    . DA  B 2 13 ? 20.611  5.426   12.628  1.00 30.35 ? 13  DA  B C5    1 
ATOM   526  C  C6    . DA  B 2 13 ? 19.368  5.395   13.279  1.00 31.37 ? 13  DA  B C6    1 
ATOM   527  N  N6    . DA  B 2 13 ? 19.115  4.644   14.351  1.00 30.52 ? 13  DA  B N6    1 
ATOM   528  N  N1    . DA  B 2 13 ? 18.363  6.123   12.750  1.00 31.27 ? 13  DA  B N1    1 
ATOM   529  C  C2    . DA  B 2 13 ? 18.613  6.860   11.663  1.00 32.04 ? 13  DA  B C2    1 
ATOM   530  N  N3    . DA  B 2 13 ? 19.739  6.982   10.968  1.00 29.82 ? 13  DA  B N3    1 
ATOM   531  C  C4    . DA  B 2 13 ? 20.713  6.234   11.512  1.00 27.83 ? 13  DA  B C4    1 
ATOM   532  P  P     . DT  C 1 1  ? 2.620   -14.816 -11.771 1.00 51.19 ? 1   DT  C P     1 
ATOM   533  O  OP1   . DT  C 1 1  ? 3.487   -15.806 -11.100 1.00 45.81 ? 1   DT  C OP1   1 
ATOM   534  O  OP2   . DT  C 1 1  ? 2.061   -13.686 -10.995 1.00 46.56 ? 1   DT  C OP2   1 
ATOM   535  O  "O5'" . DT  C 1 1  ? 1.438   -15.542 -12.558 0.00 44.58 ? 1   DT  C "O5'" 1 
ATOM   536  C  "C5'" . DT  C 1 1  ? 1.333   -16.979 -12.610 1.00 45.97 ? 1   DT  C "C5'" 1 
ATOM   537  C  "C4'" . DT  C 1 1  ? 0.036   -17.426 -11.975 1.00 42.34 ? 1   DT  C "C4'" 1 
ATOM   538  O  "O4'" . DT  C 1 1  ? 0.214   -18.713 -11.346 1.00 42.01 ? 1   DT  C "O4'" 1 
ATOM   539  C  "C3'" . DT  C 1 1  ? -0.446  -16.514 -10.858 1.00 43.42 ? 1   DT  C "C3'" 1 
ATOM   540  O  "O3'" . DT  C 1 1  ? -1.833  -16.721 -10.640 1.00 44.26 ? 1   DT  C "O3'" 1 
ATOM   541  C  "C2'" . DT  C 1 1  ? 0.298   -17.054 -9.657  1.00 39.91 ? 1   DT  C "C2'" 1 
ATOM   542  C  "C1'" . DT  C 1 1  ? 0.371   -18.550 -9.940  1.00 39.99 ? 1   DT  C "C1'" 1 
ATOM   543  N  N1    . DT  C 1 1  ? 1.659   -19.139 -9.571  1.00 38.17 ? 1   DT  C N1    1 
ATOM   544  C  C2    . DT  C 1 1  ? 1.753   -19.891 -8.424  1.00 33.99 ? 1   DT  C C2    1 
ATOM   545  O  O2    . DT  C 1 1  ? 0.807   -20.100 -7.684  1.00 35.07 ? 1   DT  C O2    1 
ATOM   546  N  N3    . DT  C 1 1  ? 3.001   -20.403 -8.180  1.00 33.58 ? 1   DT  C N3    1 
ATOM   547  C  C4    . DT  C 1 1  ? 4.137   -20.236 -8.947  1.00 33.64 ? 1   DT  C C4    1 
ATOM   548  O  O4    . DT  C 1 1  ? 5.192   -20.753 -8.597  1.00 35.08 ? 1   DT  C O4    1 
ATOM   549  C  C5    . DT  C 1 1  ? 3.968   -19.425 -10.129 1.00 36.36 ? 1   DT  C C5    1 
ATOM   550  C  C7    . DT  C 1 1  ? 5.144   -19.185 -11.021 1.00 40.44 ? 1   DT  C C7    1 
ATOM   551  C  C6    . DT  C 1 1  ? 2.752   -18.929 -10.380 1.00 37.09 ? 1   DT  C C6    1 
ATOM   552  P  P     . DT  C 1 2  ? -2.774  -15.561 -9.988  1.00 50.77 ? 2   DT  C P     1 
ATOM   553  O  OP1   . DT  C 1 2  ? -4.183  -15.908 -10.235 1.00 47.04 ? 2   DT  C OP1   1 
ATOM   554  O  OP2   . DT  C 1 2  ? -2.244  -14.256 -10.421 1.00 49.15 ? 2   DT  C OP2   1 
ATOM   555  O  "O5'" . DT  C 1 2  ? -2.506  -15.734 -8.429  1.00 40.08 ? 2   DT  C "O5'" 1 
ATOM   556  C  "C5'" . DT  C 1 2  ? -3.367  -16.577 -7.645  1.00 39.28 ? 2   DT  C "C5'" 1 
ATOM   557  C  "C4'" . DT  C 1 2  ? -2.820  -16.797 -6.254  1.00 35.10 ? 2   DT  C "C4'" 1 
ATOM   558  O  "O4'" . DT  C 1 2  ? -1.511  -17.403 -6.303  1.00 32.09 ? 2   DT  C "O4'" 1 
ATOM   559  C  "C3'" . DT  C 1 2  ? -2.682  -15.548 -5.379  1.00 35.73 ? 2   DT  C "C3'" 1 
ATOM   560  O  "O3'" . DT  C 1 2  ? -3.391  -15.775 -4.166  1.00 38.23 ? 2   DT  C "O3'" 1 
ATOM   561  C  "C2'" . DT  C 1 2  ? -1.195  -15.479 -5.068  1.00 34.20 ? 2   DT  C "C2'" 1 
ATOM   562  C  "C1'" . DT  C 1 2  ? -0.757  -16.920 -5.217  1.00 33.20 ? 2   DT  C "C1'" 1 
ATOM   563  N  N1    . DT  C 1 2  ? 0.668   -17.111 -5.541  1.00 32.74 ? 2   DT  C N1    1 
ATOM   564  C  C2    . DT  C 1 2  ? 1.359   -18.105 -4.888  1.00 31.56 ? 2   DT  C C2    1 
ATOM   565  O  O2    . DT  C 1 2  ? 0.854   -18.822 -4.045  1.00 30.47 ? 2   DT  C O2    1 
ATOM   566  N  N3    . DT  C 1 2  ? 2.673   -18.227 -5.261  1.00 31.29 ? 2   DT  C N3    1 
ATOM   567  C  C4    . DT  C 1 2  ? 3.346   -17.474 -6.205  1.00 32.62 ? 2   DT  C C4    1 
ATOM   568  O  O4    . DT  C 1 2  ? 4.529   -17.697 -6.432  1.00 34.15 ? 2   DT  C O4    1 
ATOM   569  C  C5    . DT  C 1 2  ? 2.560   -16.451 -6.849  1.00 33.64 ? 2   DT  C C5    1 
ATOM   570  C  C7    . DT  C 1 2  ? 3.205   -15.585 -7.884  1.00 36.82 ? 2   DT  C C7    1 
ATOM   571  C  C6    . DT  C 1 2  ? 1.278   -16.323 -6.490  1.00 33.55 ? 2   DT  C C6    1 
ATOM   572  P  P     . DC  C 1 3  ? -4.310  -14.649 -3.541  1.00 38.53 ? 3   DC  C P     1 
ATOM   573  O  OP1   . DC  C 1 3  ? -5.655  -14.790 -4.118  1.00 42.74 ? 3   DC  C OP1   1 
ATOM   574  O  OP2   . DC  C 1 3  ? -3.599  -13.362 -3.637  1.00 35.79 ? 3   DC  C OP2   1 
ATOM   575  O  "O5'" . DC  C 1 3  ? -4.368  -15.075 -2.011  1.00 34.64 ? 3   DC  C "O5'" 1 
ATOM   576  C  "C5'" . DC  C 1 3  ? -4.496  -16.458 -1.645  1.00 33.96 ? 3   DC  C "C5'" 1 
ATOM   577  C  "C4'" . DC  C 1 3  ? -3.419  -16.846 -0.658  1.00 32.46 ? 3   DC  C "C4'" 1 
ATOM   578  O  "O4'" . DC  C 1 3  ? -2.174  -17.020 -1.359  1.00 32.38 ? 3   DC  C "O4'" 1 
ATOM   579  C  "C3'" . DC  C 1 3  ? -3.136  -15.804 0.417   1.00 30.32 ? 3   DC  C "C3'" 1 
ATOM   580  O  "O3'" . DC  C 1 3  ? -3.924  -16.091 1.575   1.00 29.42 ? 3   DC  C "O3'" 1 
ATOM   581  C  "C2'" . DC  C 1 3  ? -1.657  -15.989 0.712   1.00 31.52 ? 3   DC  C "C2'" 1 
ATOM   582  C  "C1'" . DC  C 1 3  ? -1.087  -16.699 -0.512  1.00 30.43 ? 3   DC  C "C1'" 1 
ATOM   583  N  N1    . DC  C 1 3  ? -0.134  -15.908 -1.297  1.00 30.11 ? 3   DC  C N1    1 
ATOM   584  C  C2    . DC  C 1 3  ? 1.111   -16.459 -1.605  1.00 28.71 ? 3   DC  C C2    1 
ATOM   585  O  O2    . DC  C 1 3  ? 1.383   -17.593 -1.188  1.00 29.96 ? 3   DC  C O2    1 
ATOM   586  N  N3    . DC  C 1 3  ? 1.985   -15.742 -2.343  1.00 30.01 ? 3   DC  C N3    1 
ATOM   587  C  C4    . DC  C 1 3  ? 1.652   -14.524 -2.774  1.00 31.07 ? 3   DC  C C4    1 
ATOM   588  N  N4    . DC  C 1 3  ? 2.546   -13.852 -3.500  1.00 29.56 ? 3   DC  C N4    1 
ATOM   589  C  C5    . DC  C 1 3  ? 0.387   -13.944 -2.483  1.00 30.27 ? 3   DC  C C5    1 
ATOM   590  C  C6    . DC  C 1 3  ? -0.469  -14.664 -1.750  1.00 29.38 ? 3   DC  C C6    1 
ATOM   591  P  P     . DT  C 1 4  ? -4.762  -14.942 2.276   1.00 31.38 ? 4   DT  C P     1 
ATOM   592  O  OP1   . DT  C 1 4  ? -5.830  -15.578 3.063   1.00 30.87 ? 4   DT  C OP1   1 
ATOM   593  O  OP2   . DT  C 1 4  ? -5.119  -13.947 1.252   1.00 34.64 ? 4   DT  C OP2   1 
ATOM   594  O  "O5'" . DT  C 1 4  ? -3.706  -14.286 3.269   1.00 28.90 ? 4   DT  C "O5'" 1 
ATOM   595  C  "C5'" . DT  C 1 4  ? -4.070  -13.181 4.103   1.00 27.49 ? 4   DT  C "C5'" 1 
ATOM   596  C  "C4'" . DT  C 1 4  ? -3.000  -12.901 5.132   1.00 26.48 ? 4   DT  C "C4'" 1 
ATOM   597  O  "O4'" . DT  C 1 4  ? -2.731  -14.090 5.905   1.00 28.54 ? 4   DT  C "O4'" 1 
ATOM   598  C  "C3'" . DT  C 1 4  ? -1.656  -12.443 4.572   1.00 24.66 ? 4   DT  C "C3'" 1 
ATOM   599  O  "O3'" . DT  C 1 4  ? -1.086  -11.431 5.401   1.00 25.37 ? 4   DT  C "O3'" 1 
ATOM   600  C  "C2'" . DT  C 1 4  ? -0.813  -13.703 4.597   1.00 25.82 ? 4   DT  C "C2'" 1 
ATOM   601  C  "C1'" . DT  C 1 4  ? -1.383  -14.499 5.760   1.00 26.91 ? 4   DT  C "C1'" 1 
ATOM   602  N  N1    . DT  C 1 4  ? -1.384  -15.957 5.543   1.00 27.97 ? 4   DT  C N1    1 
ATOM   603  C  C2    . DT  C 1 4  ? -0.325  -16.702 6.007   1.00 30.47 ? 4   DT  C C2    1 
ATOM   604  O  O2    . DT  C 1 4  ? 0.623   -16.217 6.597   1.00 30.01 ? 4   DT  C O2    1 
ATOM   605  N  N3    . DT  C 1 4  ? -0.420  -18.047 5.752   1.00 32.64 ? 4   DT  C N3    1 
ATOM   606  C  C4    . DT  C 1 4  ? -1.441  -18.702 5.092   1.00 32.60 ? 4   DT  C C4    1 
ATOM   607  O  O4    . DT  C 1 4  ? -1.388  -19.918 4.936   1.00 32.57 ? 4   DT  C O4    1 
ATOM   608  C  C5    . DT  C 1 4  ? -2.518  -17.858 4.632   1.00 30.23 ? 4   DT  C C5    1 
ATOM   609  C  C7    . DT  C 1 4  ? -3.669  -18.480 3.908   1.00 26.83 ? 4   DT  C C7    1 
ATOM   610  C  C6    . DT  C 1 4  ? -2.436  -16.546 4.877   1.00 28.32 ? 4   DT  C C6    1 
ATOM   611  P  P     . DG  C 1 5  ? -0.150  -10.294 4.761   1.00 22.78 ? 5   DG  C P     1 
ATOM   612  O  OP1   . DG  C 1 5  ? 0.769   -10.950 3.824   1.00 22.65 ? 5   DG  C OP1   1 
ATOM   613  O  OP2   . DG  C 1 5  ? 0.385   -9.473  5.848   1.00 21.93 ? 5   DG  C OP2   1 
ATOM   614  O  "O5'" . DG  C 1 5  ? -1.179  -9.413  3.930   1.00 19.01 ? 5   DG  C "O5'" 1 
ATOM   615  C  "C5'" . DG  C 1 5  ? -2.344  -8.862  4.553   1.00 17.89 ? 5   DG  C "C5'" 1 
ATOM   616  C  "C4'" . DG  C 1 5  ? -2.987  -7.848  3.637   1.00 21.72 ? 5   DG  C "C4'" 1 
ATOM   617  O  "O4'" . DG  C 1 5  ? -2.207  -6.634  3.617   1.00 18.66 ? 5   DG  C "O4'" 1 
ATOM   618  C  "C3'" . DG  C 1 5  ? -3.100  -8.287  2.182   1.00 18.27 ? 5   DG  C "C3'" 1 
ATOM   619  O  "O3'" . DG  C 1 5  ? -4.299  -7.731  1.652   1.00 19.90 ? 5   DG  C "O3'" 1 
ATOM   620  C  "C2'" . DG  C 1 5  ? -1.858  -7.691  1.545   1.00 19.91 ? 5   DG  C "C2'" 1 
ATOM   621  C  "C1'" . DG  C 1 5  ? -1.645  -6.410  2.336   1.00 20.87 ? 5   DG  C "C1'" 1 
ATOM   622  N  N9    . DG  C 1 5  ? -0.247  -6.047  2.532   1.00 19.35 ? 5   DG  C N9    1 
ATOM   623  C  C8    . DG  C 1 5  ? 0.774   -6.887  2.904   1.00 18.71 ? 5   DG  C C8    1 
ATOM   624  N  N7    . DG  C 1 5  ? 1.915   -6.273  3.049   1.00 21.13 ? 5   DG  C N7    1 
ATOM   625  C  C5    . DG  C 1 5  ? 1.628   -4.944  2.771   1.00 20.69 ? 5   DG  C C5    1 
ATOM   626  C  C6    . DG  C 1 5  ? 2.478   -3.804  2.754   1.00 21.85 ? 5   DG  C C6    1 
ATOM   627  O  O6    . DG  C 1 5  ? 3.686   -3.742  2.999   1.00 23.55 ? 5   DG  C O6    1 
ATOM   628  N  N1    . DG  C 1 5  ? 1.781   -2.650  2.409   1.00 20.11 ? 5   DG  C N1    1 
ATOM   629  C  C2    . DG  C 1 5  ? 0.441   -2.599  2.117   1.00 20.75 ? 5   DG  C C2    1 
ATOM   630  N  N2    . DG  C 1 5  ? -0.052  -1.390  1.816   1.00 19.75 ? 5   DG  C N2    1 
ATOM   631  N  N3    . DG  C 1 5  ? -0.361  -3.655  2.127   1.00 20.34 ? 5   DG  C N3    1 
ATOM   632  C  C4    . DG  C 1 5  ? 0.297   -4.787  2.455   1.00 19.28 ? 5   DG  C C4    1 
ATOM   633  P  P     . DC  C 1 6  ? -4.926  -8.144  0.202   1.00 21.94 ? 6   DC  C P     1 
ATOM   634  O  OP1   . DC  C 1 6  ? -6.386  -7.990  0.266   1.00 26.23 ? 6   DC  C OP1   1 
ATOM   635  O  OP2   . DC  C 1 6  ? -4.328  -9.418  -0.193  1.00 22.60 ? 6   DC  C OP2   1 
ATOM   636  O  "O5'" . DC  C 1 6  ? -4.266  -7.060  -0.753  1.00 23.57 ? 6   DC  C "O5'" 1 
ATOM   637  C  "C5'" . DC  C 1 6  ? -4.475  -5.669  -0.494  1.00 19.54 ? 6   DC  C "C5'" 1 
ATOM   638  C  "C4'" . DC  C 1 6  ? -3.543  -4.806  -1.311  1.00 20.23 ? 6   DC  C "C4'" 1 
ATOM   639  O  "O4'" . DC  C 1 6  ? -2.238  -4.775  -0.708  1.00 18.30 ? 6   DC  C "O4'" 1 
ATOM   640  C  "C3'" . DC  C 1 6  ? -3.318  -5.250  -2.758  1.00 23.43 ? 6   DC  C "C3'" 1 
ATOM   641  O  "O3'" . DC  C 1 6  ? -4.028  -4.391  -3.651  1.00 25.05 ? 6   DC  C "O3'" 1 
ATOM   642  C  "C2'" . DC  C 1 6  ? -1.814  -5.107  -2.962  1.00 24.61 ? 6   DC  C "C2'" 1 
ATOM   643  C  "C1'" . DC  C 1 6  ? -1.352  -4.369  -1.718  1.00 22.43 ? 6   DC  C "C1'" 1 
ATOM   644  N  N1    . DC  C 1 6  ? 0.021   -4.659  -1.274  1.00 18.45 ? 6   DC  C N1    1 
ATOM   645  C  C2    . DC  C 1 6  ? 0.917   -3.597  -1.145  1.00 20.06 ? 6   DC  C C2    1 
ATOM   646  O  O2    . DC  C 1 6  ? 0.530   -2.456  -1.416  1.00 21.63 ? 6   DC  C O2    1 
ATOM   647  N  N3    . DC  C 1 6  ? 2.183   -3.843  -0.745  1.00 20.81 ? 6   DC  C N3    1 
ATOM   648  C  C4    . DC  C 1 6  ? 2.566   -5.093  -0.480  1.00 21.87 ? 6   DC  C C4    1 
ATOM   649  N  N4    . DC  C 1 6  ? 3.820   -5.287  -0.070  1.00 21.44 ? 6   DC  C N4    1 
ATOM   650  C  C5    . DC  C 1 6  ? 1.667   -6.192  -0.581  1.00 20.82 ? 6   DC  C C5    1 
ATOM   651  C  C6    . DC  C 1 6  ? 0.418   -5.934  -0.986  1.00 21.30 ? 6   DC  C C6    1 
ATOM   652  P  P     . DT  C 1 7  ? -5.136  -4.990  -4.620  1.00 29.02 ? 7   DT  C P     1 
ATOM   653  O  OP1   . DT  C 1 7  ? -5.627  -6.243  -4.038  1.00 26.86 ? 7   DT  C OP1   1 
ATOM   654  O  OP2   . DT  C 1 7  ? -4.603  -4.985  -5.990  1.00 29.27 ? 7   DT  C OP2   1 
ATOM   655  O  "O5'" . DT  C 1 7  ? -6.310  -3.929  -4.513  1.00 30.94 ? 7   DT  C "O5'" 1 
ATOM   656  C  "C5'" . DT  C 1 7  ? -6.389  -2.833  -5.427  1.00 32.15 ? 7   DT  C "C5'" 1 
ATOM   657  C  "C4'" . DT  C 1 7  ? -7.437  -1.844  -4.974  1.00 29.40 ? 7   DT  C "C4'" 1 
ATOM   658  O  "O4'" . DT  C 1 7  ? -6.754  -0.724  -4.387  1.00 26.59 ? 7   DT  C "O4'" 1 
ATOM   659  C  "C3'" . DT  C 1 7  ? -8.242  -1.237  -6.113  1.00 30.95 ? 7   DT  C "C3'" 1 
ATOM   660  O  "O3'" . DT  C 1 7  ? -9.414  -0.565  -5.650  1.00 27.72 ? 7   DT  C "O3'" 1 
ATOM   661  C  "C2'" . DT  C 1 7  ? -7.289  -0.183  -6.631  1.00 27.53 ? 7   DT  C "C2'" 1 
ATOM   662  C  "C1'" . DT  C 1 7  ? -6.600  0.299   -5.361  1.00 28.68 ? 7   DT  C "C1'" 1 
ATOM   663  N  N1    . DT  C 1 7  ? -5.167  0.515   -5.559  1.00 27.08 ? 7   DT  C N1    1 
ATOM   664  C  C2    . DT  C 1 7  ? -4.760  1.754   -5.985  1.00 28.54 ? 7   DT  C C2    1 
ATOM   665  O  O2    . DT  C 1 7  ? -5.532  2.675   -6.175  1.00 32.87 ? 7   DT  C O2    1 
ATOM   666  N  N3    . DT  C 1 7  ? -3.406  1.879   -6.171  1.00 29.05 ? 7   DT  C N3    1 
ATOM   667  C  C4    . DT  C 1 7  ? -2.445  0.906   -5.982  1.00 26.14 ? 7   DT  C C4    1 
ATOM   668  O  O4    . DT  C 1 7  ? -1.266  1.160   -6.192  1.00 28.11 ? 7   DT  C O4    1 
ATOM   669  C  C5    . DT  C 1 7  ? -2.946  -0.375  -5.541  1.00 28.41 ? 7   DT  C C5    1 
ATOM   670  C  C7    . DT  C 1 7  ? -1.979  -1.492  -5.307  1.00 27.85 ? 7   DT  C C7    1 
ATOM   671  C  C6    . DT  C 1 7  ? -4.264  -0.505  -5.359  1.00 28.99 ? 7   DT  C C6    1 
ATOM   672  P  P     . DG  C 1 8  ? -10.589 -0.248  -6.665  1.00 32.39 ? 8   DG  C P     1 
ATOM   673  O  OP1   . DG  C 1 8  ? -10.993 -1.510  -7.299  1.00 38.79 ? 8   DG  C OP1   1 
ATOM   674  O  OP2   . DG  C 1 8  ? -10.185 0.889   -7.507  1.00 36.83 ? 8   DG  C OP2   1 
ATOM   675  O  "O5'" . DG  C 1 8  ? -11.764 0.241   -5.717  1.00 28.66 ? 8   DG  C "O5'" 1 
ATOM   676  C  "C5'" . DG  C 1 8  ? -13.072 -0.328  -5.828  1.00 33.02 ? 8   DG  C "C5'" 1 
ATOM   677  C  "C4'" . DG  C 1 8  ? -14.111 0.751   -5.637  1.00 30.06 ? 8   DG  C "C4'" 1 
ATOM   678  O  "O4'" . DG  C 1 8  ? -14.138 1.158   -4.254  1.00 26.95 ? 8   DG  C "O4'" 1 
ATOM   679  C  "C3'" . DG  C 1 8  ? -13.852 2.013   -6.453  1.00 30.57 ? 8   DG  C "C3'" 1 
ATOM   680  O  "O3'" . DG  C 1 8  ? -14.630 1.909   -7.649  1.00 33.32 ? 8   DG  C "O3'" 1 
ATOM   681  C  "C2'" . DG  C 1 8  ? -14.346 3.125   -5.546  1.00 28.66 ? 8   DG  C "C2'" 1 
ATOM   682  C  "C1'" . DG  C 1 8  ? -14.170 2.568   -4.138  1.00 25.59 ? 8   DG  C "C1'" 1 
ATOM   683  N  N9    . DG  C 1 8  ? -12.965 2.985   -3.428  1.00 24.58 ? 8   DG  C N9    1 
ATOM   684  C  C8    . DG  C 1 8  ? -11.903 2.194   -3.064  1.00 24.48 ? 8   DG  C C8    1 
ATOM   685  N  N7    . DG  C 1 8  ? -10.978 2.844   -2.412  1.00 23.40 ? 8   DG  C N7    1 
ATOM   686  C  C5    . DG  C 1 8  ? -11.456 4.144   -2.343  1.00 23.52 ? 8   DG  C C5    1 
ATOM   687  C  C6    . DG  C 1 8  ? -10.886 5.305   -1.752  1.00 23.43 ? 8   DG  C C6    1 
ATOM   688  O  O6    . DG  C 1 8  ? -9.808  5.417   -1.162  1.00 24.03 ? 8   DG  C O6    1 
ATOM   689  N  N1    . DG  C 1 8  ? -11.714 6.414   -1.898  1.00 20.96 ? 8   DG  C N1    1 
ATOM   690  C  C2    . DG  C 1 8  ? -12.933 6.406   -2.530  1.00 20.64 ? 8   DG  C C2    1 
ATOM   691  N  N2    . DG  C 1 8  ? -13.585 7.575   -2.569  1.00 22.50 ? 8   DG  C N2    1 
ATOM   692  N  N3    . DG  C 1 8  ? -13.475 5.332   -3.082  1.00 24.98 ? 8   DG  C N3    1 
ATOM   693  C  C4    . DG  C 1 8  ? -12.688 4.244   -2.954  1.00 21.29 ? 8   DG  C C4    1 
ATOM   694  P  P     . DC  C 1 9  ? -14.097 2.480   -9.034  1.00 33.25 ? 9   DC  C P     1 
ATOM   695  O  OP1   . DC  C 1 9  ? -15.016 2.032   -10.093 1.00 34.48 ? 9   DC  C OP1   1 
ATOM   696  O  OP2   . DC  C 1 9  ? -12.663 2.181   -9.147  1.00 35.65 ? 9   DC  C OP2   1 
ATOM   697  O  "O5'" . DC  C 1 9  ? -14.277 4.050   -8.862  1.00 30.98 ? 9   DC  C "O5'" 1 
ATOM   698  C  "C5'" . DC  C 1 9  ? -15.566 4.603   -8.569  1.00 30.13 ? 9   DC  C "C5'" 1 
ATOM   699  C  "C4'" . DC  C 1 9  ? -15.433 6.060   -8.198  1.00 28.67 ? 9   DC  C "C4'" 1 
ATOM   700  O  "O4'" . DC  C 1 9  ? -14.881 6.188   -6.872  1.00 29.38 ? 9   DC  C "O4'" 1 
ATOM   701  C  "C3'" . DC  C 1 9  ? -14.484 6.853   -9.084  1.00 27.45 ? 9   DC  C "C3'" 1 
ATOM   702  O  "O3'" . DC  C 1 9  ? -15.167 7.309   -10.245 1.00 28.17 ? 9   DC  C "O3'" 1 
ATOM   703  C  "C2'" . DC  C 1 9  ? -14.095 8.002   -8.179  1.00 27.68 ? 9   DC  C "C2'" 1 
ATOM   704  C  "C1'" . DC  C 1 9  ? -14.037 7.334   -6.811  1.00 25.11 ? 9   DC  C "C1'" 1 
ATOM   705  N  N1    . DC  C 1 9  ? -12.692 6.888   -6.423  1.00 23.62 ? 9   DC  C N1    1 
ATOM   706  C  C2    . DC  C 1 9  ? -11.816 7.813   -5.858  1.00 23.34 ? 9   DC  C C2    1 
ATOM   707  O  O2    . DC  C 1 9  ? -12.202 8.976   -5.697  1.00 19.41 ? 9   DC  C O2    1 
ATOM   708  N  N3    . DC  C 1 9  ? -10.577 7.417   -5.497  1.00 23.28 ? 9   DC  C N3    1 
ATOM   709  C  C4    . DC  C 1 9  ? -10.200 6.152   -5.690  1.00 23.36 ? 9   DC  C C4    1 
ATOM   710  N  N4    . DC  C 1 9  ? -8.966  5.804   -5.321  1.00 25.70 ? 9   DC  C N4    1 
ATOM   711  C  C5    . DC  C 1 9  ? -11.069 5.189   -6.274  1.00 25.29 ? 9   DC  C C5    1 
ATOM   712  C  C6    . DC  C 1 9  ? -12.292 5.599   -6.630  1.00 26.60 ? 9   DC  C C6    1 
ATOM   713  P  P     . DT  C 1 10 ? -14.356 7.687   -11.545 1.00 36.41 ? 10  DT  C P     1 
ATOM   714  O  OP1   . DT  C 1 10 ? -15.315 7.817   -12.653 1.00 34.47 ? 10  DT  C OP1   1 
ATOM   715  O  OP2   . DT  C 1 10 ? -13.210 6.771   -11.659 1.00 34.62 ? 10  DT  C OP2   1 
ATOM   716  O  "O5'" . DT  C 1 10 ? -13.797 9.136   -11.217 1.00 31.01 ? 10  DT  C "O5'" 1 
ATOM   717  C  "C5'" . DT  C 1 10 ? -14.690 10.192  -10.848 1.00 31.40 ? 10  DT  C "C5'" 1 
ATOM   718  C  "C4'" . DT  C 1 10 ? -13.909 11.378  -10.337 1.00 28.97 ? 10  DT  C "C4'" 1 
ATOM   719  O  "O4'" . DT  C 1 10 ? -13.278 11.038  -9.087  1.00 25.43 ? 10  DT  C "O4'" 1 
ATOM   720  C  "C3'" . DT  C 1 10 ? -12.766 11.834  -11.238 1.00 29.63 ? 10  DT  C "C3'" 1 
ATOM   721  O  "O3'" . DT  C 1 10 ? -13.246 12.781  -12.190 1.00 31.26 ? 10  DT  C "O3'" 1 
ATOM   722  C  "C2'" . DT  C 1 10 ? -11.837 12.520  -10.256 1.00 27.65 ? 10  DT  C "C2'" 1 
ATOM   723  C  "C1'" . DT  C 1 10 ? -12.064 11.765  -8.951  1.00 25.83 ? 10  DT  C "C1'" 1 
ATOM   724  N  N1    . DT  C 1 10 ? -11.000 10.808  -8.630  1.00 24.24 ? 10  DT  C N1    1 
ATOM   725  C  C2    . DT  C 1 10 ? -9.925  11.257  -7.901  1.00 22.37 ? 10  DT  C C2    1 
ATOM   726  O  O2    . DT  C 1 10 ? -9.825  12.403  -7.505  1.00 25.43 ? 10  DT  C O2    1 
ATOM   727  N  N3    . DT  C 1 10 ? -8.971  10.306  -7.644  1.00 22.90 ? 10  DT  C N3    1 
ATOM   728  C  C4    . DT  C 1 10 ? -8.978  8.986   -8.051  1.00 21.71 ? 10  DT  C C4    1 
ATOM   729  O  O4    . DT  C 1 10 ? -8.045  8.249   -7.753  1.00 22.02 ? 10  DT  C O4    1 
ATOM   730  C  C5    . DT  C 1 10 ? -10.133 8.585   -8.816  1.00 23.82 ? 10  DT  C C5    1 
ATOM   731  C  C7    . DT  C 1 10 ? -10.230 7.172   -9.295  1.00 24.87 ? 10  DT  C C7    1 
ATOM   732  C  C6    . DT  C 1 10 ? -11.071 9.505   -9.068  1.00 24.73 ? 10  DT  C C6    1 
ATOM   733  P  P     . DG  C 1 11 ? -12.602 12.941  -13.642 1.00 33.48 ? 11  DG  C P     1 
ATOM   734  O  OP1   . DG  C 1 11 ? -13.480 13.835  -14.415 1.00 32.15 ? 11  DG  C OP1   1 
ATOM   735  O  OP2   . DG  C 1 11 ? -12.304 11.601  -14.162 1.00 32.71 ? 11  DG  C OP2   1 
ATOM   736  O  "O5'" . DG  C 1 11 ? -11.271 13.763  -13.353 1.00 31.18 ? 11  DG  C "O5'" 1 
ATOM   737  C  "C5'" . DG  C 1 11 ? -11.337 15.012  -12.642 1.00 28.55 ? 11  DG  C "C5'" 1 
ATOM   738  C  "C4'" . DG  C 1 11 ? -10.108 15.861  -12.880 1.00 33.18 ? 11  DG  C "C4'" 1 
ATOM   739  O  "O4'" . DG  C 1 11 ? -8.918  15.121  -12.525 1.00 32.96 ? 11  DG  C "O4'" 1 
ATOM   740  C  "C3'" . DG  C 1 11 ? -9.889  16.314  -14.324 1.00 31.95 ? 11  DG  C "C3'" 1 
ATOM   741  O  "O3'" . DG  C 1 11 ? -9.175  17.554  -14.321 1.00 28.85 ? 11  DG  C "O3'" 1 
ATOM   742  C  "C2'" . DG  C 1 11 ? -8.946  15.254  -14.853 1.00 31.32 ? 11  DG  C "C2'" 1 
ATOM   743  C  "C1'" . DG  C 1 11 ? -8.052  15.067  -13.643 1.00 31.03 ? 11  DG  C "C1'" 1 
ATOM   744  N  N9    . DG  C 1 11 ? -7.310  13.813  -13.578 1.00 30.29 ? 11  DG  C N9    1 
ATOM   745  C  C8    . DG  C 1 11 ? -7.665  12.599  -14.113 1.00 29.88 ? 11  DG  C C8    1 
ATOM   746  N  N7    . DG  C 1 11 ? -6.785  11.663  -13.888 1.00 31.46 ? 11  DG  C N7    1 
ATOM   747  C  C5    . DG  C 1 11 ? -5.792  12.295  -13.155 1.00 28.69 ? 11  DG  C C5    1 
ATOM   748  C  C6    . DG  C 1 11 ? -4.574  11.786  -12.622 1.00 29.55 ? 11  DG  C C6    1 
ATOM   749  O  O6    . DG  C 1 11 ? -4.126  10.639  -12.686 1.00 29.46 ? 11  DG  C O6    1 
ATOM   750  N  N1    . DG  C 1 11 ? -3.855  12.774  -11.955 1.00 27.48 ? 11  DG  C N1    1 
ATOM   751  C  C2    . DG  C 1 11 ? -4.265  14.075  -11.799 1.00 26.82 ? 11  DG  C C2    1 
ATOM   752  N  N2    . DG  C 1 11 ? -3.431  14.882  -11.130 1.00 28.68 ? 11  DG  C N2    1 
ATOM   753  N  N3    . DG  C 1 11 ? -5.389  14.563  -12.301 1.00 30.06 ? 11  DG  C N3    1 
ATOM   754  C  C4    . DG  C 1 11 ? -6.101  13.623  -12.959 1.00 29.29 ? 11  DG  C C4    1 
ATOM   755  P  P     . DA  C 1 12 ? -9.850  18.898  -14.857 1.00 32.44 ? 12  DA  C P     1 
ATOM   756  O  OP1   . DA  C 1 12 ? -10.958 19.237  -13.963 1.00 30.78 ? 12  DA  C OP1   1 
ATOM   757  O  OP2   . DA  C 1 12 ? -10.090 18.760  -16.295 1.00 39.05 ? 12  DA  C OP2   1 
ATOM   758  O  "O5'" . DA  C 1 12 ? -8.699  19.972  -14.637 1.00 32.60 ? 12  DA  C "O5'" 1 
ATOM   759  C  "C5'" . DA  C 1 12 ? -8.261  20.297  -13.314 1.00 29.84 ? 12  DA  C "C5'" 1 
ATOM   760  C  "C4'" . DA  C 1 12 ? -6.773  20.566  -13.280 1.00 33.27 ? 12  DA  C "C4'" 1 
ATOM   761  O  "O4'" . DA  C 1 12 ? -6.020  19.342  -13.422 1.00 31.80 ? 12  DA  C "O4'" 1 
ATOM   762  C  "C3'" . DA  C 1 12 ? -6.242  21.501  -14.360 1.00 30.26 ? 12  DA  C "C3'" 1 
ATOM   763  O  "O3'" . DA  C 1 12 ? -5.175  22.238  -13.767 1.00 33.77 ? 12  DA  C "O3'" 1 
ATOM   764  C  "C2'" . DA  C 1 12 ? -5.735  20.540  -15.419 1.00 29.01 ? 12  DA  C "C2'" 1 
ATOM   765  C  "C1'" . DA  C 1 12 ? -5.212  19.381  -14.590 1.00 30.21 ? 12  DA  C "C1'" 1 
ATOM   766  N  N9    . DA  C 1 12 ? -5.310  18.071  -15.228 1.00 31.00 ? 12  DA  C N9    1 
ATOM   767  C  C8    . DA  C 1 12 ? -6.294  17.624  -16.071 1.00 29.27 ? 12  DA  C C8    1 
ATOM   768  N  N7    . DA  C 1 12 ? -6.142  16.379  -16.448 1.00 31.56 ? 12  DA  C N7    1 
ATOM   769  C  C5    . DA  C 1 12 ? -4.989  15.972  -15.794 1.00 29.47 ? 12  DA  C C5    1 
ATOM   770  C  C6    . DA  C 1 12 ? -4.308  14.743  -15.754 1.00 32.01 ? 12  DA  C C6    1 
ATOM   771  N  N6    . DA  C 1 12 ? -4.679  13.670  -16.455 1.00 33.38 ? 12  DA  C N6    1 
ATOM   772  N  N1    . DA  C 1 12 ? -3.179  14.676  -15.018 1.00 30.76 ? 12  DA  C N1    1 
ATOM   773  C  C2    . DA  C 1 12 ? -2.795  15.759  -14.335 1.00 31.41 ? 12  DA  C C2    1 
ATOM   774  N  N3    . DA  C 1 12 ? -3.365  16.959  -14.270 1.00 32.16 ? 12  DA  C N3    1 
ATOM   775  C  C4    . DA  C 1 12 ? -4.472  17.001  -15.031 1.00 27.36 ? 12  DA  C C4    1 
ATOM   776  P  P     . DA  C 1 13 ? -4.542  23.467  -14.524 1.00 35.57 ? 13  DA  C P     1 
ATOM   777  O  OP1   . DA  C 1 13 ? -4.361  24.552  -13.550 1.00 39.32 ? 13  DA  C OP1   1 
ATOM   778  O  OP2   . DA  C 1 13 ? -5.330  23.713  -15.743 1.00 34.76 ? 13  DA  C OP2   1 
ATOM   779  O  "O5'" . DA  C 1 13 ? -3.089  22.939  -14.882 1.00 33.81 ? 13  DA  C "O5'" 1 
ATOM   780  C  "C5'" . DA  C 1 13 ? -2.259  22.381  -13.859 1.00 31.79 ? 13  DA  C "C5'" 1 
ATOM   781  C  "C4'" . DA  C 1 13 ? -1.180  21.534  -14.488 1.00 30.67 ? 13  DA  C "C4'" 1 
ATOM   782  O  "O4'" . DA  C 1 13 ? -1.768  20.329  -15.015 1.00 32.21 ? 13  DA  C "O4'" 1 
ATOM   783  C  "C3'" . DA  C 1 13 ? -0.453  22.202  -15.657 1.00 28.94 ? 13  DA  C "C3'" 1 
ATOM   784  O  "O3'" . DA  C 1 13 ? 0.948   22.251  -15.394 1.00 33.80 ? 13  DA  C "O3'" 1 
ATOM   785  C  "C2'" . DA  C 1 13 ? -0.746  21.302  -16.846 1.00 30.70 ? 13  DA  C "C2'" 1 
ATOM   786  C  "C1'" . DA  C 1 13 ? -1.076  19.983  -16.188 1.00 31.55 ? 13  DA  C "C1'" 1 
ATOM   787  N  N9    . DA  C 1 13 ? -1.939  19.119  -16.984 1.00 27.76 ? 13  DA  C N9    1 
ATOM   788  C  C8    . DA  C 1 13 ? -3.095  19.454  -17.643 1.00 29.91 ? 13  DA  C C8    1 
ATOM   789  N  N7    . DA  C 1 13 ? -3.644  18.455  -18.289 1.00 30.17 ? 13  DA  C N7    1 
ATOM   790  C  C5    . DA  C 1 13 ? -2.785  17.393  -18.050 1.00 29.37 ? 13  DA  C C5    1 
ATOM   791  C  C6    . DA  C 1 13 ? -2.796  16.056  -18.473 1.00 31.34 ? 13  DA  C C6    1 
ATOM   792  N  N6    . DA  C 1 13 ? -3.762  15.526  -19.225 1.00 33.22 ? 13  DA  C N6    1 
ATOM   793  N  N1    . DA  C 1 13 ? -1.805  15.251  -18.036 1.00 31.86 ? 13  DA  C N1    1 
ATOM   794  C  C2    . DA  C 1 13 ? -0.848  15.777  -17.265 1.00 31.40 ? 13  DA  C C2    1 
ATOM   795  N  N3    . DA  C 1 13 ? -0.718  17.020  -16.816 1.00 30.02 ? 13  DA  C N3    1 
ATOM   796  C  C4    . DA  C 1 13 ? -1.731  17.788  -17.250 1.00 29.88 ? 13  DA  C C4    1 
ATOM   797  P  P     . DT  D 1 1  ? 15.368  10.491  16.119  1.00 47.74 ? 1   DT  D P     1 
ATOM   798  O  OP1   . DT  D 1 1  ? 15.445  11.150  14.799  1.00 43.62 ? 1   DT  D OP1   1 
ATOM   799  O  OP2   . DT  D 1 1  ? 15.963  9.147   16.314  1.00 42.70 ? 1   DT  D OP2   1 
ATOM   800  O  "O5'" . DT  D 1 1  ? 13.869  10.444  16.660  1.00 46.39 ? 1   DT  D "O5'" 1 
ATOM   801  C  "C5'" . DT  D 1 1  ? 12.848  9.664   16.001  1.00 43.49 ? 1   DT  D "C5'" 1 
ATOM   802  C  "C4'" . DT  D 1 1  ? 12.802  10.020  14.533  1.00 44.07 ? 1   DT  D "C4'" 1 
ATOM   803  O  "O4'" . DT  D 1 1  ? 13.893  9.365   13.853  1.00 43.44 ? 1   DT  D "O4'" 1 
ATOM   804  C  "C3'" . DT  D 1 1  ? 11.563  9.572   13.773  1.00 41.20 ? 1   DT  D "C3'" 1 
ATOM   805  O  "O3'" . DT  D 1 1  ? 11.540  10.407  12.611  1.00 43.68 ? 1   DT  D "O3'" 1 
ATOM   806  C  "C2'" . DT  D 1 1  ? 11.911  8.137   13.423  1.00 40.75 ? 1   DT  D "C2'" 1 
ATOM   807  C  "C1'" . DT  D 1 1  ? 13.425  8.185   13.215  1.00 41.58 ? 1   DT  D "C1'" 1 
ATOM   808  N  N1    . DT  D 1 1  ? 14.189  7.052   13.770  1.00 40.88 ? 1   DT  D N1    1 
ATOM   809  C  C2    . DT  D 1 1  ? 15.396  6.747   13.186  1.00 36.06 ? 1   DT  D C2    1 
ATOM   810  O  O2    . DT  D 1 1  ? 15.839  7.345   12.223  1.00 34.38 ? 1   DT  D O2    1 
ATOM   811  N  N3    . DT  D 1 1  ? 16.061  5.697   13.765  1.00 36.03 ? 1   DT  D N3    1 
ATOM   812  C  C4    . DT  D 1 1  ? 15.657  4.953   14.856  1.00 37.33 ? 1   DT  D C4    1 
ATOM   813  O  O4    . DT  D 1 1  ? 16.363  4.037   15.265  1.00 41.28 ? 1   DT  D O4    1 
ATOM   814  C  C5    . DT  D 1 1  ? 14.390  5.341   15.430  1.00 39.75 ? 1   DT  D C5    1 
ATOM   815  C  C7    . DT  D 1 1  ? 13.869  4.589   16.613  1.00 42.58 ? 1   DT  D C7    1 
ATOM   816  C  C6    . DT  D 1 1  ? 13.732  6.364   14.871  1.00 40.21 ? 1   DT  D C6    1 
ATOM   817  P  P     . DT  D 1 2  ? 10.222  10.602  11.694  1.00 46.10 ? 2   DT  D P     1 
ATOM   818  O  OP1   . DT  D 1 2  ? 9.913   12.039  11.628  1.00 46.25 ? 2   DT  D OP1   1 
ATOM   819  O  OP2   . DT  D 1 2  ? 9.203   9.649   12.171  1.00 45.62 ? 2   DT  D OP2   1 
ATOM   820  O  "O5'" . DT  D 1 2  ? 10.754  10.157  10.261  1.00 42.87 ? 2   DT  D "O5'" 1 
ATOM   821  C  "C5'" . DT  D 1 2  ? 12.022  10.641  9.793   1.00 39.23 ? 2   DT  D "C5'" 1 
ATOM   822  C  "C4'" . DT  D 1 2  ? 12.684  9.663   8.849   1.00 37.50 ? 2   DT  D "C4'" 1 
ATOM   823  O  "O4'" . DT  D 1 2  ? 13.378  8.627   9.576   1.00 35.93 ? 2   DT  D "O4'" 1 
ATOM   824  C  "C3'" . DT  D 1 2  ? 11.767  8.943   7.855   1.00 36.45 ? 2   DT  D "C3'" 1 
ATOM   825  O  "O3'" . DT  D 1 2  ? 12.272  9.178   6.543   1.00 37.26 ? 2   DT  D "O3'" 1 
ATOM   826  C  "C2'" . DT  D 1 2  ? 11.962  7.470   8.175   1.00 35.83 ? 2   DT  D "C2'" 1 
ATOM   827  C  "C1'" . DT  D 1 2  ? 13.344  7.464   8.784   1.00 34.60 ? 2   DT  D "C1'" 1 
ATOM   828  N  N1    . DT  D 1 2  ? 13.642  6.319   9.654   1.00 36.82 ? 2   DT  D N1    1 
ATOM   829  C  C2    . DT  D 1 2  ? 14.897  5.765   9.588   1.00 33.84 ? 2   DT  D C2    1 
ATOM   830  O  O2    . DT  D 1 2  ? 15.770  6.178   8.846   1.00 33.69 ? 2   DT  D O2    1 
ATOM   831  N  N3    . DT  D 1 2  ? 15.103  4.716   10.446  1.00 34.82 ? 2   DT  D N3    1 
ATOM   832  C  C4    . DT  D 1 2  ? 14.194  4.171   11.331  1.00 35.73 ? 2   DT  D C4    1 
ATOM   833  O  O4    . DT  D 1 2  ? 14.522  3.227   12.039  1.00 37.87 ? 2   DT  D O4    1 
ATOM   834  C  C5    . DT  D 1 2  ? 12.896  4.799   11.344  1.00 37.70 ? 2   DT  D C5    1 
ATOM   835  C  C7    . DT  D 1 2  ? 11.846  4.277   12.273  1.00 40.24 ? 2   DT  D C7    1 
ATOM   836  C  C6    . DT  D 1 2  ? 12.688  5.829   10.517  1.00 36.23 ? 2   DT  D C6    1 
ATOM   837  P  P     . DC  D 1 3  ? 11.295  9.440   5.333   1.00 36.43 ? 3   DC  D P     1 
ATOM   838  O  OP1   . DC  D 1 3  ? 10.962  10.871  5.314   1.00 38.92 ? 3   DC  D OP1   1 
ATOM   839  O  OP2   . DC  D 1 3  ? 10.227  8.434   5.371   1.00 33.23 ? 3   DC  D OP2   1 
ATOM   840  O  "O5'" . DC  D 1 3  ? 12.228  9.148   4.082   1.00 33.57 ? 3   DC  D "O5'" 1 
ATOM   841  C  "C5'" . DC  D 1 3  ? 13.566  9.656   4.031   1.00 30.47 ? 3   DC  D "C5'" 1 
ATOM   842  C  "C4'" . DC  D 1 3  ? 14.523  8.541   3.691   1.00 30.34 ? 3   DC  D "C4'" 1 
ATOM   843  O  "O4'" . DC  D 1 3  ? 14.682  7.705   4.850   1.00 30.39 ? 3   DC  D "O4'" 1 
ATOM   844  C  "C3'" . DC  D 1 3  ? 14.030  7.611   2.590   1.00 28.84 ? 3   DC  D "C3'" 1 
ATOM   845  O  "O3'" . DC  D 1 3  ? 14.506  8.061   1.319   1.00 30.67 ? 3   DC  D "O3'" 1 
ATOM   846  C  "C2'" . DC  D 1 3  ? 14.632  6.268   2.963   1.00 29.36 ? 3   DC  D "C2'" 1 
ATOM   847  C  "C1'" . DC  D 1 3  ? 14.926  6.367   4.458   1.00 30.11 ? 3   DC  D "C1'" 1 
ATOM   848  N  N1    . DC  D 1 3  ? 14.107  5.494   5.308   1.00 30.37 ? 3   DC  D N1    1 
ATOM   849  C  C2    . DC  D 1 3  ? 14.747  4.576   6.138   1.00 29.18 ? 3   DC  D C2    1 
ATOM   850  O  O2    . DC  D 1 3  ? 15.982  4.517   6.124   1.00 30.59 ? 3   DC  D O2    1 
ATOM   851  N  N3    . DC  D 1 3  ? 14.006  3.771   6.929   1.00 31.87 ? 3   DC  D N3    1 
ATOM   852  C  C4    . DC  D 1 3  ? 12.676  3.863   6.913   1.00 32.06 ? 3   DC  D C4    1 
ATOM   853  N  N4    . DC  D 1 3  ? 11.983  3.052   7.712   1.00 31.29 ? 3   DC  D N4    1 
ATOM   854  C  C5    . DC  D 1 3  ? 11.997  4.797   6.080   1.00 31.87 ? 3   DC  D C5    1 
ATOM   855  C  C6    . DC  D 1 3  ? 12.745  5.587   5.302   1.00 29.94 ? 3   DC  D C6    1 
ATOM   856  P  P     . DT  D 1 4  ? 13.483  8.338   0.135   1.00 31.76 ? 4   DT  D P     1 
ATOM   857  O  OP1   . DT  D 1 4  ? 14.116  9.269   -0.815  1.00 30.03 ? 4   DT  D OP1   1 
ATOM   858  O  OP2   . DT  D 1 4  ? 12.183  8.695   0.723   1.00 35.25 ? 4   DT  D OP2   1 
ATOM   859  O  "O5'" . DT  D 1 4  ? 13.339  6.909   -0.549  1.00 26.94 ? 4   DT  D "O5'" 1 
ATOM   860  C  "C5'" . DT  D 1 4  ? 12.818  6.780   -1.878  1.00 26.77 ? 4   DT  D "C5'" 1 
ATOM   861  C  "C4'" . DT  D 1 4  ? 13.046  5.389   -2.421  1.00 25.94 ? 4   DT  D "C4'" 1 
ATOM   862  O  "O4'" . DT  D 1 4  ? 14.445  5.206   -2.727  1.00 27.74 ? 4   DT  D "O4'" 1 
ATOM   863  C  "C3'" . DT  D 1 4  ? 12.676  4.243   -1.481  1.00 26.45 ? 4   DT  D "C3'" 1 
ATOM   864  O  "O3'" . DT  D 1 4  ? 12.229  3.114   -2.231  1.00 25.47 ? 4   DT  D "O3'" 1 
ATOM   865  C  "C2'" . DT  D 1 4  ? 13.992  3.913   -0.809  1.00 25.56 ? 4   DT  D "C2'" 1 
ATOM   866  C  "C1'" . DT  D 1 4  ? 15.017  4.217   -1.890  1.00 26.34 ? 4   DT  D "C1'" 1 
ATOM   867  N  N1    . DT  D 1 4  ? 16.272  4.758   -1.349  1.00 26.17 ? 4   DT  D N1    1 
ATOM   868  C  C2    . DT  D 1 4  ? 17.341  3.905   -1.218  1.00 28.53 ? 4   DT  D C2    1 
ATOM   869  O  O2    . DT  D 1 4  ? 17.303  2.733   -1.551  1.00 28.43 ? 4   DT  D O2    1 
ATOM   870  N  N3    . DT  D 1 4  ? 18.468  4.480   -0.687  1.00 29.53 ? 4   DT  D N3    1 
ATOM   871  C  C4    . DT  D 1 4  ? 18.624  5.790   -0.280  1.00 31.50 ? 4   DT  D C4    1 
ATOM   872  O  O4    . DT  D 1 4  ? 19.698  6.166   0.177   1.00 30.42 ? 4   DT  D O4    1 
ATOM   873  C  C5    . DT  D 1 4  ? 17.457  6.626   -0.437  1.00 29.38 ? 4   DT  D C5    1 
ATOM   874  C  C7    . DT  D 1 4  ? 17.530  8.060   -0.021  1.00 26.69 ? 4   DT  D C7    1 
ATOM   875  C  C6    . DT  D 1 4  ? 16.352  6.073   -0.951  1.00 26.86 ? 4   DT  D C6    1 
ATOM   876  P  P     . DG  D 1 5  ? 11.133  2.143   -1.629  1.00 22.75 ? 5   DG  D P     1 
ATOM   877  O  OP1   . DG  D 1 5  ? 11.545  1.743   -0.282  1.00 20.84 ? 5   DG  D OP1   1 
ATOM   878  O  OP2   . DG  D 1 5  ? 10.825  1.116   -2.632  1.00 23.03 ? 5   DG  D OP2   1 
ATOM   879  O  "O5'" . DG  D 1 5  ? 9.865   3.091   -1.471  1.00 20.53 ? 5   DG  D "O5'" 1 
ATOM   880  C  "C5'" . DG  D 1 5  ? 9.242   3.709   -2.599  1.00 19.52 ? 5   DG  D "C5'" 1 
ATOM   881  C  "C4'" . DG  D 1 5  ? 7.878   4.242   -2.228  1.00 22.06 ? 5   DG  D "C4'" 1 
ATOM   882  O  "O4'" . DG  D 1 5  ? 6.919   3.163   -2.230  1.00 21.96 ? 5   DG  D "O4'" 1 
ATOM   883  C  "C3'" . DG  D 1 5  ? 7.776   4.883   -0.845  1.00 17.61 ? 5   DG  D "C3'" 1 
ATOM   884  O  "O3'" . DG  D 1 5  ? 6.816   5.944   -0.896  1.00 19.94 ? 5   DG  D "O3'" 1 
ATOM   885  C  "C2'" . DG  D 1 5  ? 7.329   3.724   0.026   1.00 20.01 ? 5   DG  D "C2'" 1 
ATOM   886  C  "C1'" . DG  D 1 5  ? 6.461   2.897   -0.914  1.00 21.99 ? 5   DG  D "C1'" 1 
ATOM   887  N  N9    . DG  D 1 5  ? 6.528   1.454   -0.708  1.00 21.09 ? 5   DG  D N9    1 
ATOM   888  C  C8    . DG  D 1 5  ? 7.628   0.718   -0.342  1.00 21.43 ? 5   DG  D C8    1 
ATOM   889  N  N7    . DG  D 1 5  ? 7.383   -0.562  -0.256  1.00 20.15 ? 5   DG  D N7    1 
ATOM   890  C  C5    . DG  D 1 5  ? 6.040   -0.678  -0.585  1.00 22.56 ? 5   DG  D C5    1 
ATOM   891  C  C6    . DG  D 1 5  ? 5.204   -1.828  -0.658  1.00 21.42 ? 5   DG  D C6    1 
ATOM   892  O  O6    . DG  D 1 5  ? 5.497   -3.008  -0.441  1.00 23.01 ? 5   DG  D O6    1 
ATOM   893  N  N1    . DG  D 1 5  ? 3.904   -1.493  -1.021  1.00 24.04 ? 5   DG  D N1    1 
ATOM   894  C  C2    . DG  D 1 5  ? 3.467   -0.220  -1.294  1.00 23.18 ? 5   DG  D C2    1 
ATOM   895  N  N2    . DG  D 1 5  ? 2.178   -0.102  -1.632  1.00 23.10 ? 5   DG  D N2    1 
ATOM   896  N  N3    . DG  D 1 5  ? 4.232   0.859   -1.222  1.00 21.96 ? 5   DG  D N3    1 
ATOM   897  C  C4    . DG  D 1 5  ? 5.497   0.558   -0.864  1.00 21.64 ? 5   DG  D C4    1 
ATOM   898  P  P     . DC  D 1 6  ? 6.608   7.024   0.316   1.00 24.26 ? 6   DC  D P     1 
ATOM   899  O  OP1   . DC  D 1 6  ? 6.160   8.295   -0.262  1.00 27.06 ? 6   DC  D OP1   1 
ATOM   900  O  OP2   . DC  D 1 6  ? 7.796   6.976   1.168   1.00 25.07 ? 6   DC  D OP2   1 
ATOM   901  O  "O5'" . DC  D 1 6  ? 5.408   6.376   1.139   1.00 23.29 ? 6   DC  D "O5'" 1 
ATOM   902  C  "C5'" . DC  D 1 6  ? 4.153   6.096   0.497   1.00 18.70 ? 6   DC  D "C5'" 1 
ATOM   903  C  "C4'" . DC  D 1 6  ? 3.253   5.224   1.345   1.00 21.22 ? 6   DC  D "C4'" 1 
ATOM   904  O  "O4'" . DC  D 1 6  ? 3.600   3.833   1.204   1.00 20.61 ? 6   DC  D "O4'" 1 
ATOM   905  C  "C3'" . DC  D 1 6  ? 3.240   5.502   2.850   1.00 20.75 ? 6   DC  D "C3'" 1 
ATOM   906  O  "O3'" . DC  D 1 6  ? 1.978   6.060   3.209   1.00 20.69 ? 6   DC  D "O3'" 1 
ATOM   907  C  "C2'" . DC  D 1 6  ? 3.371   4.125   3.491   1.00 22.13 ? 6   DC  D "C2'" 1 
ATOM   908  C  "C1'" . DC  D 1 6  ? 3.106   3.170   2.342   1.00 22.15 ? 6   DC  D "C1'" 1 
ATOM   909  N  N1    . DC  D 1 6  ? 3.784   1.869   2.441   1.00 17.75 ? 6   DC  D N1    1 
ATOM   910  C  C2    . DC  D 1 6  ? 3.034   0.701   2.271   1.00 20.66 ? 6   DC  D C2    1 
ATOM   911  O  O2    . DC  D 1 6  ? 1.822   0.797   2.041   1.00 20.30 ? 6   DC  D O2    1 
ATOM   912  N  N3    . DC  D 1 6  ? 3.651   -0.498  2.357   1.00 19.57 ? 6   DC  D N3    1 
ATOM   913  C  C4    . DC  D 1 6  ? 4.957   -0.558  2.620   1.00 20.51 ? 6   DC  D C4    1 
ATOM   914  N  N4    . DC  D 1 6  ? 5.527   -1.763  2.682   1.00 21.42 ? 6   DC  D N4    1 
ATOM   915  C  C5    . DC  D 1 6  ? 5.747   0.616   2.784   1.00 20.80 ? 6   DC  D C5    1 
ATOM   916  C  C6    . DC  D 1 6  ? 5.123   1.796   2.697   1.00 22.07 ? 6   DC  D C6    1 
ATOM   917  P  P     . DT  D 1 7  ? 1.907   7.439   3.974   1.00 23.96 ? 7   DT  D P     1 
ATOM   918  O  OP1   . DT  D 1 7  ? 3.077   8.233   3.583   1.00 23.34 ? 7   DT  D OP1   1 
ATOM   919  O  OP2   . DT  D 1 7  ? 1.658   7.169   5.392   1.00 26.62 ? 7   DT  D OP2   1 
ATOM   920  O  "O5'" . DT  D 1 7  ? 0.600   8.110   3.380   1.00 22.20 ? 7   DT  D "O5'" 1 
ATOM   921  C  "C5'" . DT  D 1 7  ? 0.557   8.572   2.032   1.00 22.87 ? 7   DT  D "C5'" 1 
ATOM   922  C  "C4'" . DT  D 1 7  ? -0.874  8.862   1.652   1.00 21.40 ? 7   DT  D "C4'" 1 
ATOM   923  O  "O4'" . DT  D 1 7  ? -1.596  7.614   1.565   1.00 22.87 ? 7   DT  D "O4'" 1 
ATOM   924  C  "C3'" . DT  D 1 7  ? -1.629  9.717   2.666   1.00 23.25 ? 7   DT  D "C3'" 1 
ATOM   925  O  "O3'" . DT  D 1 7  ? -2.502  10.602  1.968   1.00 24.99 ? 7   DT  D "O3'" 1 
ATOM   926  C  "C2'" . DT  D 1 7  ? -2.433  8.702   3.459   1.00 24.69 ? 7   DT  D "C2'" 1 
ATOM   927  C  "C1'" . DT  D 1 7  ? -2.715  7.627   2.430   1.00 22.95 ? 7   DT  D "C1'" 1 
ATOM   928  N  N1    . DT  D 1 7  ? -2.847  6.282   3.011   1.00 21.58 ? 7   DT  D N1    1 
ATOM   929  C  C2    . DT  D 1 7  ? -4.106  5.812   3.300   1.00 24.17 ? 7   DT  D C2    1 
ATOM   930  O  O2    . DT  D 1 7  ? -5.120  6.447   3.081   1.00 24.07 ? 7   DT  D O2    1 
ATOM   931  N  N3    . DT  D 1 7  ? -4.133  4.556   3.851   1.00 23.36 ? 7   DT  D N3    1 
ATOM   932  C  C4    . DT  D 1 7  ? -3.052  3.746   4.133   1.00 25.42 ? 7   DT  D C4    1 
ATOM   933  O  O4    . DT  D 1 7  ? -3.230  2.644   4.641   1.00 26.97 ? 7   DT  D O4    1 
ATOM   934  C  C5    . DT  D 1 7  ? -1.763  4.306   3.812   1.00 21.43 ? 7   DT  D C5    1 
ATOM   935  C  C7    . DT  D 1 7  ? -0.532  3.505   4.094   1.00 25.07 ? 7   DT  D C7    1 
ATOM   936  C  C6    . DT  D 1 7  ? -1.726  5.530   3.274   1.00 22.69 ? 7   DT  D C6    1 
ATOM   937  P  P     . DG  D 1 8  ? -2.811  12.045  2.547   1.00 28.58 ? 8   DG  D P     1 
ATOM   938  O  OP1   . DG  D 1 8  ? -1.542  12.747  2.773   1.00 28.49 ? 8   DG  D OP1   1 
ATOM   939  O  OP2   . DG  D 1 8  ? -3.781  11.893  3.645   1.00 27.07 ? 8   DG  D OP2   1 
ATOM   940  O  "O5'" . DG  D 1 8  ? -3.564  12.730  1.338   1.00 30.29 ? 8   DG  D "O5'" 1 
ATOM   941  C  "C5'" . DG  D 1 8  ? -4.975  12.616  1.242   1.00 28.65 ? 8   DG  D "C5'" 1 
ATOM   942  C  "C4'" . DG  D 1 8  ? -5.530  13.905  0.692   1.00 25.55 ? 8   DG  D "C4'" 1 
ATOM   943  O  "O4'" . DG  D 1 8  ? -5.146  14.019  -0.692  1.00 22.25 ? 8   DG  D "O4'" 1 
ATOM   944  C  "C3'" . DG  D 1 8  ? -7.055  13.976  0.733   1.00 27.59 ? 8   DG  D "C3'" 1 
ATOM   945  O  "O3'" . DG  D 1 8  ? -7.449  15.037  1.606   1.00 28.28 ? 8   DG  D "O3'" 1 
ATOM   946  C  "C2'" . DG  D 1 8  ? -7.461  14.194  -0.715  1.00 26.63 ? 8   DG  D "C2'" 1 
ATOM   947  C  "C1'" . DG  D 1 8  ? -6.257  13.719  -1.499  1.00 22.37 ? 8   DG  D "C1'" 1 
ATOM   948  N  N9    . DG  D 1 8  ? -6.231  12.290  -1.793  1.00 21.94 ? 8   DG  D N9    1 
ATOM   949  C  C8    . DG  D 1 8  ? -5.218  11.401  -1.533  1.00 20.40 ? 8   DG  D C8    1 
ATOM   950  N  N7    . DG  D 1 8  ? -5.485  10.188  -1.932  1.00 22.41 ? 8   DG  D N7    1 
ATOM   951  C  C5    . DG  D 1 8  ? -6.750  10.284  -2.496  1.00 21.66 ? 8   DG  D C5    1 
ATOM   952  C  C6    . DG  D 1 8  ? -7.566  9.289   -3.103  1.00 22.48 ? 8   DG  D C6    1 
ATOM   953  O  O6    . DG  D 1 8  ? -7.324  8.090   -3.266  1.00 23.67 ? 8   DG  D O6    1 
ATOM   954  N  N1    . DG  D 1 8  ? -8.770  9.819   -3.552  1.00 23.42 ? 8   DG  D N1    1 
ATOM   955  C  C2    . DG  D 1 8  ? -9.145  11.133  -3.428  1.00 23.83 ? 8   DG  D C2    1 
ATOM   956  N  N2    . DG  D 1 8  ? -10.352 11.451  -3.915  1.00 24.45 ? 8   DG  D N2    1 
ATOM   957  N  N3    . DG  D 1 8  ? -8.396  12.069  -2.866  1.00 22.91 ? 8   DG  D N3    1 
ATOM   958  C  C4    . DG  D 1 8  ? -7.221  11.576  -2.423  1.00 21.30 ? 8   DG  D C4    1 
ATOM   959  P  P     . DC  D 1 9  ? -8.368  14.727  2.852   1.00 32.90 ? 9   DC  D P     1 
ATOM   960  O  OP1   . DC  D 1 9  ? -8.550  15.977  3.603   1.00 37.38 ? 9   DC  D OP1   1 
ATOM   961  O  OP2   . DC  D 1 9  ? -7.832  13.545  3.533   1.00 32.76 ? 9   DC  D OP2   1 
ATOM   962  O  "O5'" . DC  D 1 9  ? -9.756  14.352  2.176   1.00 28.17 ? 9   DC  D "O5'" 1 
ATOM   963  C  "C5'" . DC  D 1 9  ? -10.303 15.196  1.153   1.00 28.20 ? 9   DC  D "C5'" 1 
ATOM   964  C  "C4'" . DC  D 1 9  ? -11.456 14.512  0.460   1.00 26.64 ? 9   DC  D "C4'" 1 
ATOM   965  O  "O4'" . DC  D 1 9  ? -10.960 13.605  -0.547  1.00 26.64 ? 9   DC  D "O4'" 1 
ATOM   966  C  "C3'" . DC  D 1 9  ? -12.320 13.644  1.364   1.00 26.98 ? 9   DC  D "C3'" 1 
ATOM   967  O  "O3'" . DC  D 1 9  ? -13.300 14.431  2.038   1.00 28.71 ? 9   DC  D "O3'" 1 
ATOM   968  C  "C2'" . DC  D 1 9  ? -12.940 12.676  0.376   1.00 28.06 ? 9   DC  D "C2'" 1 
ATOM   969  C  "C1'" . DC  D 1 9  ? -11.818 12.474  -0.640  1.00 24.21 ? 9   DC  D "C1'" 1 
ATOM   970  N  N1    . DC  D 1 9  ? -11.006 11.274  -0.406  1.00 23.21 ? 9   DC  D N1    1 
ATOM   971  C  C2    . DC  D 1 9  ? -11.487 10.045  -0.851  1.00 22.47 ? 9   DC  D C2    1 
ATOM   972  O  O2    . DC  D 1 9  ? -12.577 10.007  -1.435  1.00 21.34 ? 9   DC  D O2    1 
ATOM   973  N  N3    . DC  D 1 9  ? -10.749 8.932   -0.642  1.00 22.69 ? 9   DC  D N3    1 
ATOM   974  C  C4    . DC  D 1 9  ? -9.583  9.016   0.000   1.00 23.15 ? 9   DC  D C4    1 
ATOM   975  N  N4    . DC  D 1 9  ? -8.890  7.891   0.188   1.00 22.25 ? 9   DC  D N4    1 
ATOM   976  C  C5    . DC  D 1 9  ? -9.072  10.257  0.472   1.00 21.67 ? 9   DC  D C5    1 
ATOM   977  C  C6    . DC  D 1 9  ? -9.810  11.350  0.250   1.00 25.50 ? 9   DC  D C6    1 
ATOM   978  P  P     . DT  D 1 10 ? -13.956 13.894  3.380   1.00 35.38 ? 10  DT  D P     1 
ATOM   979  O  OP1   . DT  D 1 10 ? -14.652 15.010  4.032   1.00 36.64 ? 10  DT  D OP1   1 
ATOM   980  O  OP2   . DT  D 1 10 ? -12.938 13.128  4.120   1.00 33.60 ? 10  DT  D OP2   1 
ATOM   981  O  "O5'" . DT  D 1 10 ? -15.034 12.851  2.862   1.00 29.02 ? 10  DT  D "O5'" 1 
ATOM   982  C  "C5'" . DT  D 1 10 ? -16.075 13.260  1.972   1.00 30.52 ? 10  DT  D "C5'" 1 
ATOM   983  C  "C4'" . DT  D 1 10 ? -16.806 12.049  1.447   1.00 27.82 ? 10  DT  D "C4'" 1 
ATOM   984  O  "O4'" . DT  D 1 10 ? -15.902 11.256  0.654   1.00 25.24 ? 10  DT  D "O4'" 1 
ATOM   985  C  "C3'" . DT  D 1 10 ? -17.319 11.092  2.515   1.00 29.82 ? 10  DT  D "C3'" 1 
ATOM   986  O  "O3'" . DT  D 1 10 ? -18.618 11.483  2.950   1.00 30.37 ? 10  DT  D "O3'" 1 
ATOM   987  C  "C2'" . DT  D 1 10 ? -17.399 9.780   1.761   1.00 28.34 ? 10  DT  D "C2'" 1 
ATOM   988  C  "C1'" . DT  D 1 10 ? -16.283 9.888   0.726   1.00 26.73 ? 10  DT  D "C1'" 1 
ATOM   989  N  N1    . DT  D 1 10 ? -15.088 9.103   1.063   1.00 23.64 ? 10  DT  D N1    1 
ATOM   990  C  C2    . DT  D 1 10 ? -15.037 7.789   0.663   1.00 23.12 ? 10  DT  D C2    1 
ATOM   991  O  O2    . DT  D 1 10 ? -15.930 7.250   0.034   1.00 24.90 ? 10  DT  D O2    1 
ATOM   992  N  N3    . DT  D 1 10 ? -13.888 7.129   1.017   1.00 24.05 ? 10  DT  D N3    1 
ATOM   993  C  C4    . DT  D 1 10 ? -12.819 7.638   1.727   1.00 21.46 ? 10  DT  D C4    1 
ATOM   994  O  O4    . DT  D 1 10 ? -11.860 6.921   1.981   1.00 21.36 ? 10  DT  D O4    1 
ATOM   995  C  C5    . DT  D 1 10 ? -12.942 9.020   2.117   1.00 23.49 ? 10  DT  D C5    1 
ATOM   996  C  C7    . DT  D 1 10 ? -11.831 9.656   2.890   1.00 23.24 ? 10  DT  D C7    1 
ATOM   997  C  C6    . DT  D 1 10 ? -14.057 9.674   1.774   1.00 23.94 ? 10  DT  D C6    1 
ATOM   998  P  P     . DG  D 1 11 ? -19.105 11.167  4.435   1.00 34.02 ? 11  DG  D P     1 
ATOM   999  O  OP1   . DG  D 1 11 ? -20.336 11.944  4.672   1.00 33.83 ? 11  DG  D OP1   1 
ATOM   1000 O  OP2   . DG  D 1 11 ? -17.970 11.334  5.350   1.00 34.23 ? 11  DG  D OP2   1 
ATOM   1001 O  "O5'" . DG  D 1 11 ? -19.527 9.635   4.369   1.00 33.07 ? 11  DG  D "O5'" 1 
ATOM   1002 C  "C5'" . DG  D 1 11 ? -20.429 9.162   3.351   1.00 28.07 ? 11  DG  D "C5'" 1 
ATOM   1003 C  "C4'" . DG  D 1 11 ? -21.117 7.886   3.780   1.00 31.52 ? 11  DG  D "C4'" 1 
ATOM   1004 O  "O4'" . DG  D 1 11 ? -20.129 6.880   4.099   1.00 32.85 ? 11  DG  D "O4'" 1 
ATOM   1005 C  "C3'" . DG  D 1 11 ? -21.981 8.003   5.034   1.00 31.92 ? 11  DG  D "C3'" 1 
ATOM   1006 O  "O3'" . DG  D 1 11 ? -22.969 6.969   5.026   1.00 29.29 ? 11  DG  D "O3'" 1 
ATOM   1007 C  "C2'" . DG  D 1 11 ? -21.000 7.639   6.127   1.00 31.05 ? 11  DG  D "C2'" 1 
ATOM   1008 C  "C1'" . DG  D 1 11 ? -20.290 6.484   5.452   1.00 30.22 ? 11  DG  D "C1'" 1 
ATOM   1009 N  N9    . DG  D 1 11 ? -18.977 6.140   5.980   1.00 29.81 ? 11  DG  D N9    1 
ATOM   1010 C  C8    . DG  D 1 11 ? -18.106 6.953   6.665   1.00 30.85 ? 11  DG  D C8    1 
ATOM   1011 N  N7    . DG  D 1 11 ? -17.002 6.349   7.005   1.00 30.15 ? 11  DG  D N7    1 
ATOM   1012 C  C5    . DG  D 1 11 ? -17.150 5.060   6.514   1.00 29.39 ? 11  DG  D C5    1 
ATOM   1013 C  C6    . DG  D 1 11 ? -16.272 3.941   6.579   1.00 30.47 ? 11  DG  D C6    1 
ATOM   1014 O  O6    . DG  D 1 11 ? -15.153 3.871   7.094   1.00 29.73 ? 11  DG  D O6    1 
ATOM   1015 N  N1    . DG  D 1 11 ? -16.820 2.823   5.956   1.00 27.49 ? 11  DG  D N1    1 
ATOM   1016 C  C2    . DG  D 1 11 ? -18.046 2.791   5.337   1.00 29.13 ? 11  DG  D C2    1 
ATOM   1017 N  N2    . DG  D 1 11 ? -18.406 1.620   4.799   1.00 26.70 ? 11  DG  D N2    1 
ATOM   1018 N  N3    . DG  D 1 11 ? -18.876 3.822   5.279   1.00 30.26 ? 11  DG  D N3    1 
ATOM   1019 C  C4    . DG  D 1 11 ? -18.365 4.916   5.880   1.00 29.40 ? 11  DG  D C4    1 
ATOM   1020 P  P     . DA  D 1 12 ? -24.524 7.319   4.924   1.00 34.43 ? 12  DA  D P     1 
ATOM   1021 O  OP1   . DA  D 1 12 ? -24.757 7.982   3.637   1.00 34.31 ? 12  DA  D OP1   1 
ATOM   1022 O  OP2   . DA  D 1 12 ? -24.934 7.977   6.169   1.00 37.47 ? 12  DA  D OP2   1 
ATOM   1023 O  "O5'" . DA  D 1 12 ? -25.199 5.882   4.886   1.00 33.78 ? 12  DA  D "O5'" 1 
ATOM   1024 C  "C5'" . DA  D 1 12 ? -24.999 5.023   3.758   1.00 29.98 ? 12  DA  D "C5'" 1 
ATOM   1025 C  "C4'" . DA  D 1 12 ? -24.893 3.574   4.175   1.00 32.21 ? 12  DA  D "C4'" 1 
ATOM   1026 O  "O4'" . DA  D 1 12 ? -23.653 3.321   4.871   1.00 30.52 ? 12  DA  D "O4'" 1 
ATOM   1027 C  "C3'" . DA  D 1 12 ? -25.987 3.064   5.103   1.00 30.12 ? 12  DA  D "C3'" 1 
ATOM   1028 O  "O3'" . DA  D 1 12 ? -26.154 1.685   4.792   1.00 32.96 ? 12  DA  D "O3'" 1 
ATOM   1029 C  "C2'" . DA  D 1 12 ? -25.365 3.221   6.476   1.00 27.55 ? 12  DA  D "C2'" 1 
ATOM   1030 C  "C1'" . DA  D 1 12 ? -23.910 2.893   6.201   1.00 30.16 ? 12  DA  D "C1'" 1 
ATOM   1031 N  N9    . DA  D 1 12 ? -22.959 3.578   7.068   1.00 30.68 ? 12  DA  D N9    1 
ATOM   1032 C  C8    . DA  D 1 12 ? -23.033 4.857   7.557   1.00 28.87 ? 12  DA  D C8    1 
ATOM   1033 N  N7    . DA  D 1 12 ? -21.998 5.209   8.277   1.00 32.95 ? 12  DA  D N7    1 
ATOM   1034 C  C5    . DA  D 1 12 ? -21.177 4.090   8.248   1.00 30.53 ? 12  DA  D C5    1 
ATOM   1035 C  C6    . DA  D 1 12 ? -19.911 3.832   8.797   1.00 31.60 ? 12  DA  D C6    1 
ATOM   1036 N  N6    . DA  D 1 12 ? -19.242 4.701   9.556   1.00 32.34 ? 12  DA  D N6    1 
ATOM   1037 N  N1    . DA  D 1 12 ? -19.375 2.611   8.588   1.00 31.40 ? 12  DA  D N1    1 
ATOM   1038 C  C2    . DA  D 1 12 ? -20.059 1.730   7.848   1.00 32.67 ? 12  DA  D C2    1 
ATOM   1039 N  N3    . DA  D 1 12 ? -21.240 1.866   7.253   1.00 30.28 ? 12  DA  D N3    1 
ATOM   1040 C  C4    . DA  D 1 12 ? -21.753 3.083   7.498   1.00 28.08 ? 12  DA  D C4    1 
ATOM   1041 P  P     . DA  D 1 13 ? -27.391 0.893   5.359   1.00 34.66 ? 13  DA  D P     1 
ATOM   1042 O  OP1   . DA  D 1 13 ? -27.964 0.104   4.262   1.00 38.93 ? 13  DA  D OP1   1 
ATOM   1043 O  OP2   . DA  D 1 13 ? -28.240 1.835   6.109   1.00 35.99 ? 13  DA  D OP2   1 
ATOM   1044 O  "O5'" . DA  D 1 13 ? -26.715 -0.135  6.359   1.00 33.49 ? 13  DA  D "O5'" 1 
ATOM   1045 C  "C5'" . DA  D 1 13 ? -25.726 -1.055  5.887   1.00 31.93 ? 13  DA  D "C5'" 1 
ATOM   1046 C  "C4'" . DA  D 1 13 ? -24.955 -1.602  7.064   1.00 32.72 ? 13  DA  D "C4'" 1 
ATOM   1047 O  "O4'" . DA  D 1 13 ? -24.168 -0.541  7.645   1.00 32.15 ? 13  DA  D "O4'" 1 
ATOM   1048 C  "C3'" . DA  D 1 13 ? -25.837 -2.146  8.192   1.00 30.15 ? 13  DA  D "C3'" 1 
ATOM   1049 O  "O3'" . DA  D 1 13 ? -25.474 -3.490  8.502   1.00 33.68 ? 13  DA  D "O3'" 1 
ATOM   1050 C  "C2'" . DA  D 1 13 ? -25.542 -1.235  9.370   1.00 29.70 ? 13  DA  D "C2'" 1 
ATOM   1051 C  "C1'" . DA  D 1 13 ? -24.162 -0.717  9.039   1.00 31.13 ? 13  DA  D "C1'" 1 
ATOM   1052 N  N9    . DA  D 1 13 ? -23.823 0.562   9.654   1.00 29.52 ? 13  DA  D N9    1 
ATOM   1053 C  C8    . DA  D 1 13 ? -24.585 1.699   9.735   1.00 30.39 ? 13  DA  D C8    1 
ATOM   1054 N  N7    . DA  D 1 13 ? -23.997 2.683   10.370  1.00 31.35 ? 13  DA  D N7    1 
ATOM   1055 C  C5    . DA  D 1 13 ? -22.766 2.159   10.732  1.00 30.29 ? 13  DA  D C5    1 
ATOM   1056 C  C6    . DA  D 1 13 ? -21.679 2.696   11.441  1.00 31.67 ? 13  DA  D C6    1 
ATOM   1057 N  N6    . DA  D 1 13 ? -21.640 3.947   11.900  1.00 35.42 ? 13  DA  D N6    1 
ATOM   1058 N  N1    . DA  D 1 13 ? -20.594 1.912   11.613  1.00 33.72 ? 13  DA  D N1    1 
ATOM   1059 C  C2    . DA  D 1 13 ? -20.626 0.663   11.140  1.00 32.97 ? 13  DA  D C2    1 
ATOM   1060 N  N3    . DA  D 1 13 ? -21.589 0.042   10.468  1.00 31.53 ? 13  DA  D N3    1 
ATOM   1061 C  C4    . DA  D 1 13 ? -22.647 0.851   10.301  1.00 29.95 ? 13  DA  D C4    1 
HETATM 1062 CO CO    . CO  E 3 .  ? -3.929  8.519   -1.953  1.00 21.72 ? 101 CO  A CO    1 
HETATM 1063 CO CO    . CO  F 3 .  ? 9.050   -1.692  0.460   1.00 22.78 ? 102 CO  A CO    1 
HETATM 1064 C  CAI   . F1R G 4 .  ? 8.658   -14.291 -2.729  1.00 27.58 ? 103 F1R A CAI   1 
HETATM 1065 C  CAJ   . F1R G 4 .  ? 9.050   -15.374 -1.948  1.00 28.12 ? 103 F1R A CAJ   1 
HETATM 1066 C  CAK   . F1R G 4 .  ? 8.166   -15.832 -0.991  1.00 25.71 ? 103 F1R A CAK   1 
HETATM 1067 C  CAL   . F1R G 4 .  ? 6.899   -15.197 -0.797  1.00 28.26 ? 103 F1R A CAL   1 
HETATM 1068 C  CAM   . F1R G 4 .  ? 6.540   -14.132 -1.585  1.00 27.31 ? 103 F1R A CAM   1 
HETATM 1069 C  CAN   . F1R G 4 .  ? 7.435   -13.665 -2.572  1.00 27.15 ? 103 F1R A CAN   1 
HETATM 1070 C  CAO   . F1R G 4 .  ? 4.437   -13.962 -0.478  1.00 27.33 ? 103 F1R A CAO   1 
HETATM 1071 C  CAP   . F1R G 4 .  ? 4.710   -15.022 0.350   1.00 25.96 ? 103 F1R A CAP   1 
HETATM 1072 C  CAQ   . F1R G 4 .  ? 5.990   -15.675 0.209   1.00 25.43 ? 103 F1R A CAQ   1 
HETATM 1073 C  CAR   . F1R G 4 .  ? 3.738   -15.435 1.311   1.00 26.85 ? 103 F1R A CAR   1 
HETATM 1074 C  CAS   . F1R G 4 .  ? 2.516   -14.746 1.403   1.00 27.88 ? 103 F1R A CAS   1 
HETATM 1075 C  CAT   . F1R G 4 .  ? 1.392   -16.504 2.490   1.00 30.34 ? 103 F1R A CAT   1 
HETATM 1076 C  CAU   . F1R G 4 .  ? 2.247   -13.664 0.557   1.00 27.29 ? 103 F1R A CAU   1 
HETATM 1077 C  CAV   . F1R G 4 .  ? 3.198   -13.261 -0.374  1.00 26.35 ? 103 F1R A CAV   1 
HETATM 1078 C  CAW   . F1R G 4 .  ? 4.289   -12.495 3.140   1.00 24.42 ? 103 F1R A CAW   1 
HETATM 1079 C  CAX   . F1R G 4 .  ? 6.411   -13.234 2.768   1.00 25.73 ? 103 F1R A CAX   1 
HETATM 1080 C  CAY   . F1R G 4 .  ? 5.513   -11.612 1.422   1.00 24.49 ? 103 F1R A CAY   1 
HETATM 1081 C  CBB   . F1R G 4 .  ? 7.576   -16.937 1.839   1.00 29.72 ? 103 F1R A CBB   1 
HETATM 1082 C  CBC   . F1R G 4 .  ? 7.304   -17.301 3.306   1.00 27.53 ? 103 F1R A CBC   1 
HETATM 1083 C  CBD   . F1R G 4 .  ? 6.473   -16.214 4.000   1.00 30.33 ? 103 F1R A CBD   1 
HETATM 1084 C  CBE   . F1R G 4 .  ? 7.314   -14.970 4.333   1.00 27.57 ? 103 F1R A CBE   1 
HETATM 1085 N  NAA   . F1R G 4 .  ? 5.333   -13.523 -1.415  1.00 26.77 ? 103 F1R A NAA   1 
HETATM 1086 N  NAB   . F1R G 4 .  ? 6.330   -16.818 1.064   1.00 28.27 ? 103 F1R A NAB   1 
HETATM 1087 N  NAC   . F1R G 4 .  ? 3.065   -12.524 3.907   1.00 22.49 ? 103 F1R A NAC   1 
HETATM 1088 N  NAD   . F1R G 4 .  ? 5.298   -13.286 3.474   1.00 22.26 ? 103 F1R A NAD   1 
HETATM 1089 N  NAE   . F1R G 4 .  ? 7.501   -14.124 3.154   1.00 25.34 ? 103 F1R A NAE   1 
HETATM 1090 N  NAF   . F1R G 4 .  ? 6.517   -12.405 1.741   1.00 23.96 ? 103 F1R A NAF   1 
HETATM 1091 N  NAG   . F1R G 4 .  ? 5.606   -10.702 0.300   1.00 26.09 ? 103 F1R A NAG   1 
HETATM 1092 N  NAH   . F1R G 4 .  ? 4.406   -11.665 2.122   1.00 23.44 ? 103 F1R A NAH   1 
HETATM 1093 O  OAZ   . F1R G 4 .  ? 1.548   -15.124 2.330   1.00 29.18 ? 103 F1R A OAZ   1 
HETATM 1094 CL CLA   . F1R G 4 .  ? 9.755   -13.707 -3.984  1.00 30.71 ? 103 F1R A CLA   1 
HETATM 1095 CO CO    . CO  H 3 .  ? -9.357  1.453   -2.049  1.00 20.68 ? 101 CO  B CO    1 
HETATM 1096 CO CO    . CO  I 3 .  ? 3.688   -7.801  2.972   1.00 19.73 ? 102 CO  B CO    1 
HETATM 1097 C  CAI   . F1R J 4 .  ? 14.635  -2.916  8.590   1.00 30.08 ? 103 F1R B CAI   1 
HETATM 1098 C  CAJ   . F1R J 4 .  ? 15.942  -3.079  8.133   1.00 29.94 ? 103 F1R B CAJ   1 
HETATM 1099 C  CAK   . F1R J 4 .  ? 16.419  -2.262  7.110   1.00 28.62 ? 103 F1R B CAK   1 
HETATM 1100 C  CAL   . F1R J 4 .  ? 15.584  -1.265  6.528   1.00 29.39 ? 103 F1R B CAL   1 
HETATM 1101 C  CAM   . F1R J 4 .  ? 14.309  -1.125  6.991   1.00 28.87 ? 103 F1R B CAM   1 
HETATM 1102 C  CAN   . F1R J 4 .  ? 13.825  -1.952  8.033   1.00 27.75 ? 103 F1R B CAN   1 
HETATM 1103 C  CAO   . F1R J 4 .  ? 13.911  0.650   5.465   1.00 28.18 ? 103 F1R B CAO   1 
HETATM 1104 C  CAP   . F1R J 4 .  ? 15.163  0.581   4.939   1.00 29.02 ? 103 F1R B CAP   1 
HETATM 1105 C  CAQ   . F1R J 4 .  ? 16.056  -0.412  5.469   1.00 28.38 ? 103 F1R B CAQ   1 
HETATM 1106 C  CAR   . F1R J 4 .  ? 15.533  1.472   3.897   1.00 25.78 ? 103 F1R B CAR   1 
HETATM 1107 C  CAS   . F1R J 4 .  ? 14.615  2.411   3.426   1.00 25.17 ? 103 F1R B CAS   1 
HETATM 1108 C  CAT   . F1R J 4 .  ? 16.286  3.265   2.084   1.00 26.57 ? 103 F1R B CAT   1 
HETATM 1109 C  CAU   . F1R J 4 .  ? 13.338  2.471   3.967   1.00 28.29 ? 103 F1R B CAU   1 
HETATM 1110 C  CAV   . F1R J 4 .  ? 12.980  1.608   4.977   1.00 29.49 ? 103 F1R B CAV   1 
HETATM 1111 C  CAW   . F1R J 4 .  ? 13.323  -0.778  2.071   1.00 24.37 ? 103 F1R B CAW   1 
HETATM 1112 C  CAX   . F1R J 4 .  ? 14.312  -2.404  3.326   1.00 25.36 ? 103 F1R B CAX   1 
HETATM 1113 C  CAY   . F1R J 4 .  ? 12.205  -1.698  3.824   1.00 24.84 ? 103 F1R B CAY   1 
HETATM 1114 C  CBB   . F1R J 4 .  ? 18.132  -1.772  4.883   1.00 27.78 ? 103 F1R B CBB   1 
HETATM 1115 C  CBC   . F1R J 4 .  ? 18.503  -2.149  3.444   1.00 31.22 ? 103 F1R B CBC   1 
HETATM 1116 C  CBD   . F1R J 4 .  ? 17.862  -3.478  3.036   1.00 31.35 ? 103 F1R B CBD   1 
HETATM 1117 C  CBE   . F1R J 4 .  ? 16.443  -3.293  2.483   1.00 27.67 ? 103 F1R B CBE   1 
HETATM 1118 N  NAA   . F1R J 4 .  ? 13.499  -0.178  6.453   1.00 31.78 ? 103 F1R B NAA   1 
HETATM 1119 N  NAB   . F1R J 4 .  ? 17.405  -0.511  4.924   1.00 27.41 ? 103 F1R B NAB   1 
HETATM 1120 N  NAC   . F1R J 4 .  ? 13.376  0.149   0.966   1.00 22.86 ? 103 F1R B NAC   1 
HETATM 1121 N  NAD   . F1R J 4 .  ? 14.361  -1.553  2.318   1.00 25.05 ? 103 F1R B NAD   1 
HETATM 1122 N  NAE   . F1R J 4 .  ? 15.472  -3.239  3.562   1.00 25.95 ? 103 F1R B NAE   1 
HETATM 1123 N  NAF   . F1R J 4 .  ? 13.237  -2.479  4.085   1.00 25.68 ? 103 F1R B NAF   1 
HETATM 1124 N  NAG   . F1R J 4 .  ? 11.025  -1.761  4.643   1.00 25.95 ? 103 F1R B NAG   1 
HETATM 1125 N  NAH   . F1R J 4 .  ? 12.247  -0.852  2.826   1.00 23.32 ? 103 F1R B NAH   1 
HETATM 1126 O  OAZ   . F1R J 4 .  ? 14.943  3.290   2.417   1.00 25.03 ? 103 F1R B OAZ   1 
HETATM 1127 CL CLA   . F1R J 4 .  ? 13.975  -3.920  9.902   1.00 31.99 ? 103 F1R B CLA   1 
HETATM 1128 C  CAI   . F1R K 4 .  ? -8.173  10.300  -11.227 1.00 27.43 ? 101 F1R C CAI   1 
HETATM 1129 C  CAJ   . F1R K 4 .  ? -8.604  11.622  -11.211 1.00 27.00 ? 101 F1R C CAJ   1 
HETATM 1130 C  CAK   . F1R K 4 .  ? -7.831  12.569  -10.573 1.00 25.11 ? 101 F1R C CAK   1 
HETATM 1131 C  CAL   . F1R K 4 .  ? -6.622  12.198  -9.918  1.00 25.98 ? 101 F1R C CAL   1 
HETATM 1132 C  CAM   . F1R K 4 .  ? -6.210  10.886  -9.944  1.00 25.06 ? 101 F1R C CAM   1 
HETATM 1133 C  CAN   . F1R K 4 .  ? -6.997  9.908   -10.607 1.00 25.00 ? 101 F1R C CAN   1 
HETATM 1134 C  CAO   . F1R K 4 .  ? -4.267  11.453  -8.693  1.00 24.64 ? 101 F1R C CAO   1 
HETATM 1135 C  CAP   . F1R K 4 .  ? -4.603  12.787  -8.628  1.00 23.69 ? 101 F1R C CAP   1 
HETATM 1136 C  CAQ   . F1R K 4 .  ? -5.833  13.203  -9.252  1.00 24.57 ? 101 F1R C CAQ   1 
HETATM 1137 C  CAR   . F1R K 4 .  ? -3.749  13.711  -7.950  1.00 26.49 ? 101 F1R C CAR   1 
HETATM 1138 C  CAS   . F1R K 4 .  ? -2.569  13.243  -7.352  1.00 27.97 ? 101 F1R C CAS   1 
HETATM 1139 C  CAT   . F1R K 4 .  ? -1.422  15.300  -7.368  1.00 29.59 ? 101 F1R C CAT   1 
HETATM 1140 C  CAU   . F1R K 4 .  ? -2.237  11.886  -7.423  1.00 25.56 ? 101 F1R C CAU   1 
HETATM 1141 C  CAV   . F1R K 4 .  ? -3.065  10.989  -8.082  1.00 25.49 ? 101 F1R C CAV   1 
HETATM 1142 C  CAW   . F1R K 4 .  ? -4.406  12.743  -4.542  1.00 21.63 ? 101 F1R C CAW   1 
HETATM 1143 C  CAX   . F1R K 4 .  ? -6.470  13.175  -5.421  1.00 22.63 ? 101 F1R C CAX   1 
HETATM 1144 C  CAY   . F1R K 4 .  ? -5.629  11.068  -5.531  1.00 20.85 ? 101 F1R C CAY   1 
HETATM 1145 C  CBB   . F1R K 4 .  ? -7.560  15.095  -8.766  1.00 27.49 ? 101 F1R C CBB   1 
HETATM 1146 C  CBC   . F1R K 4 .  ? -7.457  16.321  -7.845  1.00 24.38 ? 101 F1R C CBC   1 
HETATM 1147 C  CBD   . F1R K 4 .  ? -6.522  16.113  -6.634  1.00 26.04 ? 101 F1R C CBD   1 
HETATM 1148 C  CBE   . F1R K 4 .  ? -7.253  15.529  -5.418  1.00 24.94 ? 101 F1R C CBE   1 
HETATM 1149 N  NAA   . F1R K 4 .  ? -5.046  10.519  -9.330  1.00 23.72 ? 101 F1R C NAA   1 
HETATM 1150 N  NAB   . F1R K 4 .  ? -6.245  14.617  -9.219  1.00 26.29 ? 101 F1R C NAB   1 
HETATM 1151 N  NAC   . F1R K 4 .  ? -3.235  13.206  -3.830  1.00 23.63 ? 101 F1R C NAC   1 
HETATM 1152 N  NAD   . F1R K 4 .  ? -5.382  13.594  -4.799  1.00 20.21 ? 101 F1R C NAD   1 
HETATM 1153 N  NAE   . F1R K 4 .  ? -7.526  14.130  -5.706  1.00 25.58 ? 101 F1R C NAE   1 
HETATM 1154 N  NAF   . F1R K 4 .  ? -6.606  11.918  -5.794  1.00 21.94 ? 101 F1R C NAF   1 
HETATM 1155 N  NAG   . F1R K 4 .  ? -5.770  9.684   -5.932  1.00 20.55 ? 101 F1R C NAG   1 
HETATM 1156 N  NAH   . F1R K 4 .  ? -4.542  11.471  -4.897  1.00 21.59 ? 101 F1R C NAH   1 
HETATM 1157 O  OAZ   . F1R K 4 .  ? -1.717  14.121  -6.676  1.00 30.35 ? 101 F1R C OAZ   1 
HETATM 1158 CL CLA   . F1R K 4 .  ? -9.168  9.107   -12.077 1.00 29.47 ? 101 F1R C CLA   1 
HETATM 1159 C  CAI   . F1R L 4 .  ? -15.457 7.198   3.949   1.00 27.77 ? 101 F1R D CAI   1 
HETATM 1160 C  CAJ   . F1R L 4 .  ? -16.709 7.053   3.355   1.00 28.23 ? 101 F1R D CAJ   1 
HETATM 1161 C  CAK   . F1R L 4 .  ? -17.120 5.814   2.886   1.00 27.00 ? 101 F1R D CAK   1 
HETATM 1162 C  CAL   . F1R L 4 .  ? -16.269 4.683   3.002   1.00 26.77 ? 101 F1R D CAL   1 
HETATM 1163 C  CAM   . F1R L 4 .  ? -15.039 4.838   3.586   1.00 26.29 ? 101 F1R D CAM   1 
HETATM 1164 C  CAN   . F1R L 4 .  ? -14.619 6.108   4.078   1.00 25.26 ? 101 F1R D CAN   1 
HETATM 1165 C  CAO   . F1R L 4 .  ? -14.597 2.521   3.268   1.00 26.14 ? 101 F1R D CAO   1 
HETATM 1166 C  CAP   . F1R L 4 .  ? -15.800 2.281   2.671   1.00 26.55 ? 101 F1R D CAP   1 
HETATM 1167 C  CAQ   . F1R L 4 .  ? -16.692 3.398   2.517   1.00 25.87 ? 101 F1R D CAQ   1 
HETATM 1168 C  CAR   . F1R L 4 .  ? -16.111 0.957   2.236   1.00 25.15 ? 101 F1R D CAR   1 
HETATM 1169 C  CAS   . F1R L 4 .  ? -15.187 -0.082  2.418   1.00 26.64 ? 101 F1R D CAS   1 
HETATM 1170 C  CAT   . F1R L 4 .  ? -16.802 -1.632  1.789   1.00 26.23 ? 101 F1R D CAT   1 
HETATM 1171 C  CAU   . F1R L 4 .  ? -13.964 0.184   3.022   1.00 27.06 ? 101 F1R D CAU   1 
HETATM 1172 C  CAV   . F1R L 4 .  ? -13.665 1.465   3.446   1.00 27.79 ? 101 F1R D CAV   1 
HETATM 1173 C  CAW   . F1R L 4 .  ? -14.136 1.401   -0.766  1.00 23.62 ? 101 F1R D CAW   1 
HETATM 1174 C  CAX   . F1R L 4 .  ? -15.225 3.399   -0.892  1.00 24.58 ? 101 F1R D CAX   1 
HETATM 1175 C  CAY   . F1R L 4 .  ? -13.177 3.278   0.105   1.00 23.46 ? 101 F1R D CAY   1 
HETATM 1176 C  CBB   . F1R L 4 .  ? -18.571 4.230   1.018   1.00 28.35 ? 101 F1R D CBB   1 
HETATM 1177 C  CBC   . F1R L 4 .  ? -19.247 3.624   -0.222  1.00 29.86 ? 101 F1R D CBC   1 
HETATM 1178 C  CBD   . F1R L 4 .  ? -18.317 2.706   -1.015  1.00 27.45 ? 101 F1R D CBD   1 
HETATM 1179 C  CBE   . F1R L 4 .  ? -17.448 3.476   -2.021  1.00 25.89 ? 101 F1R D CBE   1 
HETATM 1180 N  NAA   . F1R L 4 .  ? -14.230 3.752   3.705   1.00 28.97 ? 101 F1R D NAA   1 
HETATM 1181 N  NAB   . F1R L 4 .  ? -17.992 3.209   1.884   1.00 25.66 ? 101 F1R D NAB   1 
HETATM 1182 N  NAC   . F1R L 4 .  ? -14.091 -0.016  -1.047  1.00 25.79 ? 101 F1R D NAC   1 
HETATM 1183 N  NAD   . F1R L 4 .  ? -15.183 2.109   -1.139  1.00 22.44 ? 101 F1R D NAD   1 
HETATM 1184 N  NAE   . F1R L 4 .  ? -16.388 4.160   -1.305  1.00 25.88 ? 101 F1R D NAE   1 
HETATM 1185 N  NAF   . F1R L 4 .  ? -14.230 3.985   -0.267  1.00 23.31 ? 101 F1R D NAF   1 
HETATM 1186 N  NAG   . F1R L 4 .  ? -12.082 3.917   0.785   1.00 22.39 ? 101 F1R D NAG   1 
HETATM 1187 N  NAH   . F1R L 4 .  ? -13.132 1.989   -0.147  1.00 24.30 ? 101 F1R D NAH   1 
HETATM 1188 O  OAZ   . F1R L 4 .  ? -15.454 -1.380  2.001   1.00 26.31 ? 101 F1R D OAZ   1 
HETATM 1189 CL CLA   . F1R L 4 .  ? -14.991 8.807   4.545   1.00 30.65 ? 101 F1R D CLA   1 
HETATM 1190 O  O     . HOH M 5 .  ? 6.797   11.118  -5.339  1.00 32.48 ? 201 HOH A O     1 
HETATM 1191 O  O     . HOH M 5 .  ? 8.204   -5.200  -2.081  1.00 26.09 ? 202 HOH A O     1 
HETATM 1192 O  O     . HOH M 5 .  ? 2.614   13.787  -16.275 1.00 35.91 ? 203 HOH A O     1 
HETATM 1193 O  O     . HOH M 5 .  ? 8.250   -15.098 -6.383  1.00 31.61 ? 204 HOH A O     1 
HETATM 1194 O  O     . HOH M 5 .  ? -2.775  9.931   -0.807  1.00 19.49 ? 205 HOH A O     1 
HETATM 1195 O  O     . HOH M 5 .  ? 3.874   -7.601  -3.145  1.00 27.97 ? 206 HOH A O     1 
HETATM 1196 O  O     . HOH M 5 .  ? 4.433   -26.495 3.453   1.00 38.12 ? 207 HOH A O     1 
HETATM 1197 O  O     . HOH M 5 .  ? 5.607   -13.044 -5.255  1.00 30.11 ? 208 HOH A O     1 
HETATM 1198 O  O     . HOH M 5 .  ? 3.552   -9.255  -0.040  1.00 20.89 ? 209 HOH A O     1 
HETATM 1199 O  O     . HOH M 5 .  ? 7.492   -9.779  -2.235  1.00 28.21 ? 210 HOH A O     1 
HETATM 1200 O  O     . HOH M 5 .  ? 5.298   -28.677 -2.933  1.00 30.29 ? 211 HOH A O     1 
HETATM 1201 O  O     . HOH M 5 .  ? 14.032  -11.550 3.016   1.00 25.82 ? 212 HOH A O     1 
HETATM 1202 O  O     . HOH M 5 .  ? 8.229   -2.221  2.401   1.00 19.20 ? 213 HOH A O     1 
HETATM 1203 O  O     . HOH M 5 .  ? 1.312   15.703  -12.259 1.00 27.14 ? 214 HOH A O     1 
HETATM 1204 O  O     . HOH M 5 .  ? -2.921  15.602  -2.220  1.00 30.62 ? 215 HOH A O     1 
HETATM 1205 O  O     . HOH M 5 .  ? -4.551  7.694   -3.169  1.00 19.30 ? 216 HOH A O     1 
HETATM 1206 O  O     . HOH M 5 .  ? 0.321   9.967   -6.310  1.00 24.38 ? 217 HOH A O     1 
HETATM 1207 O  O     . HOH M 5 .  ? 5.088   -11.339 -3.159  1.00 26.05 ? 218 HOH A O     1 
HETATM 1208 O  O     . HOH M 5 .  ? 5.544   7.721   -8.504  1.00 31.15 ? 219 HOH A O     1 
HETATM 1209 O  O     . HOH M 5 .  ? 2.736   -9.277  1.994   1.00 20.46 ? 220 HOH A O     1 
HETATM 1210 O  O     . HOH M 5 .  ? 2.939   10.044  -6.375  1.00 27.88 ? 221 HOH A O     1 
HETATM 1211 O  O     . HOH M 5 .  ? 0.716   11.853  0.967   1.00 27.32 ? 222 HOH A O     1 
HETATM 1212 O  O     . HOH M 5 .  ? 2.348   1.328   -8.819  1.00 30.68 ? 223 HOH A O     1 
HETATM 1213 O  O     . HOH M 5 .  ? 3.591   8.447   -9.677  1.00 32.90 ? 224 HOH A O     1 
HETATM 1214 O  O     . HOH M 5 .  ? 8.113   7.334   -7.100  1.00 33.91 ? 225 HOH A O     1 
HETATM 1215 O  O     . HOH M 5 .  ? 5.137   4.736   -8.573  1.00 29.15 ? 226 HOH A O     1 
HETATM 1216 O  O     . HOH M 5 .  ? -0.238  -22.303 -2.429  1.00 31.45 ? 227 HOH A O     1 
HETATM 1217 O  O     . HOH M 5 .  ? 7.522   8.248   -9.141  1.00 36.72 ? 228 HOH A O     1 
HETATM 1218 O  O     . HOH M 5 .  ? 4.433   -14.934 6.407   1.00 28.40 ? 229 HOH A O     1 
HETATM 1219 O  O     . HOH M 5 .  ? 2.566   -21.838 0.622   1.00 36.27 ? 230 HOH A O     1 
HETATM 1220 O  O     . HOH M 5 .  ? 2.508   -30.130 -0.885  1.00 28.88 ? 231 HOH A O     1 
HETATM 1221 O  O     . HOH M 5 .  ? 10.099  -27.082 2.039   1.00 33.52 ? 232 HOH A O     1 
HETATM 1222 O  O     . HOH M 5 .  ? 8.532   -8.526  -4.237  1.00 36.52 ? 233 HOH A O     1 
HETATM 1223 O  O     . HOH M 5 .  ? 5.967   -31.764 3.239   1.00 30.96 ? 234 HOH A O     1 
HETATM 1224 O  O     . HOH M 5 .  ? 8.633   -20.517 2.520   1.00 38.13 ? 235 HOH A O     1 
HETATM 1225 O  O     . HOH M 5 .  ? 15.732  -24.256 0.429   1.00 44.83 ? 236 HOH A O     1 
HETATM 1226 O  O     . HOH M 5 .  ? -0.746  7.542   -6.862  1.00 25.29 ? 237 HOH A O     1 
HETATM 1227 O  O     . HOH M 5 .  ? 0.166   5.605   -7.867  1.00 25.50 ? 238 HOH A O     1 
HETATM 1228 O  O     . HOH N 5 .  ? -18.641 -1.195  13.959  1.00 38.38 ? 201 HOH B O     1 
HETATM 1229 O  O     . HOH N 5 .  ? -0.696  -8.868  7.983   1.00 28.11 ? 202 HOH B O     1 
HETATM 1230 O  O     . HOH N 5 .  ? 10.686  -0.666  6.696   1.00 29.64 ? 203 HOH B O     1 
HETATM 1231 O  O     . HOH N 5 .  ? -8.154  2.850   -2.772  1.00 20.15 ? 204 HOH B O     1 
HETATM 1232 O  O     . HOH N 5 .  ? 22.368  10.446  8.124   1.00 34.59 ? 205 HOH B O     1 
HETATM 1233 O  O     . HOH N 5 .  ? -11.576 -1.764  2.814   1.00 25.04 ? 206 HOH B O     1 
HETATM 1234 O  O     . HOH N 5 .  ? -18.621 -2.055  7.480   1.00 26.03 ? 207 HOH B O     1 
HETATM 1235 O  O     . HOH N 5 .  ? 26.357  4.952   11.782  1.00 27.64 ? 208 HOH B O     1 
HETATM 1236 O  O     . HOH N 5 .  ? 26.194  3.233   5.272   1.00 35.28 ? 209 HOH B O     1 
HETATM 1237 O  O     . HOH N 5 .  ? -9.114  -5.642  7.034   1.00 26.06 ? 210 HOH B O     1 
HETATM 1238 O  O     . HOH N 5 .  ? 18.976  1.410   3.908   1.00 26.82 ? 211 HOH B O     1 
HETATM 1239 O  O     . HOH N 5 .  ? 14.667  -9.891  5.304   1.00 24.42 ? 212 HOH B O     1 
HETATM 1240 O  O     . HOH N 5 .  ? -10.822 -4.774  3.057   1.00 25.27 ? 213 HOH B O     1 
HETATM 1241 O  O     . HOH N 5 .  ? -11.217 -7.965  6.497   1.00 30.46 ? 214 HOH B O     1 
HETATM 1242 O  O     . HOH N 5 .  ? -4.679  -6.446  7.198   1.00 25.63 ? 215 HOH B O     1 
HETATM 1243 O  O     . HOH N 5 .  ? -10.636 0.752   -0.441  1.00 19.60 ? 216 HOH B O     1 
HETATM 1244 O  O     . HOH N 5 .  ? -10.332 -4.402  -3.514  1.00 29.31 ? 217 HOH B O     1 
HETATM 1245 O  O     . HOH N 5 .  ? 4.564   -7.686  1.406   1.00 20.08 ? 218 HOH B O     1 
HETATM 1246 O  O     . HOH N 5 .  ? 13.053  -0.261  13.102  1.00 39.99 ? 219 HOH B O     1 
HETATM 1247 O  O     . HOH N 5 .  ? 20.245  0.179   7.323   1.00 31.53 ? 220 HOH B O     1 
HETATM 1248 O  O     . HOH N 5 .  ? 8.603   -0.138  4.674   1.00 23.59 ? 221 HOH B O     1 
HETATM 1249 O  O     . HOH N 5 .  ? -6.277  -3.768  8.452   1.00 34.54 ? 222 HOH B O     1 
HETATM 1250 O  O     . HOH N 5 .  ? 19.561  7.634   8.079   1.00 34.86 ? 223 HOH B O     1 
HETATM 1251 O  O     . HOH N 5 .  ? -10.920 -0.036  10.690  1.00 41.00 ? 224 HOH B O     1 
HETATM 1252 O  O     . HOH N 5 .  ? 21.384  4.162   6.680   1.00 34.68 ? 225 HOH B O     1 
HETATM 1253 O  O     . HOH N 5 .  ? 14.094  -12.831 11.681  1.00 38.60 ? 226 HOH B O     1 
HETATM 1254 O  O     . HOH N 5 .  ? 9.169   -2.993  7.285   1.00 26.26 ? 227 HOH B O     1 
HETATM 1255 O  O     . HOH N 5 .  ? -10.217 1.338   7.534   1.00 30.88 ? 228 HOH B O     1 
HETATM 1256 O  O     . HOH N 5 .  ? 16.506  -0.379  0.225   1.00 28.42 ? 229 HOH B O     1 
HETATM 1257 O  O     . HOH N 5 .  ? 5.801   -5.937  6.748   1.00 24.76 ? 230 HOH B O     1 
HETATM 1258 O  O     . HOH N 5 .  ? -19.153 -0.825  -1.471  1.00 31.78 ? 231 HOH B O     1 
HETATM 1259 O  O     . HOH N 5 .  ? -9.518  -0.261  3.007   1.00 24.44 ? 232 HOH B O     1 
HETATM 1260 O  O     . HOH N 5 .  ? -8.881  -7.980  6.968   1.00 27.61 ? 233 HOH B O     1 
HETATM 1261 O  O     . HOH N 5 .  ? 27.805  6.865   10.746  1.00 24.60 ? 234 HOH B O     1 
HETATM 1262 O  O     . HOH N 5 .  ? 2.439   -1.206  9.479   1.00 34.75 ? 235 HOH B O     1 
HETATM 1263 O  O     . HOH N 5 .  ? 5.820   -15.103 8.418   1.00 32.75 ? 236 HOH B O     1 
HETATM 1264 O  O     . HOH N 5 .  ? 25.250  -7.203  11.287  1.00 43.29 ? 237 HOH B O     1 
HETATM 1265 O  O     . HOH N 5 .  ? -6.993  -5.133  10.116  1.00 30.84 ? 238 HOH B O     1 
HETATM 1266 O  O     . HOH N 5 .  ? 6.215   -5.559  13.122  1.00 48.16 ? 239 HOH B O     1 
HETATM 1267 O  O     . HOH N 5 .  ? -6.834  -1.652  16.000  1.00 47.44 ? 240 HOH B O     1 
HETATM 1268 O  O     . HOH N 5 .  ? -7.640  0.311   5.685   1.00 25.76 ? 241 HOH B O     1 
HETATM 1269 O  O     . HOH N 5 .  ? 9.679   -3.853  11.744  1.00 38.67 ? 242 HOH B O     1 
HETATM 1270 O  O     . HOH O 5 .  ? -0.365  -13.459 -9.245  1.00 42.93 ? 201 HOH C O     1 
HETATM 1271 O  O     . HOH O 5 .  ? 2.346   -8.254  4.831   1.00 21.23 ? 202 HOH C O     1 
HETATM 1272 O  O     . HOH O 5 .  ? -7.411  -7.204  -2.437  1.00 27.58 ? 203 HOH C O     1 
HETATM 1273 O  O     . HOH O 5 .  ? -8.028  3.171   -5.569  1.00 26.76 ? 204 HOH C O     1 
HETATM 1274 O  O     . HOH O 5 .  ? -4.709  -8.622  -4.656  1.00 32.45 ? 205 HOH C O     1 
HETATM 1275 O  O     . HOH O 5 .  ? -8.597  3.149   -0.616  1.00 21.50 ? 206 HOH C O     1 
HETATM 1276 O  O     . HOH O 5 .  ? -7.109  -8.172  2.796   1.00 22.12 ? 207 HOH C O     1 
HETATM 1277 O  O     . HOH O 5 .  ? -9.917  0.128   -3.100  1.00 22.20 ? 208 HOH C O     1 
HETATM 1278 O  O     . HOH O 5 .  ? -1.742  18.256  -12.545 1.00 36.37 ? 209 HOH C O     1 
HETATM 1279 O  O     . HOH O 5 .  ? -7.759  -10.230 -0.569  1.00 22.64 ? 210 HOH C O     1 
HETATM 1280 O  O     . HOH O 5 .  ? -3.002  -11.787 0.372   1.00 27.22 ? 211 HOH C O     1 
HETATM 1281 O  O     . HOH O 5 .  ? -7.239  9.008   -14.698 1.00 33.16 ? 212 HOH C O     1 
HETATM 1282 O  O     . HOH O 5 .  ? 2.288   -13.956 7.045   1.00 27.88 ? 213 HOH C O     1 
HETATM 1283 O  O     . HOH O 5 .  ? 4.384   -6.157  4.461   1.00 19.47 ? 214 HOH C O     1 
HETATM 1284 O  O     . HOH O 5 .  ? 6.177   -4.748  1.917   1.00 22.19 ? 215 HOH C O     1 
HETATM 1285 O  O     . HOH O 5 .  ? 1.753   -19.073 7.383   1.00 37.67 ? 216 HOH C O     1 
HETATM 1286 O  O     . HOH O 5 .  ? -3.332  4.441   -7.579  1.00 28.35 ? 217 HOH C O     1 
HETATM 1287 O  O     . HOH O 5 .  ? -3.508  7.805   -5.839  1.00 19.51 ? 218 HOH C O     1 
HETATM 1288 O  O     . HOH O 5 .  ? -4.837  16.154  -3.424  1.00 28.31 ? 219 HOH C O     1 
HETATM 1289 O  O     . HOH O 5 .  ? -1.713  -20.259 -5.545  1.00 33.99 ? 220 HOH C O     1 
HETATM 1290 O  O     . HOH O 5 .  ? -4.606  7.599   -9.570  1.00 26.19 ? 221 HOH C O     1 
HETATM 1291 O  O     . HOH O 5 .  ? -4.948  7.821   -12.255 1.00 30.84 ? 222 HOH C O     1 
HETATM 1292 O  O     . HOH O 5 .  ? -0.808  -19.657 -1.469  1.00 25.97 ? 223 HOH C O     1 
HETATM 1293 O  O     . HOH O 5 .  ? -2.876  9.132   -4.077  1.00 19.30 ? 224 HOH C O     1 
HETATM 1294 O  O     . HOH O 5 .  ? -1.751  -5.675  -7.141  1.00 36.37 ? 225 HOH C O     1 
HETATM 1295 O  O     . HOH O 5 .  ? -16.448 3.871   -12.292 1.00 37.38 ? 226 HOH C O     1 
HETATM 1296 O  O     . HOH O 5 .  ? -0.711  -19.466 1.810   1.00 29.32 ? 227 HOH C O     1 
HETATM 1297 O  O     . HOH O 5 .  ? -18.079 8.971   -11.411 1.00 34.61 ? 228 HOH C O     1 
HETATM 1298 O  O     . HOH O 5 .  ? -5.787  25.614  -18.420 1.00 29.54 ? 229 HOH C O     1 
HETATM 1299 O  O     . HOH O 5 .  ? -6.865  -11.180 1.980   1.00 27.10 ? 230 HOH C O     1 
HETATM 1300 O  O     . HOH O 5 .  ? -16.556 8.364   -3.982  1.00 31.59 ? 231 HOH C O     1 
HETATM 1301 O  O     . HOH O 5 .  ? -2.549  24.652  -17.762 1.00 34.49 ? 232 HOH C O     1 
HETATM 1302 O  O     . HOH O 5 .  ? -13.986 11.689  -4.328  1.00 29.36 ? 233 HOH C O     1 
HETATM 1303 O  O     . HOH O 5 .  ? -0.376  -11.362 0.502   1.00 25.62 ? 234 HOH C O     1 
HETATM 1304 O  O     . HOH O 5 .  ? -7.788  4.996   -9.181  1.00 36.04 ? 235 HOH C O     1 
HETATM 1305 O  O     . HOH O 5 .  ? -9.466  -7.529  2.002   1.00 24.67 ? 236 HOH C O     1 
HETATM 1306 O  O     . HOH O 5 .  ? -7.905  14.869  -19.236 1.00 42.98 ? 237 HOH C O     1 
HETATM 1307 O  O     . HOH O 5 .  ? -10.340 12.700  -17.182 1.00 34.53 ? 238 HOH C O     1 
HETATM 1308 O  O     . HOH O 5 .  ? -16.321 11.615  -6.890  1.00 36.04 ? 239 HOH C O     1 
HETATM 1309 O  O     . HOH O 5 .  ? -7.286  -11.622 -2.744  1.00 26.99 ? 240 HOH C O     1 
HETATM 1310 O  O     . HOH O 5 .  ? -0.228  -12.654 -5.844  1.00 33.57 ? 241 HOH C O     1 
HETATM 1311 O  O     . HOH O 5 .  ? -1.113  -8.519  -2.396  1.00 27.63 ? 242 HOH C O     1 
HETATM 1312 O  O     . HOH O 5 .  ? 4.125   -17.852 5.511   1.00 34.68 ? 243 HOH C O     1 
HETATM 1313 O  O     . HOH O 5 .  ? -6.357  -10.591 -4.751  1.00 29.50 ? 244 HOH C O     1 
HETATM 1314 O  O     . HOH O 5 .  ? -3.855  17.573  -7.227  1.00 32.43 ? 245 HOH C O     1 
HETATM 1315 O  O     . HOH O 5 .  ? 0.973   -9.946  -1.472  1.00 25.26 ? 246 HOH C O     1 
HETATM 1316 O  O     . HOH O 5 .  ? -10.420 -15.834 4.464   1.00 37.38 ? 247 HOH C O     1 
HETATM 1317 O  O     . HOH P 5 .  ? -6.252  3.825   4.438   1.00 29.57 ? 201 HOH D O     1 
HETATM 1318 O  O     . HOH P 5 .  ? 4.106   9.686   2.090   1.00 25.95 ? 202 HOH D O     1 
HETATM 1319 O  O     . HOH P 5 .  ? 15.708  1.003   -1.743  1.00 29.34 ? 203 HOH D O     1 
HETATM 1320 O  O     . HOH P 5 .  ? 8.784   6.856   6.491   1.00 33.78 ? 204 HOH D O     1 
HETATM 1321 O  O     . HOH P 5 .  ? 9.587   -1.258  -1.128  1.00 23.33 ? 205 HOH D O     1 
HETATM 1322 O  O     . HOH P 5 .  ? 10.858  0.917   -5.104  1.00 30.44 ? 206 HOH D O     1 
HETATM 1323 O  O     . HOH P 5 .  ? 10.348  -0.184  0.760   1.00 20.01 ? 207 HOH D O     1 
HETATM 1324 O  O     . HOH P 5 .  ? 8.062   -3.412  -0.007  1.00 19.82 ? 208 HOH D O     1 
HETATM 1325 O  O     . HOH P 5 .  ? -16.725 -0.077  -1.392  1.00 27.52 ? 209 HOH D O     1 
HETATM 1326 O  O     . HOH P 5 .  ? 7.083   8.324   -2.763  1.00 19.63 ? 210 HOH D O     1 
HETATM 1327 O  O     . HOH P 5 .  ? -9.586  6.644   3.427   1.00 28.61 ? 211 HOH D O     1 
HETATM 1328 O  O     . HOH P 5 .  ? -2.677  1.896   7.189   1.00 26.31 ? 212 HOH D O     1 
HETATM 1329 O  O     . HOH P 5 .  ? 7.504   10.570  0.444   1.00 27.20 ? 213 HOH D O     1 
HETATM 1330 O  O     . HOH P 5 .  ? 17.491  6.760   6.554   1.00 25.50 ? 214 HOH D O     1 
HETATM 1331 O  O     . HOH P 5 .  ? -11.544 4.268   4.046   1.00 28.45 ? 215 HOH D O     1 
HETATM 1332 O  O     . HOH P 5 .  ? -6.584  8.837   1.395   1.00 24.47 ? 216 HOH D O     1 
HETATM 1333 O  O     . HOH P 5 .  ? 10.493  6.370   0.934   1.00 24.70 ? 217 HOH D O     1 
HETATM 1334 O  O     . HOH P 5 .  ? 8.292   9.141   2.914   1.00 28.07 ? 218 HOH D O     1 
HETATM 1335 O  O     . HOH P 5 .  ? -27.807 1.759   8.914   1.00 32.16 ? 219 HOH D O     1 
HETATM 1336 O  O     . HOH P 5 .  ? 20.409  2.399   -0.606  1.00 30.52 ? 220 HOH D O     1 
HETATM 1337 O  O     . HOH P 5 .  ? 1.543   5.229   7.475   1.00 31.41 ? 221 HOH D O     1 
HETATM 1338 O  O     . HOH P 5 .  ? -19.475 0.774   1.783   1.00 26.83 ? 222 HOH D O     1 
HETATM 1339 O  O     . HOH P 5 .  ? 13.598  0.779   -3.220  1.00 28.79 ? 223 HOH D O     1 
HETATM 1340 O  O     . HOH P 5 .  ? -4.785  7.927   -0.283  1.00 19.55 ? 224 HOH D O     1 
HETATM 1341 O  O     . HOH P 5 .  ? -6.970  5.578   -1.829  1.00 24.94 ? 225 HOH D O     1 
HETATM 1342 O  O     . HOH P 5 .  ? 11.058  3.730   1.940   1.00 23.84 ? 226 HOH D O     1 
HETATM 1343 O  O     . HOH P 5 .  ? -12.330 13.814  -4.429  1.00 29.11 ? 227 HOH D O     1 
HETATM 1344 O  O     . HOH P 5 .  ? 9.398   7.578   -1.911  1.00 26.42 ? 228 HOH D O     1 
HETATM 1345 O  O     . HOH P 5 .  ? -31.146 2.153   7.675   1.00 29.24 ? 229 HOH D O     1 
HETATM 1346 O  O     . HOH P 5 .  ? -9.333  2.826   2.640   1.00 23.54 ? 230 HOH D O     1 
HETATM 1347 O  O     . HOH P 5 .  ? 18.991  0.508   0.702   1.00 31.15 ? 231 HOH D O     1 
HETATM 1348 O  O     . HOH P 5 .  ? 6.881   4.430   3.820   1.00 26.12 ? 232 HOH D O     1 
HETATM 1349 O  O     . HOH P 5 .  ? 16.587  9.733   7.209   1.00 36.93 ? 233 HOH D O     1 
HETATM 1350 O  O     . HOH P 5 .  ? -14.638 7.436   9.631   1.00 37.58 ? 234 HOH D O     1 
HETATM 1351 O  O     . HOH P 5 .  ? 8.340   11.289  2.496   1.00 25.07 ? 235 HOH D O     1 
HETATM 1352 O  O     . HOH P 5 .  ? 6.797   10.421  5.133   1.00 28.17 ? 236 HOH D O     1 
HETATM 1353 O  O     . HOH P 5 .  ? -22.492 5.021   1.266   1.00 40.65 ? 237 HOH D O     1 
HETATM 1354 O  O     . HOH P 5 .  ? 9.027   2.283   3.002   1.00 24.64 ? 238 HOH D O     1 
HETATM 1355 O  O     . HOH P 5 .  ? -29.289 0.010   9.890   1.00 23.32 ? 239 HOH D O     1 
HETATM 1356 O  O     . HOH P 5 .  ? -21.507 1.343   -1.668  1.00 41.53 ? 240 HOH D O     1 
# 
loop_
_pdbx_poly_seq_scheme.asym_id 
_pdbx_poly_seq_scheme.entity_id 
_pdbx_poly_seq_scheme.seq_id 
_pdbx_poly_seq_scheme.mon_id 
_pdbx_poly_seq_scheme.ndb_seq_num 
_pdbx_poly_seq_scheme.pdb_seq_num 
_pdbx_poly_seq_scheme.auth_seq_num 
_pdbx_poly_seq_scheme.pdb_mon_id 
_pdbx_poly_seq_scheme.auth_mon_id 
_pdbx_poly_seq_scheme.pdb_strand_id 
_pdbx_poly_seq_scheme.pdb_ins_code 
_pdbx_poly_seq_scheme.hetero 
A 1 1  DT 1  1  1  DT DT A . n 
A 1 2  DT 2  2  2  DT DT A . n 
A 1 3  DC 3  3  3  DC DC A . n 
A 1 4  DT 4  4  4  DT DT A . n 
A 1 5  DG 5  5  5  DG DG A . n 
A 1 6  DC 6  6  6  DC DC A . n 
A 1 7  DT 7  7  7  DT DT A . n 
A 1 8  DG 8  8  8  DG DG A . n 
A 1 9  DC 9  9  9  DC DC A . n 
A 1 10 DT 10 10 10 DT DT A . n 
A 1 11 DG 11 11 11 DG DG A . n 
A 1 12 DA 12 12 12 DA DA A . n 
A 1 13 DA 13 13 13 DA DA A . n 
B 2 1  DT 1  1  1  DT DT B . n 
B 2 2  DT 2  2  2  DT DT B . n 
B 2 3  DC 3  3  3  DC DC B . n 
B 2 4  DT 4  4  4  DT DT B . n 
B 2 5  DG 5  5  5  DG DG B . n 
B 2 6  DC 6  6  6  DC DC B . n 
B 2 7  DA 7  7  7  DA DA B . n 
B 2 8  DG 8  8  8  DG DG B . n 
B 2 9  DC 9  9  9  DC DC B . n 
B 2 10 DT 10 10 10 DT DT B . n 
B 2 11 DG 11 11 11 DG DG B . n 
B 2 12 DA 12 12 12 DA DA B . n 
B 2 13 DA 13 13 13 DA DA B . n 
C 1 1  DT 1  1  1  DT DT C . n 
C 1 2  DT 2  2  2  DT DT C . n 
C 1 3  DC 3  3  3  DC DC C . n 
C 1 4  DT 4  4  4  DT DT C . n 
C 1 5  DG 5  5  5  DG DG C . n 
C 1 6  DC 6  6  6  DC DC C . n 
C 1 7  DT 7  7  7  DT DT C . n 
C 1 8  DG 8  8  8  DG DG C . n 
C 1 9  DC 9  9  9  DC DC C . n 
C 1 10 DT 10 10 10 DT DT C . n 
C 1 11 DG 11 11 11 DG DG C . n 
C 1 12 DA 12 12 12 DA DA C . n 
C 1 13 DA 13 13 13 DA DA C . n 
D 1 1  DT 1  1  1  DT DT D . n 
D 1 2  DT 2  2  2  DT DT D . n 
D 1 3  DC 3  3  3  DC DC D . n 
D 1 4  DT 4  4  4  DT DT D . n 
D 1 5  DG 5  5  5  DG DG D . n 
D 1 6  DC 6  6  6  DC DC D . n 
D 1 7  DT 7  7  7  DT DT D . n 
D 1 8  DG 8  8  8  DG DG D . n 
D 1 9  DC 9  9  9  DC DC D . n 
D 1 10 DT 10 10 10 DT DT D . n 
D 1 11 DG 11 11 11 DG DG D . n 
D 1 12 DA 12 12 12 DA DA D . n 
D 1 13 DA 13 13 13 DA DA D . n 
# 
loop_
_pdbx_nonpoly_scheme.asym_id 
_pdbx_nonpoly_scheme.entity_id 
_pdbx_nonpoly_scheme.mon_id 
_pdbx_nonpoly_scheme.ndb_seq_num 
_pdbx_nonpoly_scheme.pdb_seq_num 
_pdbx_nonpoly_scheme.auth_seq_num 
_pdbx_nonpoly_scheme.pdb_mon_id 
_pdbx_nonpoly_scheme.auth_mon_id 
_pdbx_nonpoly_scheme.pdb_strand_id 
_pdbx_nonpoly_scheme.pdb_ins_code 
E 3 CO  1  101 2   CO  CO  A . 
F 3 CO  1  102 3   CO  CO  A . 
G 4 F1R 1  103 3   F1R TAZ A . 
H 3 CO  1  101 1   CO  CO  B . 
I 3 CO  1  102 4   CO  CO  B . 
J 4 F1R 1  103 4   F1R TAZ B . 
K 4 F1R 1  101 1   F1R TAZ C . 
L 4 F1R 1  101 2   F1R TAZ D . 
M 5 HOH 1  201 86  HOH HOH A . 
M 5 HOH 2  202 20  HOH HOH A . 
M 5 HOH 3  203 134 HOH HOH A . 
M 5 HOH 4  204 126 HOH HOH A . 
M 5 HOH 5  205 146 HOH HOH A . 
M 5 HOH 6  206 50  HOH HOH A . 
M 5 HOH 7  207 173 HOH HOH A . 
M 5 HOH 8  208 53  HOH HOH A . 
M 5 HOH 9  209 21  HOH HOH A . 
M 5 HOH 10 210 60  HOH HOH A . 
M 5 HOH 11 211 77  HOH HOH A . 
M 5 HOH 12 212 92  HOH HOH A . 
M 5 HOH 13 213 141 HOH HOH A . 
M 5 HOH 14 214 13  HOH HOH A . 
M 5 HOH 15 215 73  HOH HOH A . 
M 5 HOH 16 216 145 HOH HOH A . 
M 5 HOH 17 217 24  HOH HOH A . 
M 5 HOH 18 218 63  HOH HOH A . 
M 5 HOH 19 219 121 HOH HOH A . 
M 5 HOH 20 220 1   HOH HOH A . 
M 5 HOH 21 221 44  HOH HOH A . 
M 5 HOH 22 222 84  HOH HOH A . 
M 5 HOH 23 223 130 HOH HOH A . 
M 5 HOH 24 224 138 HOH HOH A . 
M 5 HOH 25 225 147 HOH HOH A . 
M 5 HOH 26 226 99  HOH HOH A . 
M 5 HOH 27 227 156 HOH HOH A . 
M 5 HOH 28 228 118 HOH HOH A . 
M 5 HOH 29 229 46  HOH HOH A . 
M 5 HOH 30 230 177 HOH HOH A . 
M 5 HOH 31 231 104 HOH HOH A . 
M 5 HOH 32 232 192 HOH HOH A . 
M 5 HOH 33 233 186 HOH HOH A . 
M 5 HOH 34 234 83  HOH HOH A . 
M 5 HOH 35 235 172 HOH HOH A . 
M 5 HOH 36 236 179 HOH HOH A . 
M 5 HOH 37 237 38  HOH HOH A . 
M 5 HOH 38 238 58  HOH HOH A . 
N 5 HOH 1  201 95  HOH HOH B . 
N 5 HOH 2  202 27  HOH HOH B . 
N 5 HOH 3  203 57  HOH HOH B . 
N 5 HOH 4  204 4   HOH HOH B . 
N 5 HOH 5  205 81  HOH HOH B . 
N 5 HOH 6  206 15  HOH HOH B . 
N 5 HOH 7  207 11  HOH HOH B . 
N 5 HOH 8  208 154 HOH HOH B . 
N 5 HOH 9  209 176 HOH HOH B . 
N 5 HOH 10 210 162 HOH HOH B . 
N 5 HOH 11 211 37  HOH HOH B . 
N 5 HOH 12 212 91  HOH HOH B . 
N 5 HOH 13 213 40  HOH HOH B . 
N 5 HOH 14 214 163 HOH HOH B . 
N 5 HOH 15 215 68  HOH HOH B . 
N 5 HOH 16 216 2   HOH HOH B . 
N 5 HOH 17 217 28  HOH HOH B . 
N 5 HOH 18 218 140 HOH HOH B . 
N 5 HOH 19 219 109 HOH HOH B . 
N 5 HOH 20 220 189 HOH HOH B . 
N 5 HOH 21 221 18  HOH HOH B . 
N 5 HOH 22 222 188 HOH HOH B . 
N 5 HOH 23 223 158 HOH HOH B . 
N 5 HOH 24 224 107 HOH HOH B . 
N 5 HOH 25 225 102 HOH HOH B . 
N 5 HOH 26 226 114 HOH HOH B . 
N 5 HOH 27 227 31  HOH HOH B . 
N 5 HOH 28 228 74  HOH HOH B . 
N 5 HOH 29 229 48  HOH HOH B . 
N 5 HOH 30 230 26  HOH HOH B . 
N 5 HOH 31 231 42  HOH HOH B . 
N 5 HOH 32 232 33  HOH HOH B . 
N 5 HOH 33 233 164 HOH HOH B . 
N 5 HOH 34 234 97  HOH HOH B . 
N 5 HOH 35 235 157 HOH HOH B . 
N 5 HOH 36 236 132 HOH HOH B . 
N 5 HOH 37 237 178 HOH HOH B . 
N 5 HOH 38 238 165 HOH HOH B . 
N 5 HOH 39 239 183 HOH HOH B . 
N 5 HOH 40 240 168 HOH HOH B . 
N 5 HOH 41 241 160 HOH HOH B . 
N 5 HOH 42 242 184 HOH HOH B . 
O 5 HOH 1  201 133 HOH HOH C . 
O 5 HOH 2  202 139 HOH HOH C . 
O 5 HOH 3  203 69  HOH HOH C . 
O 5 HOH 4  204 25  HOH HOH C . 
O 5 HOH 5  205 64  HOH HOH C . 
O 5 HOH 6  206 144 HOH HOH C . 
O 5 HOH 7  207 9   HOH HOH C . 
O 5 HOH 8  208 143 HOH HOH C . 
O 5 HOH 9  209 103 HOH HOH C . 
O 5 HOH 10 210 150 HOH HOH C . 
O 5 HOH 11 211 41  HOH HOH C . 
O 5 HOH 12 212 110 HOH HOH C . 
O 5 HOH 13 213 88  HOH HOH C . 
O 5 HOH 14 214 3   HOH HOH C . 
O 5 HOH 15 215 30  HOH HOH C . 
O 5 HOH 16 216 171 HOH HOH C . 
O 5 HOH 17 217 159 HOH HOH C . 
O 5 HOH 18 218 17  HOH HOH C . 
O 5 HOH 19 219 49  HOH HOH C . 
O 5 HOH 20 220 185 HOH HOH C . 
O 5 HOH 21 221 56  HOH HOH C . 
O 5 HOH 22 222 55  HOH HOH C . 
O 5 HOH 23 223 12  HOH HOH C . 
O 5 HOH 24 224 6   HOH HOH C . 
O 5 HOH 25 225 180 HOH HOH C . 
O 5 HOH 26 226 167 HOH HOH C . 
O 5 HOH 27 227 155 HOH HOH C . 
O 5 HOH 28 228 113 HOH HOH C . 
O 5 HOH 29 229 151 HOH HOH C . 
O 5 HOH 30 230 101 HOH HOH C . 
O 5 HOH 31 231 191 HOH HOH C . 
O 5 HOH 32 232 96  HOH HOH C . 
O 5 HOH 33 233 90  HOH HOH C . 
O 5 HOH 34 234 16  HOH HOH C . 
O 5 HOH 35 235 32  HOH HOH C . 
O 5 HOH 36 236 100 HOH HOH C . 
O 5 HOH 37 237 170 HOH HOH C . 
O 5 HOH 38 238 169 HOH HOH C . 
O 5 HOH 39 239 182 HOH HOH C . 
O 5 HOH 40 240 149 HOH HOH C . 
O 5 HOH 41 241 106 HOH HOH C . 
O 5 HOH 42 242 161 HOH HOH C . 
O 5 HOH 43 243 43  HOH HOH C . 
O 5 HOH 44 244 153 HOH HOH C . 
O 5 HOH 45 245 187 HOH HOH C . 
O 5 HOH 46 246 34  HOH HOH C . 
O 5 HOH 47 247 181 HOH HOH C . 
P 5 HOH 1  201 51  HOH HOH D . 
P 5 HOH 2  202 66  HOH HOH D . 
P 5 HOH 3  203 72  HOH HOH D . 
P 5 HOH 4  204 137 HOH HOH D . 
P 5 HOH 5  205 142 HOH HOH D . 
P 5 HOH 6  206 85  HOH HOH D . 
P 5 HOH 7  207 5   HOH HOH D . 
P 5 HOH 8  208 7   HOH HOH D . 
P 5 HOH 9  209 47  HOH HOH D . 
P 5 HOH 10 210 10  HOH HOH D . 
P 5 HOH 11 211 61  HOH HOH D . 
P 5 HOH 12 212 135 HOH HOH D . 
P 5 HOH 13 213 148 HOH HOH D . 
P 5 HOH 14 214 14  HOH HOH D . 
P 5 HOH 15 215 62  HOH HOH D . 
P 5 HOH 16 216 19  HOH HOH D . 
P 5 HOH 17 217 45  HOH HOH D . 
P 5 HOH 18 218 122 HOH HOH D . 
P 5 HOH 19 219 76  HOH HOH D . 
P 5 HOH 20 220 94  HOH HOH D . 
P 5 HOH 21 221 129 HOH HOH D . 
P 5 HOH 22 222 108 HOH HOH D . 
P 5 HOH 23 223 127 HOH HOH D . 
P 5 HOH 24 224 8   HOH HOH D . 
P 5 HOH 25 225 29  HOH HOH D . 
P 5 HOH 26 226 23  HOH HOH D . 
P 5 HOH 27 227 71  HOH HOH D . 
P 5 HOH 28 228 87  HOH HOH D . 
P 5 HOH 29 229 120 HOH HOH D . 
P 5 HOH 30 230 22  HOH HOH D . 
P 5 HOH 31 231 35  HOH HOH D . 
P 5 HOH 32 232 59  HOH HOH D . 
P 5 HOH 33 233 174 HOH HOH D . 
P 5 HOH 34 234 125 HOH HOH D . 
P 5 HOH 35 235 117 HOH HOH D . 
P 5 HOH 36 236 82  HOH HOH D . 
P 5 HOH 37 237 175 HOH HOH D . 
P 5 HOH 38 238 39  HOH HOH D . 
P 5 HOH 39 239 105 HOH HOH D . 
P 5 HOH 40 240 190 HOH HOH D . 
# 
_pdbx_struct_assembly.id                   1 
_pdbx_struct_assembly.details              author_and_software_defined_assembly 
_pdbx_struct_assembly.method_details       PISA 
_pdbx_struct_assembly.oligomeric_details   tetrameric 
_pdbx_struct_assembly.oligomeric_count     4 
# 
_pdbx_struct_assembly_gen.assembly_id       1 
_pdbx_struct_assembly_gen.oper_expression   1 
_pdbx_struct_assembly_gen.asym_id_list      A,B,C,D,E,F,G,H,I,J,K,L,M,N,O,P 
# 
loop_
_pdbx_struct_assembly_prop.biol_id 
_pdbx_struct_assembly_prop.type 
_pdbx_struct_assembly_prop.value 
_pdbx_struct_assembly_prop.details 
1 'ABSA (A^2)' 6080 ? 
1 MORE         -66  ? 
1 'SSA (A^2)'  8900 ? 
# 
_pdbx_struct_oper_list.id                   1 
_pdbx_struct_oper_list.type                 'identity operation' 
_pdbx_struct_oper_list.name                 1_555 
_pdbx_struct_oper_list.symmetry_operation   x,y,z 
_pdbx_struct_oper_list.matrix[1][1]         1.0000000000 
_pdbx_struct_oper_list.matrix[1][2]         0.0000000000 
_pdbx_struct_oper_list.matrix[1][3]         0.0000000000 
_pdbx_struct_oper_list.vector[1]            0.0000000000 
_pdbx_struct_oper_list.matrix[2][1]         0.0000000000 
_pdbx_struct_oper_list.matrix[2][2]         1.0000000000 
_pdbx_struct_oper_list.matrix[2][3]         0.0000000000 
_pdbx_struct_oper_list.vector[2]            0.0000000000 
_pdbx_struct_oper_list.matrix[3][1]         0.0000000000 
_pdbx_struct_oper_list.matrix[3][2]         0.0000000000 
_pdbx_struct_oper_list.matrix[3][3]         1.0000000000 
_pdbx_struct_oper_list.vector[3]            0.0000000000 
# 
loop_
_pdbx_struct_conn_angle.id 
_pdbx_struct_conn_angle.ptnr1_label_atom_id 
_pdbx_struct_conn_angle.ptnr1_label_alt_id 
_pdbx_struct_conn_angle.ptnr1_label_asym_id 
_pdbx_struct_conn_angle.ptnr1_label_comp_id 
_pdbx_struct_conn_angle.ptnr1_label_seq_id 
_pdbx_struct_conn_angle.ptnr1_auth_atom_id 
_pdbx_struct_conn_angle.ptnr1_auth_asym_id 
_pdbx_struct_conn_angle.ptnr1_auth_comp_id 
_pdbx_struct_conn_angle.ptnr1_auth_seq_id 
_pdbx_struct_conn_angle.ptnr1_PDB_ins_code 
_pdbx_struct_conn_angle.ptnr1_symmetry 
_pdbx_struct_conn_angle.ptnr2_label_atom_id 
_pdbx_struct_conn_angle.ptnr2_label_alt_id 
_pdbx_struct_conn_angle.ptnr2_label_asym_id 
_pdbx_struct_conn_angle.ptnr2_label_comp_id 
_pdbx_struct_conn_angle.ptnr2_label_seq_id 
_pdbx_struct_conn_angle.ptnr2_auth_atom_id 
_pdbx_struct_conn_angle.ptnr2_auth_asym_id 
_pdbx_struct_conn_angle.ptnr2_auth_comp_id 
_pdbx_struct_conn_angle.ptnr2_auth_seq_id 
_pdbx_struct_conn_angle.ptnr2_PDB_ins_code 
_pdbx_struct_conn_angle.ptnr2_symmetry 
_pdbx_struct_conn_angle.ptnr3_label_atom_id 
_pdbx_struct_conn_angle.ptnr3_label_alt_id 
_pdbx_struct_conn_angle.ptnr3_label_asym_id 
_pdbx_struct_conn_angle.ptnr3_label_comp_id 
_pdbx_struct_conn_angle.ptnr3_label_seq_id 
_pdbx_struct_conn_angle.ptnr3_auth_atom_id 
_pdbx_struct_conn_angle.ptnr3_auth_asym_id 
_pdbx_struct_conn_angle.ptnr3_auth_comp_id 
_pdbx_struct_conn_angle.ptnr3_auth_seq_id 
_pdbx_struct_conn_angle.ptnr3_PDB_ins_code 
_pdbx_struct_conn_angle.ptnr3_symmetry 
_pdbx_struct_conn_angle.value 
_pdbx_struct_conn_angle.value_esd 
1 N7 ? A DG 5 ? A DG 5 ? 1_555 CO ? E CO . ? A CO 101 ? 1_555 N7 ? D DG 8 ? D DG 8 ? 1_555 172.8 ? 
2 N7 ? A DG 8 ? A DG 8 ? 1_555 CO ? F CO . ? A CO 102 ? 1_555 N7 ? D DG 5 ? D DG 5 ? 1_555 167.8 ? 
3 N7 ? B DG 5 ? B DG 5 ? 1_555 CO ? H CO . ? B CO 101 ? 1_555 N7 ? C DG 8 ? C DG 8 ? 1_555 153.3 ? 
4 N7 ? B DG 8 ? B DG 8 ? 1_555 CO ? I CO . ? B CO 102 ? 1_555 N7 ? C DG 5 ? C DG 5 ? 1_555 140.4 ? 
# 
loop_
_pdbx_audit_revision_history.ordinal 
_pdbx_audit_revision_history.data_content_type 
_pdbx_audit_revision_history.major_revision 
_pdbx_audit_revision_history.minor_revision 
_pdbx_audit_revision_history.revision_date 
1 'Structure model' 1 0 2020-07-15 
2 'Structure model' 1 1 2023-11-29 
# 
_pdbx_audit_revision_details.ordinal             1 
_pdbx_audit_revision_details.revision_ordinal    1 
_pdbx_audit_revision_details.data_content_type   'Structure model' 
_pdbx_audit_revision_details.provider            repository 
_pdbx_audit_revision_details.type                'Initial release' 
_pdbx_audit_revision_details.description         ? 
_pdbx_audit_revision_details.details             ? 
# 
loop_
_pdbx_audit_revision_group.ordinal 
_pdbx_audit_revision_group.revision_ordinal 
_pdbx_audit_revision_group.data_content_type 
_pdbx_audit_revision_group.group 
1 2 'Structure model' Advisory                 
2 2 'Structure model' 'Data collection'        
3 2 'Structure model' 'Database references'    
4 2 'Structure model' 'Derived calculations'   
5 2 'Structure model' 'Refinement description' 
# 
loop_
_pdbx_audit_revision_category.ordinal 
_pdbx_audit_revision_category.revision_ordinal 
_pdbx_audit_revision_category.data_content_type 
_pdbx_audit_revision_category.category 
1 2 'Structure model' chem_comp_atom                
2 2 'Structure model' chem_comp_bond                
3 2 'Structure model' database_2                    
4 2 'Structure model' pdbx_initial_refinement_model 
5 2 'Structure model' pdbx_unobs_or_zero_occ_atoms  
6 2 'Structure model' struct_conn                   
# 
loop_
_pdbx_audit_revision_item.ordinal 
_pdbx_audit_revision_item.revision_ordinal 
_pdbx_audit_revision_item.data_content_type 
_pdbx_audit_revision_item.item 
1  2 'Structure model' '_database_2.pdbx_DOI'                
2  2 'Structure model' '_database_2.pdbx_database_accession' 
3  2 'Structure model' '_struct_conn.pdbx_dist_value'        
4  2 'Structure model' '_struct_conn.ptnr1_auth_asym_id'     
5  2 'Structure model' '_struct_conn.ptnr1_auth_comp_id'     
6  2 'Structure model' '_struct_conn.ptnr1_auth_seq_id'      
7  2 'Structure model' '_struct_conn.ptnr1_label_asym_id'    
8  2 'Structure model' '_struct_conn.ptnr1_label_atom_id'    
9  2 'Structure model' '_struct_conn.ptnr1_label_comp_id'    
10 2 'Structure model' '_struct_conn.ptnr1_label_seq_id'     
11 2 'Structure model' '_struct_conn.ptnr2_auth_asym_id'     
12 2 'Structure model' '_struct_conn.ptnr2_auth_comp_id'     
13 2 'Structure model' '_struct_conn.ptnr2_auth_seq_id'      
14 2 'Structure model' '_struct_conn.ptnr2_label_asym_id'    
15 2 'Structure model' '_struct_conn.ptnr2_label_atom_id'    
16 2 'Structure model' '_struct_conn.ptnr2_label_comp_id'    
17 2 'Structure model' '_struct_conn.ptnr2_label_seq_id'     
# 
loop_
_software.citation_id 
_software.classification 
_software.compiler_name 
_software.compiler_version 
_software.contact_author 
_software.contact_author_email 
_software.date 
_software.description 
_software.dependencies 
_software.hardware 
_software.language 
_software.location 
_software.mods 
_software.name 
_software.os 
_software.os_version 
_software.type 
_software.version 
_software.pdbx_ordinal 
? 'data scaling'    ? ? ? ? ? ? ? ? ? ? ? HKL-2000    ? ? ? .         1 
? refinement        ? ? ? ? ? ? ? ? ? ? ? PHENIX      ? ? ? 1.14_3260 2 
? 'data extraction' ? ? ? ? ? ? ? ? ? ? ? PDB_EXTRACT ? ? ? 3.25      3 
? 'data reduction'  ? ? ? ? ? ? ? ? ? ? ? HKL-2000    ? ? ? .         4 
? phasing           ? ? ? ? ? ? ? ? ? ? ? PHENIX      ? ? ? .         5 
# 
_pdbx_entry_details.entry_id                 6M5J 
_pdbx_entry_details.has_ligand_of_interest   Y 
_pdbx_entry_details.compound_details         ? 
_pdbx_entry_details.source_details           ? 
_pdbx_entry_details.nonpolymer_details       ? 
_pdbx_entry_details.sequence_details         ? 
# 
loop_
_pdbx_validate_close_contact.id 
_pdbx_validate_close_contact.PDB_model_num 
_pdbx_validate_close_contact.auth_atom_id_1 
_pdbx_validate_close_contact.auth_asym_id_1 
_pdbx_validate_close_contact.auth_comp_id_1 
_pdbx_validate_close_contact.auth_seq_id_1 
_pdbx_validate_close_contact.PDB_ins_code_1 
_pdbx_validate_close_contact.label_alt_id_1 
_pdbx_validate_close_contact.auth_atom_id_2 
_pdbx_validate_close_contact.auth_asym_id_2 
_pdbx_validate_close_contact.auth_comp_id_2 
_pdbx_validate_close_contact.auth_seq_id_2 
_pdbx_validate_close_contact.PDB_ins_code_2 
_pdbx_validate_close_contact.label_alt_id_2 
_pdbx_validate_close_contact.dist 
1 1 CO A CO  101 ? ? O A HOH 216 ? ? 1.60 
2 1 O  A HOH 219 ? ? O A HOH 228 ? ? 2.14 
3 1 O  D HOH 218 ? ? O D HOH 235 ? ? 2.19 
4 1 O  A HOH 209 ? ? O A HOH 220 ? ? 2.19 
# 
loop_
_pdbx_validate_symm_contact.id 
_pdbx_validate_symm_contact.PDB_model_num 
_pdbx_validate_symm_contact.auth_atom_id_1 
_pdbx_validate_symm_contact.auth_asym_id_1 
_pdbx_validate_symm_contact.auth_comp_id_1 
_pdbx_validate_symm_contact.auth_seq_id_1 
_pdbx_validate_symm_contact.PDB_ins_code_1 
_pdbx_validate_symm_contact.label_alt_id_1 
_pdbx_validate_symm_contact.site_symmetry_1 
_pdbx_validate_symm_contact.auth_atom_id_2 
_pdbx_validate_symm_contact.auth_asym_id_2 
_pdbx_validate_symm_contact.auth_comp_id_2 
_pdbx_validate_symm_contact.auth_seq_id_2 
_pdbx_validate_symm_contact.PDB_ins_code_2 
_pdbx_validate_symm_contact.label_alt_id_2 
_pdbx_validate_symm_contact.site_symmetry_2 
_pdbx_validate_symm_contact.dist 
1 1 O4 C DT  4   ? ? 1_555 OP2 D DT  1   ? ? 2_556 1.93 
2 1 O  C HOH 229 ? ? 1_555 O   C HOH 240 ? ? 2_646 1.96 
# 
loop_
_pdbx_unobs_or_zero_occ_atoms.id 
_pdbx_unobs_or_zero_occ_atoms.PDB_model_num 
_pdbx_unobs_or_zero_occ_atoms.polymer_flag 
_pdbx_unobs_or_zero_occ_atoms.occupancy_flag 
_pdbx_unobs_or_zero_occ_atoms.auth_asym_id 
_pdbx_unobs_or_zero_occ_atoms.auth_comp_id 
_pdbx_unobs_or_zero_occ_atoms.auth_seq_id 
_pdbx_unobs_or_zero_occ_atoms.PDB_ins_code 
_pdbx_unobs_or_zero_occ_atoms.auth_atom_id 
_pdbx_unobs_or_zero_occ_atoms.label_alt_id 
_pdbx_unobs_or_zero_occ_atoms.label_asym_id 
_pdbx_unobs_or_zero_occ_atoms.label_comp_id 
_pdbx_unobs_or_zero_occ_atoms.label_seq_id 
_pdbx_unobs_or_zero_occ_atoms.label_atom_id 
1 1 Y 0 A DT 1 ? P     ? A DT 1 P     
2 1 Y 0 B DT 1 ? OP1   ? B DT 1 OP1   
3 1 Y 0 C DT 1 ? "O5'" ? C DT 1 "O5'" 
# 
loop_
_chem_comp_atom.comp_id 
_chem_comp_atom.atom_id 
_chem_comp_atom.type_symbol 
_chem_comp_atom.pdbx_aromatic_flag 
_chem_comp_atom.pdbx_stereo_config 
_chem_comp_atom.pdbx_ordinal 
CO  CO     CO N N 1   
DA  OP3    O  N N 2   
DA  P      P  N N 3   
DA  OP1    O  N N 4   
DA  OP2    O  N N 5   
DA  "O5'"  O  N N 6   
DA  "C5'"  C  N N 7   
DA  "C4'"  C  N R 8   
DA  "O4'"  O  N N 9   
DA  "C3'"  C  N S 10  
DA  "O3'"  O  N N 11  
DA  "C2'"  C  N N 12  
DA  "C1'"  C  N R 13  
DA  N9     N  Y N 14  
DA  C8     C  Y N 15  
DA  N7     N  Y N 16  
DA  C5     C  Y N 17  
DA  C6     C  Y N 18  
DA  N6     N  N N 19  
DA  N1     N  Y N 20  
DA  C2     C  Y N 21  
DA  N3     N  Y N 22  
DA  C4     C  Y N 23  
DA  HOP3   H  N N 24  
DA  HOP2   H  N N 25  
DA  "H5'"  H  N N 26  
DA  "H5''" H  N N 27  
DA  "H4'"  H  N N 28  
DA  "H3'"  H  N N 29  
DA  "HO3'" H  N N 30  
DA  "H2'"  H  N N 31  
DA  "H2''" H  N N 32  
DA  "H1'"  H  N N 33  
DA  H8     H  N N 34  
DA  H61    H  N N 35  
DA  H62    H  N N 36  
DA  H2     H  N N 37  
DC  OP3    O  N N 38  
DC  P      P  N N 39  
DC  OP1    O  N N 40  
DC  OP2    O  N N 41  
DC  "O5'"  O  N N 42  
DC  "C5'"  C  N N 43  
DC  "C4'"  C  N R 44  
DC  "O4'"  O  N N 45  
DC  "C3'"  C  N S 46  
DC  "O3'"  O  N N 47  
DC  "C2'"  C  N N 48  
DC  "C1'"  C  N R 49  
DC  N1     N  N N 50  
DC  C2     C  N N 51  
DC  O2     O  N N 52  
DC  N3     N  N N 53  
DC  C4     C  N N 54  
DC  N4     N  N N 55  
DC  C5     C  N N 56  
DC  C6     C  N N 57  
DC  HOP3   H  N N 58  
DC  HOP2   H  N N 59  
DC  "H5'"  H  N N 60  
DC  "H5''" H  N N 61  
DC  "H4'"  H  N N 62  
DC  "H3'"  H  N N 63  
DC  "HO3'" H  N N 64  
DC  "H2'"  H  N N 65  
DC  "H2''" H  N N 66  
DC  "H1'"  H  N N 67  
DC  H41    H  N N 68  
DC  H42    H  N N 69  
DC  H5     H  N N 70  
DC  H6     H  N N 71  
DG  OP3    O  N N 72  
DG  P      P  N N 73  
DG  OP1    O  N N 74  
DG  OP2    O  N N 75  
DG  "O5'"  O  N N 76  
DG  "C5'"  C  N N 77  
DG  "C4'"  C  N R 78  
DG  "O4'"  O  N N 79  
DG  "C3'"  C  N S 80  
DG  "O3'"  O  N N 81  
DG  "C2'"  C  N N 82  
DG  "C1'"  C  N R 83  
DG  N9     N  Y N 84  
DG  C8     C  Y N 85  
DG  N7     N  Y N 86  
DG  C5     C  Y N 87  
DG  C6     C  N N 88  
DG  O6     O  N N 89  
DG  N1     N  N N 90  
DG  C2     C  N N 91  
DG  N2     N  N N 92  
DG  N3     N  N N 93  
DG  C4     C  Y N 94  
DG  HOP3   H  N N 95  
DG  HOP2   H  N N 96  
DG  "H5'"  H  N N 97  
DG  "H5''" H  N N 98  
DG  "H4'"  H  N N 99  
DG  "H3'"  H  N N 100 
DG  "HO3'" H  N N 101 
DG  "H2'"  H  N N 102 
DG  "H2''" H  N N 103 
DG  "H1'"  H  N N 104 
DG  H8     H  N N 105 
DG  H1     H  N N 106 
DG  H21    H  N N 107 
DG  H22    H  N N 108 
DT  OP3    O  N N 109 
DT  P      P  N N 110 
DT  OP1    O  N N 111 
DT  OP2    O  N N 112 
DT  "O5'"  O  N N 113 
DT  "C5'"  C  N N 114 
DT  "C4'"  C  N R 115 
DT  "O4'"  O  N N 116 
DT  "C3'"  C  N S 117 
DT  "O3'"  O  N N 118 
DT  "C2'"  C  N N 119 
DT  "C1'"  C  N R 120 
DT  N1     N  N N 121 
DT  C2     C  N N 122 
DT  O2     O  N N 123 
DT  N3     N  N N 124 
DT  C4     C  N N 125 
DT  O4     O  N N 126 
DT  C5     C  N N 127 
DT  C7     C  N N 128 
DT  C6     C  N N 129 
DT  HOP3   H  N N 130 
DT  HOP2   H  N N 131 
DT  "H5'"  H  N N 132 
DT  "H5''" H  N N 133 
DT  "H4'"  H  N N 134 
DT  "H3'"  H  N N 135 
DT  "HO3'" H  N N 136 
DT  "H2'"  H  N N 137 
DT  "H2''" H  N N 138 
DT  "H1'"  H  N N 139 
DT  H3     H  N N 140 
DT  H71    H  N N 141 
DT  H72    H  N N 142 
DT  H73    H  N N 143 
DT  H6     H  N N 144 
F1R CAI    C  Y N 145 
F1R CAJ    C  Y N 146 
F1R CAK    C  Y N 147 
F1R CAL    C  Y N 148 
F1R CAM    C  Y N 149 
F1R CAN    C  Y N 150 
F1R CAO    C  Y N 151 
F1R CAP    C  Y N 152 
F1R CAQ    C  Y N 153 
F1R CAR    C  Y N 154 
F1R CAS    C  Y N 155 
F1R CAT    C  N N 156 
F1R CAU    C  Y N 157 
F1R CAV    C  Y N 158 
F1R CAW    C  Y N 159 
F1R CAX    C  Y N 160 
F1R CAY    C  Y N 161 
F1R CBB    C  N N 162 
F1R CBC    C  N N 163 
F1R CBD    C  N N 164 
F1R CBE    C  N N 165 
F1R NAA    N  Y N 166 
F1R NAB    N  N N 167 
F1R NAC    N  N N 168 
F1R NAD    N  Y N 169 
F1R NAE    N  N N 170 
F1R NAF    N  Y N 171 
F1R NAG    N  N N 172 
F1R NAH    N  Y N 173 
F1R OAZ    O  N N 174 
F1R CLA    CL N N 175 
F1R H1     H  N N 176 
F1R H2     H  N N 177 
F1R H3     H  N N 178 
F1R H4     H  N N 179 
F1R H5     H  N N 180 
F1R H6     H  N N 181 
F1R H7     H  N N 182 
F1R H8     H  N N 183 
F1R H9     H  N N 184 
F1R H10    H  N N 185 
F1R H11    H  N N 186 
F1R H12    H  N N 187 
F1R H13    H  N N 188 
F1R H14    H  N N 189 
F1R H15    H  N N 190 
F1R H16    H  N N 191 
F1R H17    H  N N 192 
F1R H18    H  N N 193 
F1R H19    H  N N 194 
F1R H20    H  N N 195 
F1R H21    H  N N 196 
F1R H22    H  N N 197 
F1R H23    H  N N 198 
HOH O      O  N N 199 
HOH H1     H  N N 200 
HOH H2     H  N N 201 
# 
loop_
_chem_comp_bond.comp_id 
_chem_comp_bond.atom_id_1 
_chem_comp_bond.atom_id_2 
_chem_comp_bond.value_order 
_chem_comp_bond.pdbx_aromatic_flag 
_chem_comp_bond.pdbx_stereo_config 
_chem_comp_bond.pdbx_ordinal 
DA  OP3   P      sing N N 1   
DA  OP3   HOP3   sing N N 2   
DA  P     OP1    doub N N 3   
DA  P     OP2    sing N N 4   
DA  P     "O5'"  sing N N 5   
DA  OP2   HOP2   sing N N 6   
DA  "O5'" "C5'"  sing N N 7   
DA  "C5'" "C4'"  sing N N 8   
DA  "C5'" "H5'"  sing N N 9   
DA  "C5'" "H5''" sing N N 10  
DA  "C4'" "O4'"  sing N N 11  
DA  "C4'" "C3'"  sing N N 12  
DA  "C4'" "H4'"  sing N N 13  
DA  "O4'" "C1'"  sing N N 14  
DA  "C3'" "O3'"  sing N N 15  
DA  "C3'" "C2'"  sing N N 16  
DA  "C3'" "H3'"  sing N N 17  
DA  "O3'" "HO3'" sing N N 18  
DA  "C2'" "C1'"  sing N N 19  
DA  "C2'" "H2'"  sing N N 20  
DA  "C2'" "H2''" sing N N 21  
DA  "C1'" N9     sing N N 22  
DA  "C1'" "H1'"  sing N N 23  
DA  N9    C8     sing Y N 24  
DA  N9    C4     sing Y N 25  
DA  C8    N7     doub Y N 26  
DA  C8    H8     sing N N 27  
DA  N7    C5     sing Y N 28  
DA  C5    C6     sing Y N 29  
DA  C5    C4     doub Y N 30  
DA  C6    N6     sing N N 31  
DA  C6    N1     doub Y N 32  
DA  N6    H61    sing N N 33  
DA  N6    H62    sing N N 34  
DA  N1    C2     sing Y N 35  
DA  C2    N3     doub Y N 36  
DA  C2    H2     sing N N 37  
DA  N3    C4     sing Y N 38  
DC  OP3   P      sing N N 39  
DC  OP3   HOP3   sing N N 40  
DC  P     OP1    doub N N 41  
DC  P     OP2    sing N N 42  
DC  P     "O5'"  sing N N 43  
DC  OP2   HOP2   sing N N 44  
DC  "O5'" "C5'"  sing N N 45  
DC  "C5'" "C4'"  sing N N 46  
DC  "C5'" "H5'"  sing N N 47  
DC  "C5'" "H5''" sing N N 48  
DC  "C4'" "O4'"  sing N N 49  
DC  "C4'" "C3'"  sing N N 50  
DC  "C4'" "H4'"  sing N N 51  
DC  "O4'" "C1'"  sing N N 52  
DC  "C3'" "O3'"  sing N N 53  
DC  "C3'" "C2'"  sing N N 54  
DC  "C3'" "H3'"  sing N N 55  
DC  "O3'" "HO3'" sing N N 56  
DC  "C2'" "C1'"  sing N N 57  
DC  "C2'" "H2'"  sing N N 58  
DC  "C2'" "H2''" sing N N 59  
DC  "C1'" N1     sing N N 60  
DC  "C1'" "H1'"  sing N N 61  
DC  N1    C2     sing N N 62  
DC  N1    C6     sing N N 63  
DC  C2    O2     doub N N 64  
DC  C2    N3     sing N N 65  
DC  N3    C4     doub N N 66  
DC  C4    N4     sing N N 67  
DC  C4    C5     sing N N 68  
DC  N4    H41    sing N N 69  
DC  N4    H42    sing N N 70  
DC  C5    C6     doub N N 71  
DC  C5    H5     sing N N 72  
DC  C6    H6     sing N N 73  
DG  OP3   P      sing N N 74  
DG  OP3   HOP3   sing N N 75  
DG  P     OP1    doub N N 76  
DG  P     OP2    sing N N 77  
DG  P     "O5'"  sing N N 78  
DG  OP2   HOP2   sing N N 79  
DG  "O5'" "C5'"  sing N N 80  
DG  "C5'" "C4'"  sing N N 81  
DG  "C5'" "H5'"  sing N N 82  
DG  "C5'" "H5''" sing N N 83  
DG  "C4'" "O4'"  sing N N 84  
DG  "C4'" "C3'"  sing N N 85  
DG  "C4'" "H4'"  sing N N 86  
DG  "O4'" "C1'"  sing N N 87  
DG  "C3'" "O3'"  sing N N 88  
DG  "C3'" "C2'"  sing N N 89  
DG  "C3'" "H3'"  sing N N 90  
DG  "O3'" "HO3'" sing N N 91  
DG  "C2'" "C1'"  sing N N 92  
DG  "C2'" "H2'"  sing N N 93  
DG  "C2'" "H2''" sing N N 94  
DG  "C1'" N9     sing N N 95  
DG  "C1'" "H1'"  sing N N 96  
DG  N9    C8     sing Y N 97  
DG  N9    C4     sing Y N 98  
DG  C8    N7     doub Y N 99  
DG  C8    H8     sing N N 100 
DG  N7    C5     sing Y N 101 
DG  C5    C6     sing N N 102 
DG  C5    C4     doub Y N 103 
DG  C6    O6     doub N N 104 
DG  C6    N1     sing N N 105 
DG  N1    C2     sing N N 106 
DG  N1    H1     sing N N 107 
DG  C2    N2     sing N N 108 
DG  C2    N3     doub N N 109 
DG  N2    H21    sing N N 110 
DG  N2    H22    sing N N 111 
DG  N3    C4     sing N N 112 
DT  OP3   P      sing N N 113 
DT  OP3   HOP3   sing N N 114 
DT  P     OP1    doub N N 115 
DT  P     OP2    sing N N 116 
DT  P     "O5'"  sing N N 117 
DT  OP2   HOP2   sing N N 118 
DT  "O5'" "C5'"  sing N N 119 
DT  "C5'" "C4'"  sing N N 120 
DT  "C5'" "H5'"  sing N N 121 
DT  "C5'" "H5''" sing N N 122 
DT  "C4'" "O4'"  sing N N 123 
DT  "C4'" "C3'"  sing N N 124 
DT  "C4'" "H4'"  sing N N 125 
DT  "O4'" "C1'"  sing N N 126 
DT  "C3'" "O3'"  sing N N 127 
DT  "C3'" "C2'"  sing N N 128 
DT  "C3'" "H3'"  sing N N 129 
DT  "O3'" "HO3'" sing N N 130 
DT  "C2'" "C1'"  sing N N 131 
DT  "C2'" "H2'"  sing N N 132 
DT  "C2'" "H2''" sing N N 133 
DT  "C1'" N1     sing N N 134 
DT  "C1'" "H1'"  sing N N 135 
DT  N1    C2     sing N N 136 
DT  N1    C6     sing N N 137 
DT  C2    O2     doub N N 138 
DT  C2    N3     sing N N 139 
DT  N3    C4     sing N N 140 
DT  N3    H3     sing N N 141 
DT  C4    O4     doub N N 142 
DT  C4    C5     sing N N 143 
DT  C5    C7     sing N N 144 
DT  C5    C6     doub N N 145 
DT  C7    H71    sing N N 146 
DT  C7    H72    sing N N 147 
DT  C7    H73    sing N N 148 
DT  C6    H6     sing N N 149 
F1R CLA   CAI    sing N N 150 
F1R CAN   CAI    doub Y N 151 
F1R CAN   CAM    sing Y N 152 
F1R CAI   CAJ    sing Y N 153 
F1R NAA   CAM    doub Y N 154 
F1R NAA   CAO    sing Y N 155 
F1R CAV   CAO    doub Y N 156 
F1R CAV   CAU    sing Y N 157 
F1R CAM   CAL    sing Y N 158 
F1R CAO   CAP    sing Y N 159 
F1R CAU   CAS    doub Y N 160 
F1R CAJ   CAK    doub Y N 161 
F1R CAL   CAK    sing Y N 162 
F1R CAL   CAQ    doub Y N 163 
F1R CAP   CAQ    sing Y N 164 
F1R CAP   CAR    doub Y N 165 
F1R CAS   CAR    sing Y N 166 
F1R CAS   OAZ    sing N N 167 
F1R CAQ   NAB    sing N N 168 
F1R NAG   CAY    sing N N 169 
F1R OAZ   CAT    sing N N 170 
F1R NAB   CBB    sing N N 171 
F1R CAY   NAH    doub Y N 172 
F1R CAY   NAF    sing Y N 173 
F1R NAH   CAW    sing Y N 174 
F1R NAF   CAX    doub Y N 175 
F1R CBB   CBC    sing N N 176 
F1R CAW   NAC    sing N N 177 
F1R CAW   NAD    doub Y N 178 
F1R CAX   NAD    sing Y N 179 
F1R CAX   NAE    sing N N 180 
F1R CBC   CBD    sing N N 181 
F1R NAE   CBE    sing N N 182 
F1R CBD   CBE    sing N N 183 
F1R CAJ   H1     sing N N 184 
F1R CAK   H2     sing N N 185 
F1R CAN   H3     sing N N 186 
F1R CAR   H4     sing N N 187 
F1R CAT   H5     sing N N 188 
F1R CAT   H6     sing N N 189 
F1R CAT   H7     sing N N 190 
F1R CAU   H8     sing N N 191 
F1R CAV   H9     sing N N 192 
F1R CBB   H10    sing N N 193 
F1R CBB   H11    sing N N 194 
F1R CBC   H12    sing N N 195 
F1R CBC   H13    sing N N 196 
F1R CBD   H14    sing N N 197 
F1R CBD   H15    sing N N 198 
F1R CBE   H16    sing N N 199 
F1R CBE   H17    sing N N 200 
F1R NAB   H18    sing N N 201 
F1R NAC   H19    sing N N 202 
F1R NAC   H20    sing N N 203 
F1R NAE   H21    sing N N 204 
F1R NAG   H22    sing N N 205 
F1R NAG   H23    sing N N 206 
HOH O     H1     sing N N 207 
HOH O     H2     sing N N 208 
# 
_ndb_struct_conf_na.entry_id   6M5J 
_ndb_struct_conf_na.feature    'b-form double helix' 
# 
loop_
_ndb_struct_na_base_pair.model_number 
_ndb_struct_na_base_pair.i_label_asym_id 
_ndb_struct_na_base_pair.i_label_comp_id 
_ndb_struct_na_base_pair.i_label_seq_id 
_ndb_struct_na_base_pair.i_symmetry 
_ndb_struct_na_base_pair.j_label_asym_id 
_ndb_struct_na_base_pair.j_label_comp_id 
_ndb_struct_na_base_pair.j_label_seq_id 
_ndb_struct_na_base_pair.j_symmetry 
_ndb_struct_na_base_pair.shear 
_ndb_struct_na_base_pair.stretch 
_ndb_struct_na_base_pair.stagger 
_ndb_struct_na_base_pair.buckle 
_ndb_struct_na_base_pair.propeller 
_ndb_struct_na_base_pair.opening 
_ndb_struct_na_base_pair.pair_number 
_ndb_struct_na_base_pair.pair_name 
_ndb_struct_na_base_pair.i_auth_asym_id 
_ndb_struct_na_base_pair.i_auth_seq_id 
_ndb_struct_na_base_pair.i_PDB_ins_code 
_ndb_struct_na_base_pair.j_auth_asym_id 
_ndb_struct_na_base_pair.j_auth_seq_id 
_ndb_struct_na_base_pair.j_PDB_ins_code 
_ndb_struct_na_base_pair.hbond_type_28 
_ndb_struct_na_base_pair.hbond_type_12 
1 A DT 1  1_555 C DA 13 1_555 -0.494 0.169  -0.018 3.564  -16.321 0.137  1  A_DT1:DA13_C A 1  ? C 13 ? 20 1 
1 A DT 2  1_555 C DA 12 1_555 -0.181 -0.010 -0.026 -0.333 -23.452 2.888  2  A_DT2:DA12_C A 2  ? C 12 ? 20 1 
1 A DC 3  1_555 C DG 11 1_555 0.096  -0.106 -0.495 9.852  -17.697 4.348  3  A_DC3:DG11_C A 3  ? C 11 ? 19 1 
1 A DG 5  1_555 B DC 6  1_555 0.061  -0.039 -0.132 -6.506 2.872   0.220  4  A_DG5:DC6_B  A 5  ? B 6  ? 19 1 
1 A DC 6  1_555 B DG 5  1_555 -0.169 0.037  0.004  -2.881 3.855   1.935  5  A_DC6:DG5_B  A 6  ? B 5  ? 19 1 
1 A DG 8  1_555 B DC 9  1_555 0.111  -0.541 -0.494 -2.583 -9.730  1.501  6  A_DG8:DC9_B  A 8  ? B 9  ? 19 1 
1 A DC 9  1_555 B DG 8  1_555 0.245  -0.101 0.063  -2.953 -6.122  -3.705 7  A_DC9:DG8_B  A 9  ? B 8  ? 19 1 
1 A DG 11 1_555 C DC 3  1_555 -0.155 -0.247 -0.029 1.367  -18.618 1.271  8  A_DG11:DC3_C A 11 ? C 3  ? 19 1 
1 A DA 12 1_555 C DT 2  1_555 0.145  -0.554 0.192  3.552  -14.629 -8.307 9  A_DA12:DT2_C A 12 ? C 2  ? 20 1 
1 A DA 13 1_555 C DT 1  1_555 0.109  -0.564 0.693  14.062 -10.284 -2.480 10 A_DA13:DT1_C A 13 ? C 1  ? 20 1 
1 B DT 1  1_555 D DA 13 1_555 -0.463 0.531  0.330  1.202  -16.041 4.941  11 B_DT1:DA13_D B 1  ? D 13 ? 20 1 
1 B DT 2  1_555 D DA 12 1_555 -0.110 0.304  -0.130 3.460  -21.313 7.919  12 B_DT2:DA12_D B 2  ? D 12 ? 20 1 
1 B DC 3  1_555 D DG 11 1_555 0.347  -0.075 -0.492 9.267  -16.845 2.563  13 B_DC3:DG11_D B 3  ? D 11 ? 19 1 
1 B DG 11 1_555 D DC 3  1_555 -0.268 -0.193 -0.091 3.131  -15.390 1.084  14 B_DG11:DC3_D B 11 ? D 3  ? 19 1 
1 B DA 12 1_555 D DT 2  1_555 0.105  -0.099 0.280  5.326  -13.710 -5.177 15 B_DA12:DT2_D B 12 ? D 2  ? 20 1 
1 B DA 13 1_555 D DT 1  1_555 -0.530 -0.513 0.828  11.405 -7.525  6.455  16 B_DA13:DT1_D B 13 ? D 1  ? 20 1 
1 C DG 5  1_555 D DC 6  1_555 -0.428 -0.295 -0.453 -9.126 5.320   -4.469 17 C_DG5:DC6_D  C 5  ? D 6  ? 19 1 
1 C DC 6  1_555 D DG 5  1_555 0.434  -0.216 -0.467 1.032  1.805   -2.170 18 C_DC6:DG5_D  C 6  ? D 5  ? 19 1 
1 C DG 8  1_555 D DC 9  1_555 -0.195 -0.065 0.283  4.216  -2.176  -0.520 19 C_DG8:DC9_D  C 8  ? D 9  ? 19 1 
1 C DC 9  1_555 D DG 8  1_555 0.478  0.425  0.604  -2.377 -4.428  -3.290 20 C_DC9:DG8_D  C 9  ? D 8  ? 19 1 
# 
loop_
_ndb_struct_na_base_pair_step.model_number 
_ndb_struct_na_base_pair_step.i_label_asym_id_1 
_ndb_struct_na_base_pair_step.i_label_comp_id_1 
_ndb_struct_na_base_pair_step.i_label_seq_id_1 
_ndb_struct_na_base_pair_step.i_symmetry_1 
_ndb_struct_na_base_pair_step.j_label_asym_id_1 
_ndb_struct_na_base_pair_step.j_label_comp_id_1 
_ndb_struct_na_base_pair_step.j_label_seq_id_1 
_ndb_struct_na_base_pair_step.j_symmetry_1 
_ndb_struct_na_base_pair_step.i_label_asym_id_2 
_ndb_struct_na_base_pair_step.i_label_comp_id_2 
_ndb_struct_na_base_pair_step.i_label_seq_id_2 
_ndb_struct_na_base_pair_step.i_symmetry_2 
_ndb_struct_na_base_pair_step.j_label_asym_id_2 
_ndb_struct_na_base_pair_step.j_label_comp_id_2 
_ndb_struct_na_base_pair_step.j_label_seq_id_2 
_ndb_struct_na_base_pair_step.j_symmetry_2 
_ndb_struct_na_base_pair_step.shift 
_ndb_struct_na_base_pair_step.slide 
_ndb_struct_na_base_pair_step.rise 
_ndb_struct_na_base_pair_step.tilt 
_ndb_struct_na_base_pair_step.roll 
_ndb_struct_na_base_pair_step.twist 
_ndb_struct_na_base_pair_step.x_displacement 
_ndb_struct_na_base_pair_step.y_displacement 
_ndb_struct_na_base_pair_step.helical_rise 
_ndb_struct_na_base_pair_step.inclination 
_ndb_struct_na_base_pair_step.tip 
_ndb_struct_na_base_pair_step.helical_twist 
_ndb_struct_na_base_pair_step.step_number 
_ndb_struct_na_base_pair_step.step_name 
_ndb_struct_na_base_pair_step.i_auth_asym_id_1 
_ndb_struct_na_base_pair_step.i_auth_seq_id_1 
_ndb_struct_na_base_pair_step.i_PDB_ins_code_1 
_ndb_struct_na_base_pair_step.j_auth_asym_id_1 
_ndb_struct_na_base_pair_step.j_auth_seq_id_1 
_ndb_struct_na_base_pair_step.j_PDB_ins_code_1 
_ndb_struct_na_base_pair_step.i_auth_asym_id_2 
_ndb_struct_na_base_pair_step.i_auth_seq_id_2 
_ndb_struct_na_base_pair_step.i_PDB_ins_code_2 
_ndb_struct_na_base_pair_step.j_auth_asym_id_2 
_ndb_struct_na_base_pair_step.j_auth_seq_id_2 
_ndb_struct_na_base_pair_step.j_PDB_ins_code_2 
1 A DT 1  1_555 C DA 13 1_555 A DT 2  1_555 C DA 12 1_555 -0.253 0.177  3.374 1.972  -0.136 36.181 0.304  0.692  3.355 -0.219  
-3.172  36.233 1  AA_DT1DT2:DA12DA13_CC A 1  ? C 13 ? A 2  ? C 12 ? 
1 A DT 2  1_555 C DA 12 1_555 A DC 3  1_555 C DG 11 1_555 0.677  2.106  3.051 9.213  -1.165 45.045 2.794  -0.115 3.073 -1.502  
-11.877 45.943 2  AA_DT2DC3:DG11DA12_CC A 2  ? C 12 ? A 3  ? C 11 ? 
1 A DG 5  1_555 B DC 6  1_555 A DC 6  1_555 B DG 5  1_555 0.160  -0.533 3.322 -0.941 8.110  23.162 -3.731 -0.664 2.958 19.440  
2.257   24.540 3  AA_DG5DC6:DG5DC6_BB   A 5  ? B 6  ? A 6  ? B 5  ? 
1 A DG 8  1_555 B DC 9  1_555 A DC 9  1_555 B DG 8  1_555 -0.198 -1.836 3.399 -3.828 -6.286 44.003 -1.797 -0.118 3.619 -8.320  
5.066   44.584 4  AA_DG8DC9:DG8DC9_BB   A 8  ? B 9  ? A 9  ? B 8  ? 
1 A DG 11 1_555 C DC 3  1_555 A DA 12 1_555 C DT 2  1_555 -0.882 2.040  3.203 -6.067 -8.195 45.865 3.202  0.633  2.906 -10.365 
7.673   46.925 5  AA_DG11DA12:DT2DC3_CC A 11 ? C 3  ? A 12 ? C 2  ? 
1 A DA 12 1_555 C DT 2  1_555 A DA 13 1_555 C DT 1  1_555 0.562  0.160  3.054 -4.974 -0.337 35.056 0.309  -1.598 2.947 -0.556  
8.206   35.398 6  AA_DA12DA13:DT1DT2_CC A 12 ? C 2  ? A 13 ? C 1  ? 
1 B DT 1  1_555 D DA 13 1_555 B DT 2  1_555 D DA 12 1_555 -0.226 0.124  3.114 3.410  0.305  35.862 0.160  0.826  3.081 0.495   
-5.523  36.019 7  BB_DT1DT2:DA12DA13_DD B 1  ? D 13 ? B 2  ? D 12 ? 
1 B DT 2  1_555 D DA 12 1_555 B DC 3  1_555 D DG 11 1_555 0.488  2.079  3.158 8.079  -0.031 43.232 2.781  0.096  3.193 -0.041  
-10.852 43.945 8  BB_DT2DC3:DG11DA12_DD B 2  ? D 12 ? B 3  ? D 11 ? 
1 B DG 11 1_555 D DC 3  1_555 B DA 12 1_555 D DT 2  1_555 -0.669 1.980  3.227 -5.060 -8.618 45.666 3.179  0.445  2.883 -10.950 
6.429   46.690 9  BB_DG11DA12:DT2DC3_DD B 11 ? D 3  ? B 12 ? D 2  ? 
1 B DA 12 1_555 D DT 2  1_555 B DA 13 1_555 D DT 1  1_555 0.693  0.037  3.075 -3.187 -0.824 29.216 0.238  -2.000 2.982 -1.627  
6.294   29.397 10 BB_DA12DA13:DT1DT2_DD B 12 ? D 2  ? B 13 ? D 1  ? 
1 C DG 5  1_555 D DC 6  1_555 C DC 6  1_555 D DG 5  1_555 0.145  -0.540 3.174 -0.137 4.697  25.761 -2.409 -0.355 3.028 10.424  
0.304   26.179 11 CC_DG5DC6:DG5DC6_DD   C 5  ? D 6  ? C 6  ? D 5  ? 
1 C DG 8  1_555 D DC 9  1_555 C DC 9  1_555 D DG 8  1_555 -0.145 -1.427 3.874 -1.027 -5.391 38.707 -1.346 0.066  4.032 -8.084  
1.540   39.079 12 CC_DG8DC9:DG8DC9_DD   C 8  ? D 9  ? C 9  ? D 8  ? 
# 
loop_
_pdbx_entity_instance_feature.ordinal 
_pdbx_entity_instance_feature.comp_id 
_pdbx_entity_instance_feature.asym_id 
_pdbx_entity_instance_feature.seq_num 
_pdbx_entity_instance_feature.auth_comp_id 
_pdbx_entity_instance_feature.auth_asym_id 
_pdbx_entity_instance_feature.auth_seq_num 
_pdbx_entity_instance_feature.feature_type 
_pdbx_entity_instance_feature.details 
1 CO  ? ? CO  ? ? 'SUBJECT OF INVESTIGATION' ? 
2 F1R ? ? F1R ? ? 'SUBJECT OF INVESTIGATION' ? 
# 
loop_
_pdbx_entity_nonpoly.entity_id 
_pdbx_entity_nonpoly.name 
_pdbx_entity_nonpoly.comp_id 
3 'COBALT (II) ION'                                                                       CO  
4 'N4-[4-[(6-chloranyl-2-methoxy-acridin-9-yl)amino]butyl]-1,3,5-triazine-2,4,6-triamine' F1R 
5 water                                                                                   HOH 
# 
_pdbx_initial_refinement_model.id               1 
_pdbx_initial_refinement_model.entity_id_list   ? 
_pdbx_initial_refinement_model.type             'experimental model' 
_pdbx_initial_refinement_model.source_name      PDB 
_pdbx_initial_refinement_model.accession_code   6M4T 
_pdbx_initial_refinement_model.details          ? 
# 
_pdbx_struct_assembly_auth_evidence.id                     1 
_pdbx_struct_assembly_auth_evidence.assembly_id            1 
_pdbx_struct_assembly_auth_evidence.experimental_support   none 
_pdbx_struct_assembly_auth_evidence.details                ? 
# 
